data_2IS6
#
_entry.id   2IS6
#
_cell.length_a   102.336
_cell.length_b   96.609
_cell.length_c   110.930
_cell.angle_alpha   90.00
_cell.angle_beta   94.05
_cell.angle_gamma   90.00
#
_symmetry.space_group_name_H-M   'P 1 21 1'
#
loop_
_entity.id
_entity.type
_entity.pdbx_description
1 polymer "5'-D(*CP*GP*AP*GP*CP*AP*CP*TP*GP*CP*AP*GP*TP*GP*CP*TP*CP*GP*TP*TP*GP*TP*TP*AP*T)-3'"
2 polymer 'DNA helicase II'
3 non-polymer 'MAGNESIUM ION'
4 non-polymer TRIFLUOROMAGNESATE
5 non-polymer "ADENOSINE-5'-DIPHOSPHATE"
6 non-polymer GLYCEROL
7 water water
#
loop_
_entity_poly.entity_id
_entity_poly.type
_entity_poly.pdbx_seq_one_letter_code
_entity_poly.pdbx_strand_id
1 'polydeoxyribonucleotide'
;(DC)(DG)(DA)(DG)(DC)(DA)(DC)(DT)(DG)(DC)(DA)(DG)(DT)(DG)(DC)(DT)(DC)(DG)(DT)(DT)
(DG)(DT)(DT)(DA)(DT)
;
C,D
2 'polypeptide(L)'
;MDVSYLLDSLNDKQREAVAAPRSNLLVLAGAGSGKTRVLVHRIAWLMSVENCSPYSIMAVTFTNKAAAEMRHRIGQLMGT
SQGGMWVGTFHGLAHRLLRAHHMDANLPQDFQILDSEDQLRLLKRLIKAMNLDEKQWPPRQAMWYINSQKDEGLRPHHIQ
SYGNPVEQTWQKVYQAYQEACDRAGLVDFAELLLRAHELWLNKPHILQHYRERFTNILVDEFQDTNNIQYAWIRLLAGDT
GKVMIVGDDDQSIYGWRGAQVENIQRFLNDFPGAETIRLEQNYRSTSNILSAANALIENNNGRLGKKLWTDGADGEPISL
YCAFNELDEARFVVNRIKTWQDNGGALAECAILYRSNAQSRVLEEALLQASMPYRIYGGMRFFERQEIKDALSYLRLIVN
RNDDAAFERVVNTPTRGIGDRTLDVVRQTSRDRQLTLWQACRELLQEKALAGRAASALQRFMELIDALAQETADMPLHVQ
TDRVIKDSGLRTMYEQEKGEKGQTRIENLEELVTATRQFSYNEEDEDLMPLQAFLSHAALEAGEGQADTWQDAVQLMTLH
SAKGLEFPQVFIVGMEEGMFPSQMSLDEGGRLEEERRLAYVGVTRAMQKLTLTYAETRRLYGKEVYHRPSRFIGELPEEC
VEEVRLRATVSRPVSHQRMGTPMVENDSGYKLGQRVRHAK
;
A,B
#
loop_
_chem_comp.id
_chem_comp.type
_chem_comp.name
_chem_comp.formula
ADP non-polymer ADENOSINE-5'-DIPHOSPHATE 'C10 H15 N5 O10 P2'
DA DNA linking 2'-DEOXYADENOSINE-5'-MONOPHOSPHATE 'C10 H14 N5 O6 P'
DC DNA linking 2'-DEOXYCYTIDINE-5'-MONOPHOSPHATE 'C9 H14 N3 O7 P'
DG DNA linking 2'-DEOXYGUANOSINE-5'-MONOPHOSPHATE 'C10 H14 N5 O7 P'
DT DNA linking THYMIDINE-5'-MONOPHOSPHATE 'C10 H15 N2 O8 P'
GOL non-polymer GLYCEROL 'C3 H8 O3'
MG non-polymer 'MAGNESIUM ION' 'Mg 2'
MGF non-polymer TRIFLUOROMAGNESATE 'F3 Mg -1'
#
# COMPACT_ATOMS: atom_id res chain seq x y z
N MET C 1 30.45 -24.74 -61.28
CA MET C 1 31.81 -25.23 -61.60
C MET C 1 32.45 -24.48 -62.78
N ASP C 2 31.91 -24.71 -63.98
CA ASP C 2 32.41 -24.08 -65.20
C ASP C 2 32.80 -22.62 -64.99
N VAL C 3 34.11 -22.36 -64.93
CA VAL C 3 34.60 -21.00 -64.74
C VAL C 3 33.82 -20.04 -65.62
N SER C 4 33.41 -20.53 -66.78
CA SER C 4 32.66 -19.73 -67.74
C SER C 4 31.41 -19.08 -67.18
N TYR C 5 30.64 -19.82 -66.39
CA TYR C 5 29.41 -19.26 -65.83
C TYR C 5 29.72 -18.25 -64.71
N LEU C 6 30.94 -18.26 -64.21
CA LEU C 6 31.35 -17.35 -63.15
C LEU C 6 31.78 -15.97 -63.63
N LEU C 7 32.22 -15.87 -64.88
CA LEU C 7 32.71 -14.62 -65.42
C LEU C 7 31.86 -13.94 -66.49
N ASP C 8 30.90 -14.67 -67.06
CA ASP C 8 30.07 -14.13 -68.14
C ASP C 8 29.58 -12.69 -68.05
N SER C 9 28.90 -12.32 -66.96
CA SER C 9 28.36 -10.98 -66.83
C SER C 9 29.37 -9.90 -66.43
N LEU C 10 30.42 -10.31 -65.72
CA LEU C 10 31.43 -9.39 -65.22
C LEU C 10 32.11 -8.50 -66.26
N ASN C 11 32.40 -7.25 -65.86
CA ASN C 11 33.09 -6.33 -66.75
C ASN C 11 34.59 -6.42 -66.44
N ASP C 12 35.39 -5.62 -67.14
CA ASP C 12 36.83 -5.62 -66.99
C ASP C 12 37.34 -5.65 -65.56
N LYS C 13 36.97 -4.66 -64.76
CA LYS C 13 37.45 -4.62 -63.40
C LYS C 13 36.91 -5.71 -62.50
N GLN C 14 35.65 -6.08 -62.71
CA GLN C 14 35.06 -7.14 -61.91
C GLN C 14 35.78 -8.47 -62.18
N ARG C 15 36.03 -8.78 -63.44
CA ARG C 15 36.74 -10.02 -63.81
C ARG C 15 38.13 -10.04 -63.19
N GLU C 16 38.82 -8.91 -63.27
CA GLU C 16 40.15 -8.82 -62.70
C GLU C 16 40.14 -9.21 -61.23
N ALA C 17 39.14 -8.73 -60.51
CA ALA C 17 39.03 -9.03 -59.08
C ALA C 17 38.65 -10.49 -58.81
N VAL C 18 37.64 -10.98 -59.53
CA VAL C 18 37.18 -12.34 -59.36
C VAL C 18 38.20 -13.41 -59.79
N ALA C 19 38.84 -13.19 -60.93
CA ALA C 19 39.81 -14.14 -61.48
C ALA C 19 41.26 -13.78 -61.15
N ALA C 20 41.47 -13.22 -59.97
CA ALA C 20 42.82 -12.83 -59.58
C ALA C 20 43.53 -13.90 -58.77
N PRO C 21 44.87 -13.82 -58.69
CA PRO C 21 45.64 -14.81 -57.91
C PRO C 21 45.21 -14.63 -56.46
N ARG C 22 45.41 -15.64 -55.61
CA ARG C 22 45.06 -15.50 -54.21
C ARG C 22 46.02 -14.48 -53.59
N SER C 23 45.46 -13.41 -53.04
CA SER C 23 46.26 -12.39 -52.41
C SER C 23 45.35 -11.37 -51.73
N ASN C 24 45.95 -10.50 -50.91
CA ASN C 24 45.18 -9.49 -50.22
C ASN C 24 44.77 -8.42 -51.22
N LEU C 25 43.46 -8.27 -51.38
CA LEU C 25 42.92 -7.31 -52.32
C LEU C 25 41.79 -6.44 -51.76
N LEU C 26 41.76 -5.19 -52.21
CA LEU C 26 40.75 -4.21 -51.83
C LEU C 26 40.00 -3.83 -53.10
N VAL C 27 38.69 -4.02 -53.09
CA VAL C 27 37.85 -3.64 -54.22
C VAL C 27 37.13 -2.38 -53.70
N LEU C 28 37.56 -1.23 -54.22
CA LEU C 28 37.00 0.05 -53.80
C LEU C 28 36.17 0.64 -54.93
N ALA C 29 34.90 0.94 -54.64
CA ALA C 29 34.01 1.50 -55.64
C ALA C 29 32.72 2.06 -55.06
N GLY C 30 32.12 3.00 -55.79
CA GLY C 30 30.88 3.62 -55.37
C GLY C 30 29.75 2.61 -55.35
N ALA C 31 28.61 3.04 -54.82
CA ALA C 31 27.44 2.17 -54.69
C ALA C 31 26.97 1.55 -56.00
N GLY C 32 26.48 0.32 -55.90
CA GLY C 32 25.94 -0.38 -57.04
C GLY C 32 26.86 -0.67 -58.22
N SER C 33 28.15 -0.84 -57.95
CA SER C 33 29.11 -1.13 -59.01
C SER C 33 29.39 -2.63 -59.08
N GLY C 34 28.70 -3.39 -58.24
CA GLY C 34 28.86 -4.83 -58.24
C GLY C 34 29.91 -5.40 -57.30
N LYS C 35 30.24 -4.67 -56.23
CA LYS C 35 31.23 -5.16 -55.27
C LYS C 35 30.77 -6.45 -54.60
N THR C 36 29.51 -6.49 -54.17
CA THR C 36 28.99 -7.69 -53.51
C THR C 36 28.94 -8.83 -54.53
N ARG C 37 28.65 -8.49 -55.78
CA ARG C 37 28.60 -9.50 -56.85
C ARG C 37 30.01 -10.11 -56.97
N VAL C 38 31.02 -9.24 -56.99
CA VAL C 38 32.42 -9.64 -57.08
C VAL C 38 32.79 -10.55 -55.92
N LEU C 39 32.36 -10.19 -54.72
CA LEU C 39 32.66 -10.97 -53.53
C LEU C 39 32.09 -12.39 -53.64
N VAL C 40 30.81 -12.51 -53.97
CA VAL C 40 30.19 -13.82 -54.07
C VAL C 40 30.82 -14.68 -55.17
N HIS C 41 31.05 -14.10 -56.35
CA HIS C 41 31.67 -14.86 -57.42
C HIS C 41 33.12 -15.22 -57.09
N ARG C 42 33.78 -14.39 -56.28
CA ARG C 42 35.16 -14.67 -55.90
C ARG C 42 35.16 -15.98 -55.10
N ILE C 43 34.16 -16.14 -54.22
CA ILE C 43 34.05 -17.35 -53.41
C ILE C 43 33.89 -18.55 -54.35
N ALA C 44 33.05 -18.40 -55.36
CA ALA C 44 32.83 -19.48 -56.31
C ALA C 44 34.14 -19.77 -57.04
N TRP C 45 34.86 -18.72 -57.43
CA TRP C 45 36.14 -18.90 -58.13
C TRP C 45 37.18 -19.59 -57.25
N LEU C 46 37.26 -19.22 -55.98
CA LEU C 46 38.22 -19.84 -55.08
C LEU C 46 37.96 -21.35 -54.97
N MET C 47 36.71 -21.75 -55.00
CA MET C 47 36.35 -23.15 -54.89
C MET C 47 36.51 -24.00 -56.15
N SER C 48 36.27 -23.43 -57.33
CA SER C 48 36.37 -24.20 -58.56
C SER C 48 37.74 -24.12 -59.23
N VAL C 49 38.32 -22.92 -59.27
CA VAL C 49 39.62 -22.74 -59.92
C VAL C 49 40.79 -22.99 -58.98
N GLU C 50 40.77 -22.39 -57.80
CA GLU C 50 41.86 -22.57 -56.84
C GLU C 50 41.61 -23.79 -55.96
N ASN C 51 40.53 -24.50 -56.26
CA ASN C 51 40.15 -25.71 -55.51
C ASN C 51 40.21 -25.58 -53.99
N CYS C 52 39.86 -24.41 -53.49
CA CYS C 52 39.86 -24.20 -52.04
C CYS C 52 38.63 -24.88 -51.47
N SER C 53 38.76 -25.40 -50.25
CA SER C 53 37.66 -26.07 -49.60
C SER C 53 36.66 -25.07 -49.08
N PRO C 54 35.36 -25.41 -49.13
CA PRO C 54 34.34 -24.48 -48.64
C PRO C 54 34.66 -24.11 -47.20
N TYR C 55 35.24 -25.07 -46.46
CA TYR C 55 35.60 -24.89 -45.05
C TYR C 55 36.70 -23.86 -44.79
N SER C 56 37.39 -23.42 -45.83
CA SER C 56 38.46 -22.45 -45.64
C SER C 56 37.99 -21.04 -45.94
N ILE C 57 36.67 -20.87 -46.13
CA ILE C 57 36.13 -19.57 -46.48
C ILE C 57 35.29 -18.88 -45.42
N MET C 58 35.62 -17.63 -45.14
CA MET C 58 34.86 -16.84 -44.17
C MET C 58 34.39 -15.56 -44.86
N ALA C 59 33.07 -15.37 -44.91
CA ALA C 59 32.50 -14.16 -45.51
C ALA C 59 31.83 -13.46 -44.36
N VAL C 60 32.27 -12.24 -44.08
CA VAL C 60 31.72 -11.52 -42.94
C VAL C 60 31.44 -10.05 -43.22
N THR C 61 30.57 -9.47 -42.39
CA THR C 61 30.23 -8.06 -42.50
C THR C 61 29.52 -7.66 -41.21
N PHE C 62 29.24 -6.37 -41.05
CA PHE C 62 28.62 -5.85 -39.83
C PHE C 62 27.11 -6.05 -39.61
N THR C 63 26.28 -5.58 -40.54
CA THR C 63 24.83 -5.69 -40.39
C THR C 63 24.18 -7.00 -40.81
N ASN C 64 23.09 -7.35 -40.13
CA ASN C 64 22.33 -8.55 -40.44
C ASN C 64 21.79 -8.51 -41.87
N LYS C 65 21.34 -7.34 -42.32
CA LYS C 65 20.83 -7.17 -43.68
C LYS C 65 21.87 -7.49 -44.75
N ALA C 66 23.04 -6.88 -44.64
CA ALA C 66 24.09 -7.11 -45.63
C ALA C 66 24.58 -8.56 -45.59
N ALA C 67 24.64 -9.13 -44.39
CA ALA C 67 25.08 -10.52 -44.29
C ALA C 67 24.06 -11.41 -45.00
N ALA C 68 22.78 -11.10 -44.80
CA ALA C 68 21.70 -11.86 -45.42
C ALA C 68 21.78 -11.74 -46.92
N GLU C 69 22.20 -10.56 -47.40
CA GLU C 69 22.32 -10.32 -48.83
C GLU C 69 23.44 -11.20 -49.40
N MET C 70 24.56 -11.28 -48.70
CA MET C 70 25.68 -12.11 -49.14
C MET C 70 25.22 -13.56 -49.23
N ARG C 71 24.66 -14.02 -48.13
CA ARG C 71 24.16 -15.38 -47.98
C ARG C 71 23.18 -15.73 -49.08
N HIS C 72 22.23 -14.84 -49.35
CA HIS C 72 21.25 -15.10 -50.39
C HIS C 72 21.92 -15.26 -51.76
N ARG C 73 22.80 -14.32 -52.11
CA ARG C 73 23.45 -14.42 -53.41
C ARG C 73 24.36 -15.64 -53.50
N ILE C 74 25.00 -15.99 -52.39
CA ILE C 74 25.87 -17.15 -52.38
C ILE C 74 25.06 -18.43 -52.62
N GLY C 75 23.83 -18.45 -52.11
CA GLY C 75 22.98 -19.60 -52.29
C GLY C 75 22.54 -19.74 -53.73
N GLN C 76 22.20 -18.62 -54.37
CA GLN C 76 21.76 -18.63 -55.75
C GLN C 76 22.84 -18.99 -56.77
N LEU C 77 24.09 -18.65 -56.47
CA LEU C 77 25.16 -18.93 -57.43
C LEU C 77 25.78 -20.32 -57.28
N MET C 78 26.04 -20.71 -56.04
CA MET C 78 26.67 -22.01 -55.78
C MET C 78 25.69 -23.03 -55.22
N GLY C 79 24.41 -22.63 -55.12
CA GLY C 79 23.42 -23.52 -54.58
C GLY C 79 23.57 -23.56 -53.07
N THR C 80 22.56 -24.07 -52.38
CA THR C 80 22.64 -24.15 -50.92
C THR C 80 23.78 -25.09 -50.53
N SER C 81 24.45 -25.64 -51.55
CA SER C 81 25.58 -26.55 -51.38
C SER C 81 26.83 -25.75 -51.02
N GLN C 82 26.91 -25.32 -49.77
CA GLN C 82 28.03 -24.52 -49.30
C GLN C 82 28.45 -24.89 -47.87
N GLY C 83 28.08 -26.10 -47.46
CA GLY C 83 28.42 -26.56 -46.12
C GLY C 83 29.89 -26.36 -45.78
N GLY C 84 30.16 -26.06 -44.52
CA GLY C 84 31.53 -25.83 -44.08
C GLY C 84 31.93 -24.37 -44.16
N MET C 85 31.18 -23.60 -44.93
CA MET C 85 31.45 -22.18 -45.12
C MET C 85 30.81 -21.32 -44.03
N TRP C 86 31.58 -20.38 -43.47
CA TRP C 86 31.05 -19.48 -42.45
C TRP C 86 30.66 -18.15 -43.10
N VAL C 87 29.38 -17.82 -42.99
CA VAL C 87 28.86 -16.57 -43.55
C VAL C 87 27.98 -15.90 -42.51
N GLY C 88 28.37 -14.71 -42.07
CA GLY C 88 27.58 -14.02 -41.06
C GLY C 88 28.14 -12.67 -40.67
N THR C 89 27.67 -12.16 -39.53
CA THR C 89 28.10 -10.86 -39.04
C THR C 89 29.26 -11.01 -38.05
N PHE C 90 30.00 -9.93 -37.81
CA PHE C 90 31.10 -9.98 -36.85
C PHE C 90 30.59 -10.44 -35.51
N HIS C 91 29.43 -9.94 -35.09
CA HIS C 91 28.88 -10.34 -33.81
C HIS C 91 28.49 -11.82 -33.82
N GLY C 92 27.83 -12.24 -34.90
CA GLY C 92 27.41 -13.63 -35.03
C GLY C 92 28.56 -14.62 -34.99
N LEU C 93 29.59 -14.38 -35.80
CA LEU C 93 30.72 -15.29 -35.82
C LEU C 93 31.48 -15.24 -34.48
N ALA C 94 31.51 -14.08 -33.85
CA ALA C 94 32.19 -13.95 -32.57
C ALA C 94 31.44 -14.83 -31.57
N HIS C 95 30.12 -14.70 -31.56
CA HIS C 95 29.28 -15.46 -30.65
C HIS C 95 29.57 -16.95 -30.86
N ARG C 96 29.60 -17.36 -32.12
CA ARG C 96 29.86 -18.74 -32.51
C ARG C 96 31.20 -19.23 -31.92
N LEU C 97 32.25 -18.44 -32.10
CA LEU C 97 33.56 -18.80 -31.60
C LEU C 97 33.56 -18.93 -30.09
N LEU C 98 32.82 -18.03 -29.44
CA LEU C 98 32.73 -18.01 -27.98
C LEU C 98 31.98 -19.21 -27.43
N ARG C 99 30.90 -19.63 -28.09
CA ARG C 99 30.12 -20.79 -27.64
C ARG C 99 30.98 -22.06 -27.75
N ALA C 100 31.74 -22.13 -28.84
CA ALA C 100 32.59 -23.28 -29.11
C ALA C 100 33.84 -23.38 -28.22
N HIS C 101 34.26 -22.26 -27.64
CA HIS C 101 35.45 -22.26 -26.79
C HIS C 101 35.16 -21.48 -25.52
N HIS C 102 33.96 -21.62 -24.98
CA HIS C 102 33.61 -20.87 -23.78
C HIS C 102 34.59 -21.01 -22.63
N MET C 103 35.11 -22.23 -22.42
CA MET C 103 36.03 -22.47 -21.32
C MET C 103 37.32 -21.64 -21.46
N ASP C 104 37.89 -21.60 -22.65
CA ASP C 104 39.10 -20.83 -22.89
C ASP C 104 38.77 -19.34 -22.82
N ALA C 105 37.52 -19.00 -23.13
CA ALA C 105 37.08 -17.62 -23.11
C ALA C 105 36.63 -17.21 -21.71
N ASN C 106 36.73 -18.15 -20.77
CA ASN C 106 36.36 -17.91 -19.39
C ASN C 106 34.88 -17.56 -19.24
N LEU C 107 34.04 -18.25 -20.00
CA LEU C 107 32.60 -18.01 -19.96
C LEU C 107 31.80 -19.31 -19.83
N PRO C 108 30.63 -19.24 -19.17
CA PRO C 108 29.82 -20.46 -19.03
C PRO C 108 29.26 -20.74 -20.43
N GLN C 109 29.12 -22.00 -20.79
CA GLN C 109 28.62 -22.35 -22.11
C GLN C 109 27.25 -21.76 -22.44
N ASP C 110 26.42 -21.57 -21.42
CA ASP C 110 25.09 -21.03 -21.63
C ASP C 110 24.98 -19.55 -21.29
N PHE C 111 26.06 -18.80 -21.48
CA PHE C 111 26.04 -17.38 -21.18
C PHE C 111 24.91 -16.71 -21.97
N GLN C 112 24.40 -15.62 -21.43
CA GLN C 112 23.31 -14.89 -22.05
C GLN C 112 23.79 -13.55 -22.60
N ILE C 113 23.29 -13.19 -23.78
CA ILE C 113 23.66 -11.92 -24.39
C ILE C 113 22.80 -10.81 -23.80
N LEU C 114 23.45 -9.68 -23.50
CA LEU C 114 22.78 -8.53 -22.91
C LEU C 114 22.53 -7.51 -24.00
N ASP C 115 21.27 -7.19 -24.28
CA ASP C 115 20.99 -6.21 -25.31
C ASP C 115 21.06 -4.80 -24.73
N SER C 116 20.72 -3.80 -25.53
CA SER C 116 20.79 -2.41 -25.05
C SER C 116 19.87 -2.06 -23.88
N GLU C 117 18.61 -2.49 -23.94
CA GLU C 117 17.69 -2.20 -22.85
C GLU C 117 18.20 -2.84 -21.55
N ASP C 118 18.58 -4.11 -21.62
CA ASP C 118 19.08 -4.82 -20.45
C ASP C 118 20.35 -4.17 -19.91
N GLN C 119 21.23 -3.75 -20.82
CA GLN C 119 22.49 -3.14 -20.41
C GLN C 119 22.23 -1.80 -19.72
N LEU C 120 21.25 -1.06 -20.23
CA LEU C 120 20.91 0.24 -19.66
C LEU C 120 20.25 0.09 -18.29
N ARG C 121 19.47 -0.98 -18.13
CA ARG C 121 18.80 -1.19 -16.85
C ARG C 121 19.80 -1.63 -15.80
N LEU C 122 20.74 -2.49 -16.18
CA LEU C 122 21.76 -2.95 -15.25
C LEU C 122 22.57 -1.75 -14.79
N LEU C 123 22.93 -0.89 -15.74
CA LEU C 123 23.72 0.30 -15.45
C LEU C 123 22.96 1.28 -14.55
N LYS C 124 21.65 1.36 -14.74
CA LYS C 124 20.83 2.25 -13.92
C LYS C 124 20.77 1.73 -12.49
N ARG C 125 20.94 0.42 -12.33
CA ARG C 125 20.92 -0.22 -11.02
C ARG C 125 22.28 -0.10 -10.34
N LEU C 126 23.34 -0.41 -11.09
CA LEU C 126 24.69 -0.32 -10.56
C LEU C 126 25.01 1.09 -10.08
N ILE C 127 24.71 2.08 -10.90
CA ILE C 127 24.97 3.47 -10.56
C ILE C 127 24.24 3.86 -9.26
N LYS C 128 22.97 3.50 -9.17
CA LYS C 128 22.20 3.82 -7.98
C LYS C 128 22.77 3.09 -6.78
N ALA C 129 23.23 1.86 -7.00
CA ALA C 129 23.80 1.04 -5.94
C ALA C 129 25.14 1.57 -5.47
N MET C 130 25.77 2.40 -6.30
CA MET C 130 27.06 2.99 -5.98
C MET C 130 26.84 4.34 -5.29
N ASN C 131 25.57 4.66 -5.06
CA ASN C 131 25.16 5.91 -4.40
C ASN C 131 25.22 7.11 -5.32
N LEU C 132 25.74 6.92 -6.53
CA LEU C 132 25.86 8.02 -7.50
C LEU C 132 24.51 8.64 -7.83
N ASP C 133 24.48 9.95 -7.94
CA ASP C 133 23.25 10.66 -8.25
C ASP C 133 22.79 10.33 -9.67
N GLU C 134 21.51 10.08 -9.83
CA GLU C 134 20.92 9.74 -11.12
C GLU C 134 21.20 10.84 -12.15
N LYS C 135 20.46 11.93 -12.05
CA LYS C 135 20.59 13.06 -12.97
C LYS C 135 22.02 13.57 -13.11
N GLN C 136 22.89 13.19 -12.19
CA GLN C 136 24.27 13.63 -12.24
C GLN C 136 25.09 12.73 -13.16
N TRP C 137 24.93 11.43 -13.03
CA TRP C 137 25.66 10.47 -13.86
C TRP C 137 24.69 9.59 -14.63
N PRO C 138 24.19 10.08 -15.77
CA PRO C 138 23.25 9.33 -16.61
C PRO C 138 23.72 7.92 -16.98
N PRO C 139 22.85 6.91 -16.80
CA PRO C 139 23.18 5.53 -17.14
C PRO C 139 23.45 5.43 -18.64
N ARG C 140 22.74 6.27 -19.40
CA ARG C 140 22.90 6.31 -20.86
C ARG C 140 24.34 6.69 -21.16
N GLN C 141 24.82 7.73 -20.48
CA GLN C 141 26.19 8.21 -20.67
C GLN C 141 27.18 7.14 -20.22
N ALA C 142 26.85 6.41 -19.17
CA ALA C 142 27.72 5.35 -18.68
C ALA C 142 27.80 4.25 -19.75
N MET C 143 26.66 4.00 -20.40
CA MET C 143 26.58 2.98 -21.44
C MET C 143 27.48 3.37 -22.61
N TRP C 144 27.35 4.62 -23.07
CA TRP C 144 28.16 5.09 -24.18
C TRP C 144 29.64 4.91 -23.84
N TYR C 145 30.01 5.36 -22.65
CA TYR C 145 31.38 5.28 -22.16
C TYR C 145 31.90 3.85 -22.20
N ILE C 146 31.19 2.94 -21.54
CA ILE C 146 31.59 1.54 -21.51
C ILE C 146 31.70 0.93 -22.90
N ASN C 147 30.67 1.10 -23.73
CA ASN C 147 30.70 0.53 -25.06
C ASN C 147 31.82 1.13 -25.93
N SER C 148 32.07 2.42 -25.78
CA SER C 148 33.12 3.06 -26.55
C SER C 148 34.47 2.46 -26.18
N GLN C 149 34.66 2.17 -24.89
CA GLN C 149 35.90 1.57 -24.41
C GLN C 149 36.09 0.22 -25.09
N LYS C 150 35.02 -0.59 -25.08
CA LYS C 150 35.10 -1.91 -25.69
C LYS C 150 35.26 -1.83 -27.20
N ASP C 151 34.76 -0.76 -27.83
CA ASP C 151 34.93 -0.61 -29.28
C ASP C 151 36.42 -0.46 -29.57
N GLU C 152 37.17 0.00 -28.57
CA GLU C 152 38.62 0.20 -28.75
C GLU C 152 39.46 -0.85 -28.05
N GLY C 153 38.84 -1.95 -27.65
CA GLY C 153 39.55 -3.03 -26.99
C GLY C 153 40.18 -2.64 -25.67
N LEU C 154 39.54 -1.74 -24.92
CA LEU C 154 40.07 -1.29 -23.65
C LEU C 154 39.29 -1.76 -22.44
N ARG C 155 39.98 -2.43 -21.52
CA ARG C 155 39.36 -2.93 -20.29
C ARG C 155 39.62 -1.91 -19.18
N PRO C 156 39.02 -2.12 -18.01
CA PRO C 156 39.22 -1.18 -16.89
C PRO C 156 40.68 -0.93 -16.51
N HIS C 157 41.52 -1.96 -16.57
CA HIS C 157 42.91 -1.79 -16.20
C HIS C 157 43.73 -1.04 -17.26
N HIS C 158 43.50 -1.35 -18.54
CA HIS C 158 44.22 -0.69 -19.62
C HIS C 158 44.14 0.83 -19.49
N ILE C 159 43.19 1.31 -18.71
CA ILE C 159 42.98 2.74 -18.56
C ILE C 159 42.96 3.24 -17.11
N GLN C 160 43.56 4.41 -16.91
CA GLN C 160 43.62 5.04 -15.59
C GLN C 160 43.31 6.52 -15.74
N SER C 161 42.64 7.08 -14.76
CA SER C 161 42.30 8.49 -14.80
C SER C 161 43.40 9.25 -14.06
N TYR C 162 43.53 10.54 -14.37
CA TYR C 162 44.51 11.36 -13.71
C TYR C 162 43.74 12.47 -13.03
N GLY C 163 43.02 12.08 -11.99
CA GLY C 163 42.21 13.03 -11.25
C GLY C 163 40.81 13.09 -11.83
N ASN C 164 40.73 13.60 -13.06
CA ASN C 164 39.47 13.74 -13.80
C ASN C 164 38.33 12.98 -13.12
N PRO C 165 37.53 13.69 -12.30
CA PRO C 165 36.40 13.08 -11.59
C PRO C 165 35.50 12.21 -12.47
N VAL C 166 34.85 12.84 -13.45
CA VAL C 166 33.97 12.12 -14.36
C VAL C 166 34.62 10.88 -14.96
N GLU C 167 35.89 11.00 -15.37
CA GLU C 167 36.61 9.88 -15.97
C GLU C 167 36.87 8.76 -14.97
N GLN C 168 37.35 9.12 -13.78
CA GLN C 168 37.65 8.15 -12.73
C GLN C 168 36.41 7.42 -12.21
N THR C 169 35.27 8.10 -12.16
CA THR C 169 34.04 7.49 -11.69
C THR C 169 33.42 6.60 -12.77
N TRP C 170 33.44 7.06 -14.03
CA TRP C 170 32.91 6.24 -15.12
C TRP C 170 33.75 4.98 -15.12
N GLN C 171 35.00 5.13 -14.73
CA GLN C 171 35.93 4.01 -14.68
C GLN C 171 35.48 3.01 -13.62
N LYS C 172 35.01 3.51 -12.49
CA LYS C 172 34.55 2.64 -11.42
C LYS C 172 33.27 1.91 -11.85
N VAL C 173 32.37 2.65 -12.48
CA VAL C 173 31.12 2.09 -12.97
C VAL C 173 31.43 0.94 -13.94
N TYR C 174 32.42 1.16 -14.80
CA TYR C 174 32.83 0.16 -15.77
C TYR C 174 33.37 -1.09 -15.08
N GLN C 175 34.12 -0.90 -13.99
CA GLN C 175 34.68 -2.02 -13.24
C GLN C 175 33.54 -2.84 -12.65
N ALA C 176 32.66 -2.15 -11.93
CA ALA C 176 31.52 -2.79 -11.30
C ALA C 176 30.64 -3.43 -12.36
N TYR C 177 30.46 -2.75 -13.49
CA TYR C 177 29.65 -3.27 -14.58
C TYR C 177 30.21 -4.60 -15.07
N GLN C 178 31.52 -4.68 -15.30
CA GLN C 178 32.13 -5.91 -15.76
C GLN C 178 32.00 -7.01 -14.72
N GLU C 179 32.18 -6.65 -13.45
CA GLU C 179 32.08 -7.61 -12.36
C GLU C 179 30.68 -8.22 -12.32
N ALA C 180 29.66 -7.38 -12.36
CA ALA C 180 28.28 -7.85 -12.32
C ALA C 180 28.00 -8.79 -13.48
N CYS C 181 28.44 -8.40 -14.68
CA CYS C 181 28.23 -9.20 -15.88
C CYS C 181 28.90 -10.56 -15.85
N ASP C 182 30.19 -10.59 -15.54
CA ASP C 182 30.91 -11.85 -15.48
C ASP C 182 30.31 -12.76 -14.41
N ARG C 183 30.00 -12.17 -13.26
CA ARG C 183 29.44 -12.89 -12.14
C ARG C 183 28.05 -13.45 -12.45
N ALA C 184 27.31 -12.74 -13.31
CA ALA C 184 25.97 -13.15 -13.68
C ALA C 184 25.95 -13.97 -14.97
N GLY C 185 27.10 -14.11 -15.61
CA GLY C 185 27.20 -14.87 -16.85
C GLY C 185 26.60 -14.11 -18.03
N LEU C 186 26.62 -12.78 -17.95
CA LEU C 186 26.07 -11.91 -18.98
C LEU C 186 27.15 -11.37 -19.94
N VAL C 187 26.78 -11.20 -21.20
CA VAL C 187 27.71 -10.71 -22.22
C VAL C 187 27.03 -9.69 -23.14
N ASP C 188 27.51 -8.45 -23.14
CA ASP C 188 26.91 -7.46 -24.00
C ASP C 188 27.49 -7.56 -25.41
N PHE C 189 26.83 -6.92 -26.37
CA PHE C 189 27.28 -6.95 -27.76
C PHE C 189 28.75 -6.66 -27.95
N ALA C 190 29.25 -5.59 -27.33
CA ALA C 190 30.66 -5.23 -27.46
C ALA C 190 31.58 -6.29 -26.84
N GLU C 191 31.12 -6.92 -25.76
CA GLU C 191 31.89 -7.96 -25.09
C GLU C 191 32.14 -9.15 -26.04
N LEU C 192 31.15 -9.49 -26.86
CA LEU C 192 31.29 -10.60 -27.80
C LEU C 192 32.52 -10.41 -28.66
N LEU C 193 32.62 -9.24 -29.27
CA LEU C 193 33.74 -8.92 -30.14
C LEU C 193 35.07 -8.87 -29.40
N LEU C 194 35.09 -8.22 -28.25
CA LEU C 194 36.33 -8.11 -27.49
C LEU C 194 36.80 -9.45 -26.94
N ARG C 195 35.89 -10.19 -26.32
CA ARG C 195 36.23 -11.49 -25.76
C ARG C 195 36.77 -12.41 -26.85
N ALA C 196 36.10 -12.38 -28.00
CA ALA C 196 36.49 -13.21 -29.13
C ALA C 196 37.90 -12.87 -29.56
N HIS C 197 38.25 -11.59 -29.54
CA HIS C 197 39.60 -11.19 -29.94
C HIS C 197 40.60 -11.64 -28.87
N GLU C 198 40.26 -11.43 -27.60
CA GLU C 198 41.15 -11.84 -26.53
C GLU C 198 41.40 -13.35 -26.60
N LEU C 199 40.37 -14.09 -27.01
CA LEU C 199 40.47 -15.53 -27.16
C LEU C 199 41.70 -15.92 -27.98
N TRP C 200 41.86 -15.32 -29.15
CA TRP C 200 43.00 -15.64 -30.00
C TRP C 200 44.33 -15.06 -29.53
N LEU C 201 44.27 -14.09 -28.63
CA LEU C 201 45.49 -13.51 -28.10
C LEU C 201 46.02 -14.39 -26.98
N ASN C 202 45.11 -14.94 -26.18
CA ASN C 202 45.49 -15.79 -25.05
C ASN C 202 45.63 -17.27 -25.38
N LYS C 203 45.02 -17.72 -26.47
CA LYS C 203 45.07 -19.12 -26.86
C LYS C 203 45.66 -19.32 -28.24
N PRO C 204 46.99 -19.27 -28.35
CA PRO C 204 47.71 -19.45 -29.61
C PRO C 204 47.29 -20.68 -30.40
N HIS C 205 47.06 -21.79 -29.70
CA HIS C 205 46.67 -23.01 -30.39
C HIS C 205 45.31 -22.87 -31.04
N ILE C 206 44.37 -22.22 -30.35
CA ILE C 206 43.04 -22.02 -30.91
C ILE C 206 43.18 -21.18 -32.19
N LEU C 207 43.96 -20.10 -32.11
CA LEU C 207 44.16 -19.23 -33.26
C LEU C 207 44.78 -19.99 -34.43
N GLN C 208 45.84 -20.76 -34.16
CA GLN C 208 46.54 -21.54 -35.18
C GLN C 208 45.54 -22.43 -35.91
N HIS C 209 44.65 -23.05 -35.15
CA HIS C 209 43.63 -23.91 -35.71
C HIS C 209 42.79 -23.16 -36.73
N TYR C 210 42.43 -21.92 -36.41
CA TYR C 210 41.62 -21.12 -37.30
C TYR C 210 42.42 -20.52 -38.45
N ARG C 211 43.68 -20.20 -38.21
CA ARG C 211 44.51 -19.68 -39.28
C ARG C 211 44.73 -20.78 -40.30
N GLU C 212 44.68 -22.03 -39.85
CA GLU C 212 44.87 -23.17 -40.73
C GLU C 212 43.60 -23.43 -41.50
N ARG C 213 42.46 -23.16 -40.87
CA ARG C 213 41.20 -23.40 -41.54
C ARG C 213 40.76 -22.27 -42.46
N PHE C 214 40.56 -21.09 -41.90
CA PHE C 214 40.10 -19.94 -42.69
C PHE C 214 41.22 -19.17 -43.40
N THR C 215 41.67 -19.75 -44.51
CA THR C 215 42.73 -19.16 -45.31
C THR C 215 42.17 -18.14 -46.32
N ASN C 216 40.86 -18.16 -46.51
CA ASN C 216 40.20 -17.24 -47.43
C ASN C 216 39.14 -16.44 -46.66
N ILE C 217 39.41 -15.15 -46.50
CA ILE C 217 38.49 -14.29 -45.76
C ILE C 217 37.94 -13.19 -46.68
N LEU C 218 36.64 -12.95 -46.57
CA LEU C 218 35.97 -11.93 -47.38
C LEU C 218 35.10 -11.05 -46.47
N VAL C 219 35.26 -9.73 -46.60
CA VAL C 219 34.51 -8.76 -45.79
C VAL C 219 33.75 -7.82 -46.71
N ASP C 220 32.44 -7.73 -46.54
CA ASP C 220 31.65 -6.83 -47.38
C ASP C 220 31.39 -5.57 -46.56
N GLU C 221 31.15 -4.44 -47.22
CA GLU C 221 30.89 -3.18 -46.53
C GLU C 221 32.00 -2.93 -45.50
N PHE C 222 33.24 -3.11 -45.92
CA PHE C 222 34.39 -2.96 -45.03
C PHE C 222 34.43 -1.66 -44.24
N GLN C 223 33.99 -0.56 -44.83
CA GLN C 223 34.03 0.70 -44.12
C GLN C 223 33.16 0.69 -42.85
N ASP C 224 32.46 -0.40 -42.59
CA ASP C 224 31.63 -0.49 -41.38
C ASP C 224 32.46 -1.02 -40.19
N THR C 225 33.63 -1.56 -40.47
CA THR C 225 34.48 -2.14 -39.42
C THR C 225 35.09 -1.17 -38.41
N ASN C 226 34.91 -1.44 -37.13
CA ASN C 226 35.50 -0.55 -36.15
C ASN C 226 36.89 -1.09 -35.81
N ASN C 227 37.53 -0.57 -34.78
CA ASN C 227 38.88 -1.02 -34.47
C ASN C 227 39.00 -2.45 -33.96
N ILE C 228 38.06 -2.90 -33.13
CA ILE C 228 38.14 -4.24 -32.61
C ILE C 228 37.86 -5.28 -33.71
N GLN C 229 36.97 -4.93 -34.64
CA GLN C 229 36.65 -5.83 -35.75
C GLN C 229 37.85 -5.87 -36.72
N TYR C 230 38.50 -4.74 -36.92
CA TYR C 230 39.66 -4.69 -37.81
C TYR C 230 40.78 -5.57 -37.24
N ALA C 231 41.03 -5.42 -35.94
CA ALA C 231 42.06 -6.19 -35.25
C ALA C 231 41.79 -7.68 -35.39
N TRP C 232 40.54 -8.06 -35.14
CA TRP C 232 40.10 -9.45 -35.22
C TRP C 232 40.42 -10.03 -36.60
N ILE C 233 40.13 -9.27 -37.64
CA ILE C 233 40.40 -9.71 -39.00
C ILE C 233 41.90 -9.81 -39.25
N ARG C 234 42.65 -8.81 -38.79
CA ARG C 234 44.08 -8.79 -38.97
C ARG C 234 44.68 -10.04 -38.32
N LEU C 235 44.29 -10.29 -37.08
CA LEU C 235 44.78 -11.43 -36.34
C LEU C 235 44.52 -12.74 -37.09
N LEU C 236 43.27 -12.97 -37.45
CA LEU C 236 42.90 -14.19 -38.15
C LEU C 236 43.70 -14.46 -39.42
N ALA C 237 43.99 -13.41 -40.17
CA ALA C 237 44.74 -13.58 -41.41
C ALA C 237 46.23 -13.80 -41.18
N GLY C 238 46.82 -13.06 -40.24
CA GLY C 238 48.25 -13.19 -39.96
C GLY C 238 49.00 -12.89 -41.23
N ASP C 239 50.02 -13.68 -41.54
CA ASP C 239 50.78 -13.48 -42.77
C ASP C 239 50.52 -14.62 -43.74
N THR C 240 49.53 -15.44 -43.44
CA THR C 240 49.19 -16.57 -44.29
C THR C 240 47.82 -16.50 -44.97
N GLY C 241 46.84 -15.91 -44.29
CA GLY C 241 45.51 -15.81 -44.88
C GLY C 241 45.40 -14.76 -45.97
N LYS C 242 44.65 -15.07 -47.02
CA LYS C 242 44.46 -14.14 -48.12
C LYS C 242 43.07 -13.53 -47.96
N VAL C 243 43.04 -12.20 -47.88
CA VAL C 243 41.80 -11.47 -47.67
C VAL C 243 41.34 -10.56 -48.80
N MET C 244 40.03 -10.56 -49.05
CA MET C 244 39.42 -9.67 -50.02
C MET C 244 38.42 -8.80 -49.25
N ILE C 245 38.62 -7.49 -49.29
CA ILE C 245 37.69 -6.59 -48.66
C ILE C 245 37.13 -5.71 -49.77
N VAL C 246 35.84 -5.41 -49.69
CA VAL C 246 35.22 -4.55 -50.69
C VAL C 246 34.50 -3.49 -49.87
N GLY C 247 34.43 -2.28 -50.39
CA GLY C 247 33.76 -1.23 -49.66
C GLY C 247 33.81 0.10 -50.38
N ASP C 248 33.32 1.13 -49.72
CA ASP C 248 33.28 2.46 -50.31
C ASP C 248 33.42 3.47 -49.18
N ASP C 249 34.45 4.30 -49.24
CA ASP C 249 34.63 5.28 -48.18
C ASP C 249 33.53 6.35 -48.22
N ASP C 250 32.79 6.44 -49.32
CA ASP C 250 31.70 7.42 -49.39
C ASP C 250 30.45 6.90 -48.66
N GLN C 251 30.51 5.65 -48.20
CA GLN C 251 29.38 5.06 -47.49
C GLN C 251 29.73 4.74 -46.04
N SER C 252 30.67 5.51 -45.50
CA SER C 252 31.12 5.37 -44.12
C SER C 252 30.09 6.10 -43.26
N ILE C 253 29.32 5.35 -42.49
CA ILE C 253 28.24 5.93 -41.67
C ILE C 253 28.19 5.42 -40.23
N TYR C 254 29.28 4.83 -39.76
CA TYR C 254 29.31 4.32 -38.40
C TYR C 254 30.45 4.93 -37.55
N GLY C 255 30.80 6.19 -37.83
CA GLY C 255 31.83 6.83 -37.05
C GLY C 255 31.51 6.86 -35.57
N TRP C 256 30.22 6.96 -35.26
CA TRP C 256 29.73 7.01 -33.88
C TRP C 256 29.91 5.70 -33.12
N ARG C 257 30.31 4.64 -33.81
CA ARG C 257 30.56 3.39 -33.13
C ARG C 257 31.95 2.88 -33.45
N GLY C 258 32.87 3.81 -33.67
CA GLY C 258 34.26 3.46 -33.91
C GLY C 258 34.77 3.09 -35.30
N ALA C 259 33.90 3.13 -36.30
CA ALA C 259 34.37 2.79 -37.64
C ALA C 259 34.93 4.04 -38.28
N GLN C 260 36.25 4.07 -38.43
CA GLN C 260 36.93 5.20 -39.03
C GLN C 260 37.32 4.88 -40.47
N VAL C 261 37.26 5.88 -41.35
CA VAL C 261 37.58 5.67 -42.75
C VAL C 261 39.04 5.26 -42.98
N GLU C 262 39.91 5.59 -42.03
CA GLU C 262 41.32 5.23 -42.15
C GLU C 262 41.49 3.73 -42.32
N ASN C 263 40.50 2.97 -41.84
CA ASN C 263 40.58 1.51 -41.91
C ASN C 263 40.86 0.93 -43.27
N ILE C 264 40.36 1.58 -44.32
CA ILE C 264 40.62 1.09 -45.67
C ILE C 264 42.11 1.25 -45.94
N GLN C 265 42.67 2.42 -45.62
CA GLN C 265 44.10 2.65 -45.83
C GLN C 265 44.94 1.73 -44.96
N ARG C 266 44.48 1.49 -43.73
CA ARG C 266 45.18 0.61 -42.81
C ARG C 266 45.34 -0.78 -43.40
N PHE C 267 44.31 -1.27 -44.08
CA PHE C 267 44.35 -2.58 -44.70
C PHE C 267 45.46 -2.60 -45.75
N LEU C 268 45.52 -1.54 -46.54
CA LEU C 268 46.51 -1.45 -47.60
C LEU C 268 47.92 -1.39 -47.02
N ASN C 269 48.05 -0.81 -45.83
CA ASN C 269 49.34 -0.68 -45.16
C ASN C 269 49.74 -1.89 -44.33
N ASP C 270 48.75 -2.58 -43.77
CA ASP C 270 49.03 -3.73 -42.91
C ASP C 270 49.09 -5.11 -43.53
N PHE C 271 48.24 -5.38 -44.51
CA PHE C 271 48.21 -6.71 -45.11
C PHE C 271 49.24 -6.92 -46.21
N PRO C 272 49.99 -8.04 -46.12
CA PRO C 272 51.03 -8.44 -47.08
C PRO C 272 50.63 -8.35 -48.54
N GLY C 273 51.34 -7.49 -49.27
CA GLY C 273 51.12 -7.32 -50.70
C GLY C 273 49.74 -6.84 -51.09
N ALA C 274 49.07 -6.12 -50.19
CA ALA C 274 47.73 -5.61 -50.45
C ALA C 274 47.69 -4.65 -51.65
N GLU C 275 46.69 -4.84 -52.51
CA GLU C 275 46.53 -3.97 -53.67
C GLU C 275 45.09 -3.50 -53.82
N THR C 276 44.85 -2.60 -54.77
CA THR C 276 43.51 -2.04 -54.97
C THR C 276 42.97 -2.16 -56.39
N ILE C 277 41.71 -2.58 -56.48
CA ILE C 277 41.02 -2.66 -57.76
C ILE C 277 39.81 -1.72 -57.62
N ARG C 278 39.70 -0.77 -58.54
CA ARG C 278 38.59 0.18 -58.50
C ARG C 278 37.56 -0.15 -59.57
N LEU C 279 36.31 -0.37 -59.16
CA LEU C 279 35.25 -0.65 -60.13
C LEU C 279 34.75 0.74 -60.52
N GLU C 280 34.17 0.89 -61.72
CA GLU C 280 33.73 2.20 -62.15
C GLU C 280 32.37 2.31 -62.82
N GLN C 281 31.76 1.17 -63.13
CA GLN C 281 30.45 1.16 -63.77
C GLN C 281 29.34 0.70 -62.83
N ASN C 282 28.27 1.49 -62.77
CA ASN C 282 27.11 1.21 -61.92
C ASN C 282 26.07 0.45 -62.76
N TYR C 283 25.42 -0.54 -62.16
CA TYR C 283 24.41 -1.34 -62.84
C TYR C 283 23.06 -1.24 -62.15
N ARG C 284 23.04 -0.68 -60.95
CA ARG C 284 21.80 -0.60 -60.20
C ARG C 284 20.79 0.46 -60.62
N SER C 285 21.25 1.69 -60.80
CA SER C 285 20.35 2.80 -61.08
C SER C 285 20.28 3.46 -62.44
N THR C 286 19.21 4.24 -62.61
CA THR C 286 18.99 5.00 -63.83
C THR C 286 20.01 6.12 -63.77
N SER C 287 20.26 6.76 -64.91
CA SER C 287 21.22 7.84 -64.98
C SER C 287 20.76 9.02 -64.12
N ASN C 288 19.44 9.25 -64.07
CA ASN C 288 18.88 10.33 -63.26
C ASN C 288 19.20 10.13 -61.79
N ILE C 289 18.99 8.92 -61.30
CA ILE C 289 19.28 8.63 -59.92
C ILE C 289 20.78 8.70 -59.66
N LEU C 290 21.57 8.17 -60.60
CA LEU C 290 23.02 8.16 -60.41
C LEU C 290 23.63 9.57 -60.49
N SER C 291 23.10 10.40 -61.38
CA SER C 291 23.61 11.76 -61.52
C SER C 291 23.35 12.55 -60.25
N ALA C 292 22.21 12.30 -59.62
CA ALA C 292 21.86 13.00 -58.40
C ALA C 292 22.78 12.54 -57.26
N ALA C 293 23.02 11.23 -57.19
CA ALA C 293 23.88 10.67 -56.15
C ALA C 293 25.27 11.29 -56.26
N ASN C 294 25.79 11.36 -57.48
CA ASN C 294 27.11 11.91 -57.72
C ASN C 294 27.25 13.38 -57.36
N ALA C 295 26.28 14.19 -57.77
CA ALA C 295 26.34 15.61 -57.45
C ALA C 295 26.27 15.78 -55.94
N LEU C 296 25.43 14.97 -55.30
CA LEU C 296 25.27 15.04 -53.85
C LEU C 296 26.57 14.75 -53.10
N ILE C 297 27.15 13.58 -53.32
CA ILE C 297 28.39 13.20 -52.64
C ILE C 297 29.52 14.19 -52.96
N GLU C 298 29.49 14.76 -54.16
CA GLU C 298 30.50 15.72 -54.57
C GLU C 298 30.61 16.86 -53.57
N ASN C 299 29.53 17.11 -52.82
CA ASN C 299 29.52 18.19 -51.85
C ASN C 299 30.39 17.93 -50.62
N ASN C 300 30.93 16.72 -50.51
CA ASN C 300 31.82 16.43 -49.39
C ASN C 300 33.24 16.71 -49.85
N ASN C 301 34.06 17.21 -48.94
CA ASN C 301 35.46 17.51 -49.26
C ASN C 301 36.33 16.35 -48.79
N GLY C 302 37.58 16.34 -49.22
CA GLY C 302 38.49 15.30 -48.82
C GLY C 302 38.15 13.92 -49.35
N ARG C 303 38.24 13.76 -50.67
CA ARG C 303 37.95 12.48 -51.31
C ARG C 303 38.57 12.48 -52.70
N LEU C 304 39.50 11.56 -52.93
CA LEU C 304 40.20 11.44 -54.20
C LEU C 304 39.25 11.12 -55.35
N GLY C 305 37.95 11.33 -55.10
CA GLY C 305 36.94 11.07 -56.11
C GLY C 305 36.93 9.68 -56.70
N LYS C 306 35.80 9.34 -57.33
CA LYS C 306 35.61 8.05 -57.97
C LYS C 306 34.75 8.27 -59.20
N LYS C 307 34.94 7.45 -60.22
CA LYS C 307 34.18 7.56 -61.46
C LYS C 307 32.67 7.38 -61.30
N LEU C 308 32.22 6.13 -61.32
CA LEU C 308 30.80 5.79 -61.20
C LEU C 308 29.95 6.37 -62.33
N TRP C 309 29.76 5.58 -63.37
CA TRP C 309 28.97 5.99 -64.53
C TRP C 309 28.07 4.83 -64.90
N THR C 310 27.05 5.10 -65.71
CA THR C 310 26.14 4.05 -66.15
C THR C 310 25.79 4.16 -67.63
N ASP C 311 25.33 3.05 -68.18
CA ASP C 311 24.92 2.94 -69.57
C ASP C 311 23.42 3.23 -69.70
N GLY C 312 22.71 2.97 -68.62
CA GLY C 312 21.26 3.16 -68.60
C GLY C 312 20.72 4.51 -69.04
N ALA C 313 19.44 4.50 -69.38
CA ALA C 313 18.74 5.71 -69.79
C ALA C 313 18.52 6.56 -68.56
N ASP C 314 18.19 7.83 -68.76
CA ASP C 314 17.96 8.73 -67.64
C ASP C 314 16.90 8.19 -66.69
N GLY C 315 15.87 7.55 -67.25
CA GLY C 315 14.80 7.01 -66.43
C GLY C 315 13.91 8.11 -65.91
N GLU C 316 12.99 7.76 -65.01
CA GLU C 316 12.07 8.74 -64.44
C GLU C 316 12.79 9.76 -63.57
N PRO C 317 12.17 10.93 -63.38
CA PRO C 317 12.79 11.96 -62.55
C PRO C 317 12.67 11.54 -61.08
N ILE C 318 13.39 12.23 -60.20
CA ILE C 318 13.28 11.96 -58.78
C ILE C 318 12.09 12.78 -58.30
N SER C 319 11.13 12.15 -57.65
CA SER C 319 9.96 12.90 -57.17
C SER C 319 10.23 13.59 -55.84
N LEU C 320 9.70 14.80 -55.73
CA LEU C 320 9.85 15.59 -54.52
C LEU C 320 8.47 16.05 -54.11
N TYR C 321 8.01 15.63 -52.93
CA TYR C 321 6.69 16.01 -52.46
C TYR C 321 6.73 16.75 -51.15
N CYS C 322 6.09 17.92 -51.12
CA CYS C 322 6.01 18.73 -49.90
C CYS C 322 4.67 18.39 -49.26
N ALA C 323 4.72 17.58 -48.20
CA ALA C 323 3.52 17.16 -47.50
C ALA C 323 3.03 18.20 -46.50
N PHE C 324 1.73 18.17 -46.19
CA PHE C 324 1.15 19.10 -45.22
C PHE C 324 1.74 18.85 -43.85
N ASN C 325 1.71 17.60 -43.40
CA ASN C 325 2.29 17.21 -42.11
C ASN C 325 2.76 15.76 -42.20
N GLU C 326 3.13 15.16 -41.08
CA GLU C 326 3.65 13.79 -41.11
C GLU C 326 2.58 12.77 -41.54
N LEU C 327 1.32 13.09 -41.26
CA LEU C 327 0.20 12.21 -41.60
C LEU C 327 -0.01 12.23 -43.10
N ASP C 328 -0.01 13.43 -43.68
CA ASP C 328 -0.19 13.56 -45.12
C ASP C 328 0.99 12.87 -45.81
N GLU C 329 2.18 13.02 -45.23
CA GLU C 329 3.38 12.42 -45.80
C GLU C 329 3.21 10.91 -45.94
N ALA C 330 2.80 10.25 -44.86
CA ALA C 330 2.60 8.81 -44.85
C ALA C 330 1.52 8.41 -45.87
N ARG C 331 0.39 9.09 -45.82
CA ARG C 331 -0.70 8.80 -46.75
C ARG C 331 -0.25 8.92 -48.20
N PHE C 332 0.55 9.95 -48.51
CA PHE C 332 1.05 10.13 -49.88
C PHE C 332 1.90 8.93 -50.33
N VAL C 333 2.84 8.51 -49.48
CA VAL C 333 3.70 7.39 -49.83
C VAL C 333 2.86 6.13 -50.09
N VAL C 334 1.95 5.81 -49.18
CA VAL C 334 1.07 4.66 -49.36
C VAL C 334 0.29 4.78 -50.69
N ASN C 335 -0.25 5.96 -50.96
CA ASN C 335 -0.98 6.20 -52.20
C ASN C 335 -0.08 5.86 -53.40
N ARG C 336 1.16 6.32 -53.37
CA ARG C 336 2.09 6.04 -54.45
C ARG C 336 2.39 4.54 -54.60
N ILE C 337 2.51 3.86 -53.47
CA ILE C 337 2.78 2.44 -53.52
C ILE C 337 1.57 1.70 -54.10
N LYS C 338 0.35 2.10 -53.69
CA LYS C 338 -0.87 1.48 -54.22
C LYS C 338 -0.85 1.52 -55.74
N THR C 339 -0.55 2.70 -56.30
CA THR C 339 -0.48 2.88 -57.74
C THR C 339 0.50 1.87 -58.33
N TRP C 340 1.67 1.76 -57.71
CA TRP C 340 2.69 0.83 -58.18
C TRP C 340 2.14 -0.59 -58.16
N GLN C 341 1.48 -0.95 -57.05
CA GLN C 341 0.91 -2.27 -56.92
C GLN C 341 -0.25 -2.49 -57.90
N ASP C 342 -1.06 -1.46 -58.12
CA ASP C 342 -2.19 -1.58 -59.03
C ASP C 342 -1.73 -1.79 -60.46
N ASN C 343 -0.50 -1.38 -60.76
CA ASN C 343 0.03 -1.55 -62.10
C ASN C 343 0.89 -2.81 -62.21
N GLY C 344 0.76 -3.71 -61.25
CA GLY C 344 1.51 -4.96 -61.30
C GLY C 344 2.84 -4.99 -60.56
N GLY C 345 3.11 -3.99 -59.72
CA GLY C 345 4.35 -3.97 -58.99
C GLY C 345 4.24 -4.68 -57.66
N ALA C 346 5.33 -5.34 -57.24
CA ALA C 346 5.32 -6.04 -55.97
C ALA C 346 5.54 -5.03 -54.85
N LEU C 347 4.93 -5.27 -53.69
CA LEU C 347 5.07 -4.39 -52.55
C LEU C 347 6.50 -4.48 -52.00
N ALA C 348 7.08 -5.67 -52.12
CA ALA C 348 8.43 -5.94 -51.65
C ALA C 348 9.47 -5.18 -52.48
N GLU C 349 9.04 -4.62 -53.60
CA GLU C 349 9.95 -3.84 -54.45
C GLU C 349 9.92 -2.37 -54.04
N CYS C 350 9.18 -2.09 -52.97
CA CYS C 350 9.06 -0.73 -52.46
C CYS C 350 9.67 -0.63 -51.06
N ALA C 351 10.58 0.32 -50.88
CA ALA C 351 11.19 0.53 -49.57
C ALA C 351 10.88 1.93 -49.09
N ILE C 352 10.55 2.06 -47.82
CA ILE C 352 10.31 3.38 -47.23
C ILE C 352 11.43 3.57 -46.21
N LEU C 353 12.30 4.53 -46.47
CA LEU C 353 13.45 4.78 -45.62
C LEU C 353 13.35 6.07 -44.81
N TYR C 354 13.92 6.02 -43.60
CA TYR C 354 13.90 7.16 -42.69
C TYR C 354 15.17 7.19 -41.86
N ARG C 355 15.49 8.38 -41.31
CA ARG C 355 16.68 8.58 -40.50
C ARG C 355 16.61 7.94 -39.12
N SER C 356 15.48 8.09 -38.44
CA SER C 356 15.32 7.52 -37.12
C SER C 356 14.15 6.56 -37.07
N ASN C 357 14.28 5.53 -36.24
CA ASN C 357 13.25 4.50 -36.12
C ASN C 357 11.90 5.05 -35.67
N ALA C 358 11.92 6.18 -34.97
CA ALA C 358 10.69 6.80 -34.48
C ALA C 358 9.76 7.24 -35.60
N GLN C 359 10.29 7.44 -36.80
CA GLN C 359 9.48 7.86 -37.93
C GLN C 359 8.56 6.77 -38.51
N SER C 360 8.80 5.52 -38.13
CA SER C 360 8.00 4.42 -38.67
C SER C 360 6.56 4.34 -38.16
N ARG C 361 6.32 4.77 -36.92
CA ARG C 361 4.98 4.68 -36.36
C ARG C 361 3.90 5.25 -37.27
N VAL C 362 4.03 6.51 -37.66
CA VAL C 362 3.03 7.12 -38.51
C VAL C 362 2.90 6.41 -39.85
N LEU C 363 4.02 5.95 -40.41
CA LEU C 363 4.00 5.25 -41.68
C LEU C 363 3.21 3.94 -41.52
N GLU C 364 3.48 3.28 -40.41
CA GLU C 364 2.83 2.03 -40.07
C GLU C 364 1.32 2.21 -39.99
N GLU C 365 0.90 3.23 -39.26
CA GLU C 365 -0.51 3.52 -39.11
C GLU C 365 -1.19 3.76 -40.46
N ALA C 366 -0.49 4.41 -41.38
CA ALA C 366 -1.05 4.69 -42.69
C ALA C 366 -1.13 3.39 -43.50
N LEU C 367 -0.15 2.52 -43.30
CA LEU C 367 -0.11 1.26 -44.02
C LEU C 367 -1.25 0.38 -43.52
N LEU C 368 -1.42 0.34 -42.20
CA LEU C 368 -2.47 -0.47 -41.61
C LEU C 368 -3.84 -0.02 -42.08
N GLN C 369 -4.10 1.29 -42.01
CA GLN C 369 -5.37 1.82 -42.44
C GLN C 369 -5.65 1.51 -43.90
N ALA C 370 -4.60 1.32 -44.70
CA ALA C 370 -4.78 1.01 -46.11
C ALA C 370 -4.79 -0.49 -46.36
N SER C 371 -4.73 -1.27 -45.28
CA SER C 371 -4.71 -2.72 -45.42
C SER C 371 -3.59 -3.15 -46.36
N MET C 372 -2.45 -2.47 -46.26
CA MET C 372 -1.30 -2.80 -47.10
C MET C 372 -0.25 -3.47 -46.23
N PRO C 373 0.11 -4.72 -46.57
CA PRO C 373 1.11 -5.53 -45.86
C PRO C 373 2.49 -4.87 -45.85
N TYR C 374 3.24 -5.02 -44.75
CA TYR C 374 4.57 -4.43 -44.66
C TYR C 374 5.43 -5.12 -43.61
N ARG C 375 6.73 -4.91 -43.70
CA ARG C 375 7.69 -5.48 -42.74
C ARG C 375 8.62 -4.35 -42.31
N ILE C 376 8.79 -4.20 -41.01
CA ILE C 376 9.66 -3.17 -40.48
C ILE C 376 10.86 -3.81 -39.83
N TYR C 377 12.03 -3.22 -40.06
CA TYR C 377 13.26 -3.74 -39.48
C TYR C 377 13.89 -2.66 -38.60
N GLY C 378 14.52 -3.09 -37.51
CA GLY C 378 15.16 -2.16 -36.61
C GLY C 378 14.26 -1.45 -35.62
N GLY C 379 14.87 -0.78 -34.65
CA GLY C 379 14.09 -0.08 -33.65
C GLY C 379 13.44 -1.02 -32.65
N MET C 380 12.26 -0.64 -32.17
CA MET C 380 11.54 -1.43 -31.20
C MET C 380 10.77 -2.56 -31.88
N ARG C 381 11.39 -3.73 -31.95
CA ARG C 381 10.75 -4.89 -32.57
C ARG C 381 10.15 -5.89 -31.59
N PHE C 382 9.64 -6.98 -32.15
CA PHE C 382 9.00 -8.05 -31.41
C PHE C 382 9.67 -8.42 -30.08
N PHE C 383 10.91 -8.89 -30.14
CA PHE C 383 11.65 -9.30 -28.95
C PHE C 383 12.03 -8.20 -27.97
N GLU C 384 11.61 -6.97 -28.23
CA GLU C 384 11.92 -5.88 -27.33
C GLU C 384 10.63 -5.38 -26.69
N ARG C 385 9.53 -6.08 -26.98
CA ARG C 385 8.25 -5.73 -26.42
C ARG C 385 8.20 -6.14 -24.95
N GLN C 386 7.60 -5.30 -24.13
CA GLN C 386 7.51 -5.55 -22.70
C GLN C 386 7.13 -7.00 -22.38
N GLU C 387 5.97 -7.43 -22.86
CA GLU C 387 5.49 -8.78 -22.60
C GLU C 387 6.40 -9.90 -23.10
N ILE C 388 7.13 -9.67 -24.20
CA ILE C 388 8.03 -10.70 -24.72
C ILE C 388 9.30 -10.76 -23.88
N LYS C 389 9.79 -9.59 -23.47
CA LYS C 389 10.98 -9.53 -22.62
C LYS C 389 10.68 -10.25 -21.32
N ASP C 390 9.50 -9.99 -20.75
CA ASP C 390 9.09 -10.63 -19.50
C ASP C 390 9.12 -12.15 -19.64
N ALA C 391 8.49 -12.65 -20.70
CA ALA C 391 8.43 -14.09 -20.94
C ALA C 391 9.81 -14.73 -21.05
N LEU C 392 10.70 -14.09 -21.81
CA LEU C 392 12.04 -14.62 -21.98
C LEU C 392 12.89 -14.58 -20.71
N SER C 393 12.59 -13.64 -19.81
CA SER C 393 13.33 -13.53 -18.56
C SER C 393 13.10 -14.77 -17.68
N TYR C 394 11.87 -15.25 -17.64
CA TYR C 394 11.59 -16.45 -16.85
C TYR C 394 12.41 -17.59 -17.41
N LEU C 395 12.36 -17.76 -18.74
CA LEU C 395 13.12 -18.80 -19.40
C LEU C 395 14.60 -18.60 -19.13
N ARG C 396 15.03 -17.35 -19.11
CA ARG C 396 16.44 -17.03 -18.85
C ARG C 396 16.79 -17.45 -17.42
N LEU C 397 15.88 -17.21 -16.48
CA LEU C 397 16.14 -17.59 -15.10
C LEU C 397 16.20 -19.11 -15.01
N ILE C 398 15.32 -19.79 -15.75
CA ILE C 398 15.31 -21.24 -15.77
C ILE C 398 16.67 -21.74 -16.22
N VAL C 399 17.25 -21.06 -17.20
CA VAL C 399 18.56 -21.45 -17.71
C VAL C 399 19.67 -21.07 -16.73
N ASN C 400 19.48 -19.97 -16.01
CA ASN C 400 20.49 -19.52 -15.06
C ASN C 400 19.95 -18.54 -14.03
N ARG C 401 19.88 -18.98 -12.78
CA ARG C 401 19.39 -18.16 -11.67
C ARG C 401 20.23 -16.90 -11.51
N ASN C 402 21.49 -16.96 -11.95
CA ASN C 402 22.40 -15.83 -11.81
C ASN C 402 22.15 -14.68 -12.78
N ASP C 403 21.20 -14.86 -13.69
CA ASP C 403 20.89 -13.82 -14.66
C ASP C 403 20.24 -12.65 -13.93
N ASP C 404 21.06 -11.73 -13.43
CA ASP C 404 20.58 -10.56 -12.70
C ASP C 404 19.62 -9.69 -13.52
N ALA C 405 19.84 -9.61 -14.83
CA ALA C 405 18.97 -8.79 -15.68
C ALA C 405 17.59 -9.42 -15.73
N ALA C 406 17.54 -10.73 -15.84
CA ALA C 406 16.27 -11.44 -15.89
C ALA C 406 15.59 -11.38 -14.52
N PHE C 407 16.38 -11.61 -13.48
CA PHE C 407 15.90 -11.60 -12.10
C PHE C 407 15.14 -10.31 -11.78
N GLU C 408 15.81 -9.18 -12.01
CA GLU C 408 15.23 -7.87 -11.75
C GLU C 408 13.95 -7.60 -12.50
N ARG C 409 13.93 -7.99 -13.78
CA ARG C 409 12.76 -7.73 -14.60
C ARG C 409 11.48 -8.43 -14.16
N VAL C 410 11.58 -9.66 -13.69
CA VAL C 410 10.37 -10.39 -13.30
C VAL C 410 10.25 -10.89 -11.86
N VAL C 411 11.22 -10.58 -11.01
CA VAL C 411 11.15 -11.05 -9.63
C VAL C 411 9.81 -10.66 -9.02
N ASN C 412 9.27 -9.53 -9.46
CA ASN C 412 7.99 -9.07 -8.94
C ASN C 412 7.05 -8.69 -10.08
N THR C 413 7.09 -9.48 -11.15
CA THR C 413 6.21 -9.28 -12.30
C THR C 413 5.74 -10.66 -12.76
N PRO C 414 4.43 -10.96 -12.58
CA PRO C 414 3.45 -10.07 -11.96
C PRO C 414 3.74 -9.86 -10.48
N THR C 415 3.15 -8.82 -9.89
CA THR C 415 3.37 -8.52 -8.48
C THR C 415 3.12 -9.76 -7.62
N ARG C 416 4.02 -9.99 -6.66
CA ARG C 416 3.90 -11.13 -5.76
C ARG C 416 4.43 -10.81 -4.36
N GLY C 417 4.14 -9.60 -3.90
CA GLY C 417 4.55 -9.19 -2.58
C GLY C 417 6.01 -8.79 -2.37
N ILE C 418 6.82 -8.84 -3.42
CA ILE C 418 8.23 -8.47 -3.27
C ILE C 418 8.44 -7.03 -3.72
N GLY C 419 8.18 -6.09 -2.81
CA GLY C 419 8.31 -4.68 -3.11
C GLY C 419 9.72 -4.09 -3.11
N ASP C 420 9.78 -2.79 -3.36
CA ASP C 420 11.04 -2.06 -3.41
C ASP C 420 11.93 -2.22 -2.17
N ARG C 421 11.33 -2.12 -0.98
CA ARG C 421 12.10 -2.26 0.25
C ARG C 421 12.87 -3.57 0.30
N THR C 422 12.15 -4.68 0.16
CA THR C 422 12.77 -6.00 0.20
C THR C 422 13.89 -6.11 -0.83
N LEU C 423 13.59 -5.68 -2.06
CA LEU C 423 14.56 -5.74 -3.14
C LEU C 423 15.78 -4.86 -2.86
N ASP C 424 15.55 -3.71 -2.22
CA ASP C 424 16.65 -2.81 -1.89
C ASP C 424 17.64 -3.52 -0.98
N VAL C 425 17.11 -4.40 -0.12
CA VAL C 425 17.95 -5.17 0.78
C VAL C 425 18.78 -6.14 -0.05
N VAL C 426 18.11 -6.87 -0.93
CA VAL C 426 18.76 -7.85 -1.80
C VAL C 426 19.88 -7.21 -2.63
N ARG C 427 19.58 -6.05 -3.22
CA ARG C 427 20.58 -5.35 -4.02
C ARG C 427 21.75 -4.91 -3.17
N GLN C 428 21.47 -4.45 -1.96
CA GLN C 428 22.51 -4.01 -1.03
C GLN C 428 23.42 -5.17 -0.68
N THR C 429 22.83 -6.34 -0.47
CA THR C 429 23.59 -7.54 -0.13
C THR C 429 24.46 -7.98 -1.30
N SER C 430 23.96 -7.79 -2.52
CA SER C 430 24.73 -8.16 -3.71
C SER C 430 25.90 -7.19 -3.83
N ARG C 431 25.63 -5.92 -3.54
CA ARG C 431 26.67 -4.89 -3.63
C ARG C 431 27.79 -5.16 -2.62
N ASP C 432 27.43 -5.35 -1.37
CA ASP C 432 28.41 -5.57 -0.32
C ASP C 432 29.09 -6.94 -0.36
N ARG C 433 28.34 -7.99 -0.66
CA ARG C 433 28.91 -9.34 -0.69
C ARG C 433 29.47 -9.76 -2.04
N GLN C 434 29.30 -8.93 -3.06
CA GLN C 434 29.80 -9.24 -4.39
C GLN C 434 29.16 -10.52 -4.91
N LEU C 435 27.84 -10.59 -4.86
CA LEU C 435 27.10 -11.78 -5.32
C LEU C 435 25.98 -11.43 -6.27
N THR C 436 25.44 -12.47 -6.93
CA THR C 436 24.34 -12.29 -7.85
C THR C 436 23.08 -12.08 -7.03
N LEU C 437 22.07 -11.46 -7.62
CA LEU C 437 20.82 -11.21 -6.91
C LEU C 437 20.22 -12.48 -6.32
N TRP C 438 20.28 -13.57 -7.07
CA TRP C 438 19.73 -14.84 -6.60
C TRP C 438 20.62 -15.38 -5.48
N GLN C 439 21.92 -15.19 -5.62
CA GLN C 439 22.86 -15.63 -4.60
C GLN C 439 22.51 -14.93 -3.29
N ALA C 440 22.47 -13.60 -3.34
CA ALA C 440 22.15 -12.81 -2.16
C ALA C 440 20.88 -13.30 -1.48
N CYS C 441 19.86 -13.59 -2.28
CA CYS C 441 18.59 -14.08 -1.73
C CYS C 441 18.76 -15.36 -0.94
N ARG C 442 19.51 -16.30 -1.50
CA ARG C 442 19.74 -17.59 -0.87
C ARG C 442 20.25 -17.39 0.55
N GLU C 443 21.21 -16.48 0.72
CA GLU C 443 21.77 -16.20 2.03
C GLU C 443 20.83 -15.46 2.97
N LEU C 444 20.29 -14.34 2.51
CA LEU C 444 19.37 -13.57 3.33
C LEU C 444 18.25 -14.45 3.87
N LEU C 445 18.01 -15.57 3.21
CA LEU C 445 16.97 -16.50 3.64
C LEU C 445 17.50 -17.55 4.61
N GLN C 446 18.74 -17.98 4.40
CA GLN C 446 19.35 -18.97 5.28
C GLN C 446 20.02 -18.28 6.46
N GLU C 447 19.58 -17.05 6.73
CA GLU C 447 20.11 -16.25 7.83
C GLU C 447 18.96 -15.47 8.48
N LYS C 448 17.74 -15.78 8.05
CA LYS C 448 16.55 -15.12 8.58
C LYS C 448 16.78 -13.63 8.76
N ALA C 449 17.48 -13.02 7.80
CA ALA C 449 17.79 -11.61 7.86
C ALA C 449 16.65 -10.71 7.41
N LEU C 450 15.61 -11.32 6.82
CA LEU C 450 14.47 -10.55 6.34
C LEU C 450 13.22 -10.76 7.16
N ALA C 451 12.30 -9.79 7.07
CA ALA C 451 11.04 -9.85 7.78
C ALA C 451 10.28 -11.13 7.43
N GLY C 452 9.26 -11.44 8.22
CA GLY C 452 8.50 -12.65 7.97
C GLY C 452 7.86 -12.74 6.59
N ARG C 453 6.97 -11.79 6.29
CA ARG C 453 6.29 -11.80 5.00
C ARG C 453 7.28 -11.73 3.85
N ALA C 454 8.31 -10.90 4.01
CA ALA C 454 9.33 -10.74 2.99
C ALA C 454 9.93 -12.06 2.57
N ALA C 455 10.80 -12.61 3.42
CA ALA C 455 11.46 -13.88 3.13
C ALA C 455 10.47 -14.90 2.56
N SER C 456 9.25 -14.89 3.07
CA SER C 456 8.21 -15.82 2.62
C SER C 456 7.81 -15.56 1.17
N ALA C 457 7.67 -14.28 0.83
CA ALA C 457 7.29 -13.90 -0.54
C ALA C 457 8.47 -14.18 -1.48
N LEU C 458 9.67 -13.88 -1.02
CA LEU C 458 10.88 -14.09 -1.79
C LEU C 458 11.17 -15.58 -1.96
N GLN C 459 10.86 -16.36 -0.94
CA GLN C 459 11.07 -17.81 -0.96
C GLN C 459 10.17 -18.44 -2.02
N ARG C 460 8.92 -17.98 -2.07
CA ARG C 460 7.96 -18.51 -3.02
C ARG C 460 8.40 -18.25 -4.45
N PHE C 461 8.97 -17.08 -4.70
CA PHE C 461 9.44 -16.74 -6.04
C PHE C 461 10.49 -17.73 -6.48
N MET C 462 11.51 -17.92 -5.63
CA MET C 462 12.60 -18.83 -5.94
C MET C 462 12.11 -20.25 -6.14
N GLU C 463 11.03 -20.62 -5.46
CA GLU C 463 10.47 -21.96 -5.58
C GLU C 463 9.74 -22.09 -6.91
N LEU C 464 9.09 -21.00 -7.32
CA LEU C 464 8.35 -20.98 -8.57
C LEU C 464 9.29 -21.12 -9.77
N ILE C 465 10.49 -20.54 -9.64
CA ILE C 465 11.48 -20.62 -10.71
C ILE C 465 12.08 -22.02 -10.75
N ASP C 466 12.45 -22.55 -9.59
CA ASP C 466 13.01 -23.89 -9.53
C ASP C 466 11.97 -24.90 -10.02
N ALA C 467 10.71 -24.64 -9.72
CA ALA C 467 9.63 -25.51 -10.16
C ALA C 467 9.61 -25.54 -11.68
N LEU C 468 9.41 -24.37 -12.29
CA LEU C 468 9.37 -24.26 -13.75
C LEU C 468 10.52 -24.97 -14.45
N ALA C 469 11.70 -24.91 -13.85
CA ALA C 469 12.87 -25.55 -14.43
C ALA C 469 12.70 -27.07 -14.48
N GLN C 470 12.23 -27.65 -13.37
CA GLN C 470 12.03 -29.09 -13.31
C GLN C 470 10.88 -29.55 -14.20
N GLU C 471 9.71 -28.94 -14.00
CA GLU C 471 8.53 -29.27 -14.78
C GLU C 471 8.75 -29.29 -16.29
N THR C 472 9.43 -28.27 -16.80
CA THR C 472 9.68 -28.17 -18.24
C THR C 472 11.06 -28.66 -18.65
N ALA C 473 11.81 -29.19 -17.69
CA ALA C 473 13.16 -29.68 -17.93
C ALA C 473 13.35 -30.56 -19.16
N ASP C 474 12.28 -31.20 -19.64
CA ASP C 474 12.38 -32.07 -20.82
C ASP C 474 11.49 -31.66 -21.97
N MET C 475 10.49 -30.82 -21.70
CA MET C 475 9.55 -30.36 -22.71
C MET C 475 10.24 -29.71 -23.91
N PRO C 476 9.65 -29.87 -25.11
CA PRO C 476 10.26 -29.26 -26.28
C PRO C 476 10.12 -27.74 -26.15
N LEU C 477 11.10 -27.01 -26.68
CA LEU C 477 11.12 -25.56 -26.60
C LEU C 477 9.78 -24.82 -26.53
N HIS C 478 8.96 -24.97 -27.57
CA HIS C 478 7.68 -24.27 -27.63
C HIS C 478 6.66 -24.62 -26.55
N VAL C 479 6.66 -25.86 -26.07
CA VAL C 479 5.69 -26.21 -25.04
C VAL C 479 6.17 -25.71 -23.68
N GLN C 480 7.49 -25.72 -23.48
CA GLN C 480 8.07 -25.23 -22.24
C GLN C 480 7.75 -23.74 -22.14
N THR C 481 7.81 -23.06 -23.29
CA THR C 481 7.52 -21.64 -23.38
C THR C 481 6.05 -21.38 -23.07
N ASP C 482 5.17 -22.23 -23.60
CA ASP C 482 3.74 -22.08 -23.35
C ASP C 482 3.49 -22.25 -21.86
N ARG C 483 4.12 -23.27 -21.28
CA ARG C 483 3.98 -23.55 -19.86
C ARG C 483 4.39 -22.35 -19.03
N VAL C 484 5.64 -21.94 -19.18
CA VAL C 484 6.19 -20.79 -18.45
C VAL C 484 5.29 -19.57 -18.51
N ILE C 485 4.78 -19.26 -19.70
CA ILE C 485 3.93 -18.08 -19.86
C ILE C 485 2.68 -18.16 -18.99
N LYS C 486 2.16 -19.37 -18.82
CA LYS C 486 0.96 -19.57 -18.02
C LYS C 486 1.27 -19.64 -16.53
N ASP C 487 2.20 -20.53 -16.16
CA ASP C 487 2.57 -20.72 -14.77
C ASP C 487 3.28 -19.55 -14.11
N SER C 488 3.87 -18.68 -14.91
CA SER C 488 4.56 -17.51 -14.36
C SER C 488 3.51 -16.51 -13.92
N GLY C 489 2.32 -16.64 -14.48
CA GLY C 489 1.23 -15.74 -14.15
C GLY C 489 1.17 -14.58 -15.13
N LEU C 490 2.18 -14.48 -16.00
CA LEU C 490 2.23 -13.41 -16.99
C LEU C 490 1.00 -13.42 -17.88
N ARG C 491 0.64 -14.61 -18.35
CA ARG C 491 -0.53 -14.74 -19.22
C ARG C 491 -1.74 -14.13 -18.54
N THR C 492 -1.88 -14.38 -17.25
CA THR C 492 -3.01 -13.88 -16.48
C THR C 492 -3.06 -12.36 -16.37
N MET C 493 -2.00 -11.75 -15.86
CA MET C 493 -1.99 -10.31 -15.69
C MET C 493 -2.16 -9.55 -16.99
N TYR C 494 -1.66 -10.13 -18.08
CA TYR C 494 -1.77 -9.48 -19.38
C TYR C 494 -3.16 -9.51 -19.98
N GLU C 495 -3.89 -10.62 -19.78
CA GLU C 495 -5.24 -10.72 -20.31
C GLU C 495 -6.06 -9.56 -19.76
N GLN C 496 -6.01 -9.40 -18.45
CA GLN C 496 -6.74 -8.35 -17.77
C GLN C 496 -5.93 -7.05 -17.69
N GLU C 497 -5.26 -6.70 -18.77
CA GLU C 497 -4.47 -5.47 -18.80
C GLU C 497 -5.42 -4.33 -19.16
N LYS C 498 -6.61 -4.70 -19.60
CA LYS C 498 -7.66 -3.75 -19.97
C LYS C 498 -7.33 -2.96 -21.23
N GLY C 499 -8.31 -2.85 -22.13
CA GLY C 499 -8.12 -2.13 -23.37
C GLY C 499 -7.62 -3.00 -24.50
N GLU C 500 -7.36 -2.37 -25.65
CA GLU C 500 -6.85 -3.09 -26.82
C GLU C 500 -5.35 -3.30 -26.66
N LYS C 501 -4.78 -2.63 -25.65
CA LYS C 501 -3.36 -2.75 -25.36
C LYS C 501 -3.04 -4.14 -24.82
N GLY C 502 -3.90 -4.63 -23.94
CA GLY C 502 -3.70 -5.95 -23.36
C GLY C 502 -3.97 -7.08 -24.34
N GLN C 503 -4.88 -6.85 -25.28
CA GLN C 503 -5.23 -7.87 -26.27
C GLN C 503 -4.05 -8.15 -27.21
N THR C 504 -3.60 -7.13 -27.92
CA THR C 504 -2.48 -7.27 -28.84
C THR C 504 -1.30 -7.86 -28.06
N ARG C 505 -1.19 -7.43 -26.80
CA ARG C 505 -0.14 -7.88 -25.92
C ARG C 505 -0.20 -9.39 -25.66
N ILE C 506 -1.40 -9.91 -25.45
CA ILE C 506 -1.56 -11.34 -25.21
C ILE C 506 -1.34 -12.13 -26.50
N GLU C 507 -1.56 -11.46 -27.64
CA GLU C 507 -1.36 -12.09 -28.93
C GLU C 507 0.13 -12.30 -29.17
N ASN C 508 0.92 -11.29 -28.80
CA ASN C 508 2.37 -11.36 -28.95
C ASN C 508 2.93 -12.53 -28.17
N LEU C 509 2.31 -12.83 -27.04
CA LEU C 509 2.75 -13.96 -26.22
C LEU C 509 2.41 -15.24 -26.97
N GLU C 510 1.29 -15.23 -27.69
CA GLU C 510 0.89 -16.39 -28.46
C GLU C 510 1.86 -16.54 -29.63
N GLU C 511 2.18 -15.41 -30.27
CA GLU C 511 3.09 -15.43 -31.42
C GLU C 511 4.50 -15.89 -31.02
N LEU C 512 4.86 -15.70 -29.75
CA LEU C 512 6.17 -16.11 -29.27
C LEU C 512 6.27 -17.62 -29.20
N VAL C 513 5.17 -18.26 -28.82
CA VAL C 513 5.13 -19.71 -28.71
C VAL C 513 5.34 -20.27 -30.10
N THR C 514 4.71 -19.64 -31.09
CA THR C 514 4.84 -20.07 -32.47
C THR C 514 6.28 -19.90 -32.92
N ALA C 515 6.90 -18.77 -32.57
CA ALA C 515 8.28 -18.50 -32.95
C ALA C 515 9.21 -19.60 -32.46
N THR C 516 9.09 -19.95 -31.18
CA THR C 516 9.92 -21.00 -30.60
C THR C 516 9.56 -22.33 -31.25
N ARG C 517 8.31 -22.41 -31.69
CA ARG C 517 7.76 -23.60 -32.33
C ARG C 517 8.36 -23.80 -33.72
N GLN C 518 8.37 -22.72 -34.51
CA GLN C 518 8.89 -22.77 -35.87
C GLN C 518 10.38 -22.46 -35.95
N PHE C 519 11.00 -22.21 -34.80
CA PHE C 519 12.43 -21.90 -34.76
C PHE C 519 13.28 -23.00 -35.40
N SER C 520 14.17 -22.60 -36.30
CA SER C 520 15.06 -23.55 -36.98
C SER C 520 16.52 -23.10 -36.94
N TYR C 521 17.38 -23.98 -36.44
CA TYR C 521 18.81 -23.69 -36.34
C TYR C 521 19.60 -24.97 -36.56
N ASN C 522 20.78 -24.84 -37.17
CA ASN C 522 21.62 -26.00 -37.44
C ASN C 522 23.09 -25.60 -37.55
N GLU C 523 23.96 -26.61 -37.53
CA GLU C 523 25.41 -26.40 -37.62
C GLU C 523 25.87 -25.21 -36.79
N GLU C 526 27.98 -26.12 -34.84
CA GLU C 526 28.47 -27.05 -33.82
C GLU C 526 27.32 -27.67 -33.04
N ASP C 527 27.05 -27.15 -31.85
CA ASP C 527 25.97 -27.67 -31.01
C ASP C 527 25.61 -26.72 -29.87
N LEU C 528 24.33 -26.38 -29.79
CA LEU C 528 23.82 -25.50 -28.74
C LEU C 528 22.35 -25.82 -28.52
N MET C 529 21.95 -25.93 -27.25
CA MET C 529 20.56 -26.24 -26.93
C MET C 529 19.57 -25.22 -27.50
N PRO C 530 18.36 -25.68 -27.84
CA PRO C 530 17.28 -24.86 -28.41
C PRO C 530 16.95 -23.58 -27.63
N LEU C 531 16.97 -23.66 -26.32
CA LEU C 531 16.66 -22.50 -25.50
C LEU C 531 17.72 -21.43 -25.68
N GLN C 532 18.99 -21.79 -25.49
CA GLN C 532 20.09 -20.85 -25.63
C GLN C 532 20.14 -20.27 -27.05
N ALA C 533 20.12 -21.16 -28.04
CA ALA C 533 20.18 -20.75 -29.44
C ALA C 533 19.05 -19.79 -29.82
N PHE C 534 17.89 -19.96 -29.19
CA PHE C 534 16.77 -19.08 -29.49
C PHE C 534 16.95 -17.73 -28.80
N LEU C 535 17.44 -17.77 -27.56
CA LEU C 535 17.67 -16.54 -26.81
C LEU C 535 18.76 -15.70 -27.46
N SER C 536 19.83 -16.35 -27.92
CA SER C 536 20.91 -15.63 -28.57
C SER C 536 20.46 -15.05 -29.91
N HIS C 537 19.55 -15.75 -30.59
CA HIS C 537 19.02 -15.28 -31.87
C HIS C 537 18.09 -14.09 -31.66
N ALA C 538 17.32 -14.12 -30.58
CA ALA C 538 16.41 -13.02 -30.29
C ALA C 538 17.21 -11.77 -29.97
N ALA C 539 18.43 -11.94 -29.48
CA ALA C 539 19.30 -10.82 -29.15
C ALA C 539 20.12 -10.31 -30.33
N LEU C 540 20.78 -11.22 -31.06
CA LEU C 540 21.62 -10.84 -32.20
C LEU C 540 20.84 -10.39 -33.44
N GLU C 541 19.67 -10.96 -33.65
CA GLU C 541 18.84 -10.63 -34.79
C GLU C 541 17.47 -10.12 -34.35
N ALA C 542 17.49 -9.31 -33.29
CA ALA C 542 16.28 -8.71 -32.74
C ALA C 542 15.68 -7.71 -33.71
N GLY C 543 16.54 -6.87 -34.29
CA GLY C 543 16.08 -5.87 -35.24
C GLY C 543 15.26 -6.48 -36.36
N GLU C 544 15.23 -7.81 -36.39
CA GLU C 544 14.49 -8.57 -37.39
C GLU C 544 13.05 -8.81 -36.96
N GLY C 545 12.86 -9.26 -35.71
CA GLY C 545 11.52 -9.55 -35.22
C GLY C 545 11.00 -10.78 -35.93
N GLN C 546 9.70 -11.01 -35.91
CA GLN C 546 9.13 -12.17 -36.59
C GLN C 546 9.43 -12.04 -38.08
N ALA C 547 9.79 -13.16 -38.72
CA ALA C 547 10.17 -13.11 -40.13
C ALA C 547 9.37 -13.80 -41.23
N ASP C 548 8.10 -13.46 -41.39
CA ASP C 548 7.34 -14.04 -42.51
C ASP C 548 8.04 -13.33 -43.66
N THR C 549 8.70 -14.08 -44.54
CA THR C 549 9.40 -13.46 -45.63
C THR C 549 8.87 -13.72 -47.04
N TRP C 550 7.93 -14.65 -47.18
CA TRP C 550 7.39 -14.96 -48.49
C TRP C 550 6.26 -14.04 -48.94
N GLN C 551 5.46 -13.54 -48.00
CA GLN C 551 4.35 -12.67 -48.36
C GLN C 551 4.83 -11.32 -48.86
N ASP C 552 4.26 -10.86 -49.96
CA ASP C 552 4.62 -9.57 -50.55
C ASP C 552 4.25 -8.48 -49.54
N ALA C 553 5.21 -7.62 -49.24
CA ALA C 553 4.97 -6.55 -48.26
C ALA C 553 5.96 -5.41 -48.43
N VAL C 554 5.52 -4.20 -48.08
CA VAL C 554 6.38 -3.02 -48.18
C VAL C 554 7.53 -3.19 -47.18
N GLN C 555 8.72 -2.80 -47.58
CA GLN C 555 9.88 -2.90 -46.68
C GLN C 555 10.14 -1.55 -46.01
N LEU C 556 10.12 -1.54 -44.68
CA LEU C 556 10.37 -0.33 -43.91
C LEU C 556 11.64 -0.51 -43.06
N MET C 557 12.55 0.46 -43.14
CA MET C 557 13.80 0.41 -42.37
C MET C 557 14.55 1.75 -42.41
N THR C 558 15.51 1.92 -41.50
CA THR C 558 16.31 3.14 -41.47
C THR C 558 17.20 3.19 -42.69
N LEU C 559 17.77 4.36 -42.94
CA LEU C 559 18.70 4.52 -44.05
C LEU C 559 19.94 3.67 -43.76
N HIS C 560 20.28 3.54 -42.49
CA HIS C 560 21.45 2.75 -42.12
C HIS C 560 21.26 1.29 -42.49
N SER C 561 20.17 0.68 -42.02
CA SER C 561 19.91 -0.74 -42.31
C SER C 561 19.74 -1.10 -43.77
N ALA C 562 19.48 -0.11 -44.63
CA ALA C 562 19.31 -0.34 -46.05
C ALA C 562 20.61 -0.46 -46.82
N LYS C 563 21.73 0.00 -46.25
CA LYS C 563 23.00 -0.06 -46.98
C LYS C 563 23.30 -1.49 -47.39
N GLY C 564 23.50 -1.69 -48.69
CA GLY C 564 23.78 -3.00 -49.21
C GLY C 564 22.60 -3.53 -50.00
N LEU C 565 21.42 -2.97 -49.74
CA LEU C 565 20.20 -3.40 -50.43
C LEU C 565 19.87 -2.48 -51.59
N GLU C 566 18.87 -2.85 -52.36
CA GLU C 566 18.41 -2.08 -53.51
C GLU C 566 16.93 -2.37 -53.75
N PHE C 567 16.20 -1.40 -54.29
CA PHE C 567 14.79 -1.60 -54.55
C PHE C 567 14.34 -0.80 -55.76
N PRO C 568 13.42 -1.37 -56.56
CA PRO C 568 12.95 -0.64 -57.74
C PRO C 568 12.38 0.73 -57.34
N GLN C 569 11.57 0.75 -56.30
CA GLN C 569 10.97 2.00 -55.80
C GLN C 569 11.51 2.35 -54.41
N VAL C 570 11.96 3.59 -54.24
CA VAL C 570 12.46 4.02 -52.94
C VAL C 570 11.82 5.34 -52.51
N PHE C 571 11.39 5.37 -51.25
CA PHE C 571 10.78 6.55 -50.67
C PHE C 571 11.58 6.96 -49.43
N ILE C 572 12.10 8.18 -49.43
CA ILE C 572 12.83 8.65 -48.28
C ILE C 572 12.02 9.79 -47.70
N VAL C 573 11.44 9.55 -46.53
CA VAL C 573 10.62 10.55 -45.89
C VAL C 573 11.42 11.36 -44.88
N GLY C 574 10.81 12.43 -44.37
CA GLY C 574 11.47 13.28 -43.40
C GLY C 574 12.72 13.97 -43.90
N MET C 575 12.66 14.50 -45.12
CA MET C 575 13.79 15.20 -45.70
C MET C 575 13.75 16.66 -45.22
N GLU C 576 14.04 16.86 -43.94
CA GLU C 576 14.02 18.19 -43.35
C GLU C 576 15.15 18.41 -42.35
N GLU C 577 15.67 19.64 -42.32
CA GLU C 577 16.74 20.01 -41.39
C GLU C 577 16.23 19.72 -39.98
N GLY C 578 16.92 18.84 -39.27
CA GLY C 578 16.49 18.49 -37.92
C GLY C 578 16.01 17.05 -37.85
N MET C 579 15.65 16.49 -39.00
CA MET C 579 15.23 15.09 -39.10
C MET C 579 16.39 14.41 -39.85
N PHE C 580 16.67 14.91 -41.05
CA PHE C 580 17.75 14.40 -41.87
C PHE C 580 18.28 15.57 -42.69
N PRO C 581 19.44 16.13 -42.31
CA PRO C 581 20.31 15.77 -41.18
C PRO C 581 19.63 15.76 -39.83
N SER C 582 20.08 14.86 -38.96
CA SER C 582 19.50 14.76 -37.63
C SER C 582 19.88 15.98 -36.83
N GLN C 583 19.05 16.31 -35.84
CA GLN C 583 19.32 17.46 -35.00
C GLN C 583 20.68 17.34 -34.32
N MET C 584 21.01 16.14 -33.84
CA MET C 584 22.30 15.94 -33.17
C MET C 584 23.47 16.28 -34.10
N SER C 585 23.38 15.90 -35.36
CA SER C 585 24.45 16.17 -36.30
C SER C 585 24.51 17.68 -36.54
N LEU C 586 23.37 18.35 -36.43
CA LEU C 586 23.34 19.79 -36.61
C LEU C 586 23.93 20.46 -35.37
N ASP C 587 23.50 20.02 -34.20
CA ASP C 587 23.99 20.57 -32.92
C ASP C 587 25.50 20.43 -32.80
N GLU C 588 26.11 19.79 -33.78
CA GLU C 588 27.54 19.65 -33.84
C GLU C 588 27.90 20.37 -35.16
N GLY C 589 29.16 20.71 -35.38
CA GLY C 589 29.51 21.42 -36.60
C GLY C 589 29.77 20.63 -37.88
N GLY C 590 30.35 19.42 -37.78
CA GLY C 590 30.65 18.69 -39.01
C GLY C 590 30.41 17.19 -39.08
N ARG C 591 29.41 16.71 -38.34
CA ARG C 591 29.01 15.30 -38.38
C ARG C 591 28.12 15.28 -39.66
N LEU C 592 28.18 16.39 -40.39
CA LEU C 592 27.39 16.64 -41.58
C LEU C 592 27.83 15.86 -42.80
N GLU C 593 29.14 15.67 -42.93
CA GLU C 593 29.67 14.92 -44.05
C GLU C 593 29.15 13.50 -43.94
N GLU C 594 29.08 12.98 -42.71
CA GLU C 594 28.58 11.63 -42.51
C GLU C 594 27.08 11.54 -42.80
N GLU C 595 26.32 12.59 -42.49
CA GLU C 595 24.89 12.58 -42.79
C GLU C 595 24.78 12.63 -44.32
N ARG C 596 25.66 13.38 -44.97
CA ARG C 596 25.62 13.47 -46.44
C ARG C 596 25.97 12.12 -47.06
N ARG C 597 26.90 11.40 -46.45
CA ARG C 597 27.25 10.07 -46.97
C ARG C 597 26.04 9.15 -46.80
N LEU C 598 25.28 9.37 -45.73
CA LEU C 598 24.07 8.56 -45.50
C LEU C 598 23.01 8.93 -46.55
N ALA C 599 22.97 10.21 -46.93
CA ALA C 599 22.02 10.65 -47.96
C ALA C 599 22.40 9.94 -49.25
N TYR C 600 23.70 9.86 -49.50
CA TYR C 600 24.22 9.20 -50.69
C TYR C 600 23.80 7.72 -50.67
N VAL C 601 23.87 7.10 -49.50
CA VAL C 601 23.46 5.71 -49.36
C VAL C 601 21.98 5.60 -49.71
N GLY C 602 21.16 6.48 -49.15
CA GLY C 602 19.73 6.47 -49.42
C GLY C 602 19.39 6.59 -50.91
N VAL C 603 19.95 7.59 -51.56
CA VAL C 603 19.71 7.83 -52.98
C VAL C 603 20.11 6.62 -53.85
N THR C 604 21.25 6.02 -53.56
CA THR C 604 21.75 4.88 -54.35
C THR C 604 21.06 3.54 -54.11
N ARG C 605 19.98 3.53 -53.32
CA ARG C 605 19.22 2.31 -53.05
C ARG C 605 18.19 2.12 -54.16
N ALA C 606 17.83 3.22 -54.82
CA ALA C 606 16.81 3.20 -55.86
C ALA C 606 17.28 2.68 -57.20
N MET C 607 16.56 1.72 -57.74
CA MET C 607 16.90 1.14 -59.04
C MET C 607 16.16 1.89 -60.16
N GLN C 608 14.84 2.01 -60.02
CA GLN C 608 14.04 2.69 -61.03
C GLN C 608 13.51 4.06 -60.61
N LYS C 609 12.90 4.12 -59.44
CA LYS C 609 12.29 5.35 -58.97
C LYS C 609 12.64 5.75 -57.55
N LEU C 610 13.03 7.02 -57.39
CA LEU C 610 13.34 7.56 -56.07
C LEU C 610 12.36 8.70 -55.78
N THR C 611 11.79 8.69 -54.60
CA THR C 611 10.84 9.73 -54.20
C THR C 611 11.27 10.29 -52.85
N LEU C 612 11.37 11.61 -52.76
CA LEU C 612 11.76 12.26 -51.52
C LEU C 612 10.59 13.06 -50.98
N THR C 613 10.35 12.98 -49.68
CA THR C 613 9.26 13.74 -49.08
C THR C 613 9.72 14.47 -47.83
N TYR C 614 9.01 15.55 -47.52
CA TYR C 614 9.28 16.37 -46.35
C TYR C 614 7.95 17.00 -45.94
N ALA C 615 7.78 17.23 -44.64
CA ALA C 615 6.55 17.80 -44.13
C ALA C 615 6.74 19.25 -43.69
N GLU C 616 5.81 20.11 -44.09
CA GLU C 616 5.88 21.51 -43.71
C GLU C 616 5.91 21.56 -42.19
N THR C 617 5.15 20.67 -41.55
CA THR C 617 5.12 20.66 -40.10
C THR C 617 4.83 19.28 -39.53
N ARG C 618 5.33 19.04 -38.32
CA ARG C 618 5.07 17.77 -37.67
C ARG C 618 5.11 18.04 -36.18
N ARG C 619 4.47 17.17 -35.41
CA ARG C 619 4.45 17.36 -33.97
C ARG C 619 5.48 16.48 -33.30
N LEU C 620 6.41 17.11 -32.59
CA LEU C 620 7.47 16.38 -31.92
C LEU C 620 7.57 16.83 -30.47
N TYR C 621 7.46 15.87 -29.56
CA TYR C 621 7.54 16.15 -28.14
C TYR C 621 6.49 17.18 -27.73
N GLY C 622 5.26 16.94 -28.14
CA GLY C 622 4.16 17.82 -27.79
C GLY C 622 4.13 19.19 -28.45
N LYS C 623 5.09 19.49 -29.31
CA LYS C 623 5.10 20.82 -29.93
C LYS C 623 5.13 20.77 -31.46
N GLU C 624 4.45 21.73 -32.09
CA GLU C 624 4.46 21.77 -33.55
C GLU C 624 5.77 22.43 -33.95
N VAL C 625 6.43 21.90 -34.97
CA VAL C 625 7.68 22.48 -35.44
C VAL C 625 7.54 22.64 -36.93
N TYR C 626 8.22 23.64 -37.49
CA TYR C 626 8.22 23.90 -38.93
C TYR C 626 9.65 23.83 -39.46
N HIS C 627 10.16 22.62 -39.64
CA HIS C 627 11.52 22.40 -40.12
C HIS C 627 11.79 23.01 -41.49
N ARG C 628 13.04 23.39 -41.72
CA ARG C 628 13.44 23.90 -43.02
C ARG C 628 13.58 22.63 -43.87
N PRO C 629 13.46 22.77 -45.20
CA PRO C 629 13.59 21.58 -46.04
C PRO C 629 15.06 21.14 -45.91
N SER C 630 15.30 19.83 -45.98
CA SER C 630 16.66 19.31 -45.87
C SER C 630 17.55 19.92 -46.95
N ARG C 631 18.76 20.30 -46.57
CA ARG C 631 19.70 20.89 -47.52
C ARG C 631 20.07 19.90 -48.60
N PHE C 632 19.88 18.61 -48.34
CA PHE C 632 20.25 17.61 -49.34
C PHE C 632 19.35 17.68 -50.57
N ILE C 633 18.13 18.15 -50.42
CA ILE C 633 17.22 18.27 -51.56
C ILE C 633 17.79 19.25 -52.58
N GLY C 634 18.18 20.43 -52.11
CA GLY C 634 18.73 21.43 -53.01
C GLY C 634 20.07 21.02 -53.63
N GLU C 635 20.77 20.10 -52.99
CA GLU C 635 22.05 19.66 -53.51
C GLU C 635 21.93 18.78 -54.75
N LEU C 636 20.73 18.27 -55.00
CA LEU C 636 20.50 17.44 -56.18
C LEU C 636 20.36 18.32 -57.42
N PRO C 637 20.74 17.82 -58.60
CA PRO C 637 20.61 18.63 -59.83
C PRO C 637 19.14 18.83 -60.17
N GLU C 638 18.75 20.08 -60.42
CA GLU C 638 17.36 20.39 -60.74
C GLU C 638 16.80 19.57 -61.89
N GLU C 639 17.63 19.25 -62.87
CA GLU C 639 17.16 18.47 -64.00
C GLU C 639 16.80 17.02 -63.66
N CYS C 640 17.22 16.54 -62.49
CA CYS C 640 16.92 15.17 -62.09
C CYS C 640 15.69 15.12 -61.19
N VAL C 641 15.25 16.29 -60.75
CA VAL C 641 14.12 16.38 -59.84
C VAL C 641 12.85 16.99 -60.40
N GLU C 642 11.72 16.40 -60.06
CA GLU C 642 10.43 16.88 -60.50
C GLU C 642 9.51 17.02 -59.30
N GLU C 643 9.16 18.25 -58.95
CA GLU C 643 8.28 18.48 -57.82
C GLU C 643 6.89 17.91 -58.10
N VAL C 644 6.31 17.30 -57.10
CA VAL C 644 4.98 16.70 -57.24
C VAL C 644 3.90 17.75 -57.09
N ARG C 645 3.02 17.84 -58.07
CA ARG C 645 1.90 18.79 -58.02
C ARG C 645 0.64 17.93 -58.09
N LEU C 646 -0.09 17.86 -56.99
CA LEU C 646 -1.30 17.05 -56.93
C LEU C 646 -2.31 17.39 -58.01
N ARG C 647 -2.83 16.35 -58.67
CA ARG C 647 -3.81 16.50 -59.74
C ARG C 647 -4.91 17.48 -59.34
N ALA C 648 -5.10 18.50 -60.17
CA ALA C 648 -6.12 19.52 -59.93
C ALA C 648 -7.52 18.91 -59.97
N THR C 649 -8.39 19.36 -59.08
CA THR C 649 -9.75 18.83 -59.02
C THR C 649 -10.83 19.90 -58.87
N VAL C 650 -12.06 19.44 -58.65
CA VAL C 650 -13.23 20.30 -58.49
C VAL C 650 -14.42 19.45 -58.02
N SER C 651 -15.07 19.87 -56.95
CA SER C 651 -16.22 19.15 -56.41
C SER C 651 -17.54 19.91 -56.67
N ARG C 652 -18.65 19.32 -56.25
CA ARG C 652 -19.97 19.93 -56.44
C ARG C 652 -19.99 21.37 -55.92
N PRO C 653 -20.49 22.29 -56.76
CA PRO C 653 -20.57 23.70 -56.42
C PRO C 653 -21.47 23.99 -55.22
N VAL C 654 -20.93 24.68 -54.23
CA VAL C 654 -21.69 25.03 -53.03
C VAL C 654 -21.82 26.55 -52.93
N SER C 655 -23.00 27.06 -53.27
CA SER C 655 -23.27 28.49 -53.23
C SER C 655 -23.75 28.97 -51.86
N HIS C 656 -24.09 30.25 -51.76
CA HIS C 656 -24.57 30.86 -50.53
C HIS C 656 -24.69 32.38 -50.67
N ASP D 2 -53.62 1.13 55.76
CA ASP D 2 -52.23 0.89 55.27
C ASP D 2 -51.22 1.32 56.33
N VAL D 3 -51.18 2.62 56.60
CA VAL D 3 -50.27 3.23 57.58
C VAL D 3 -49.50 2.24 58.43
N SER D 4 -50.23 1.45 59.22
CA SER D 4 -49.62 0.47 60.10
C SER D 4 -48.48 -0.30 59.44
N TYR D 5 -48.77 -1.02 58.36
CA TYR D 5 -47.75 -1.78 57.66
C TYR D 5 -46.45 -0.98 57.49
N LEU D 6 -46.58 0.27 57.04
CA LEU D 6 -45.43 1.14 56.82
C LEU D 6 -44.53 1.36 58.03
N LEU D 7 -45.07 1.26 59.24
CA LEU D 7 -44.28 1.50 60.44
C LEU D 7 -43.91 0.27 61.26
N ASP D 8 -44.66 -0.82 61.10
CA ASP D 8 -44.43 -2.04 61.87
C ASP D 8 -43.00 -2.50 62.13
N SER D 9 -42.17 -2.59 61.08
CA SER D 9 -40.80 -3.06 61.26
C SER D 9 -39.77 -2.02 61.70
N LEU D 10 -40.08 -0.74 61.48
CA LEU D 10 -39.13 0.32 61.80
C LEU D 10 -38.75 0.50 63.26
N ASN D 11 -37.52 0.92 63.50
CA ASN D 11 -37.08 1.18 64.87
C ASN D 11 -37.46 2.64 65.16
N ASP D 12 -37.30 3.05 66.42
CA ASP D 12 -37.63 4.41 66.84
C ASP D 12 -37.17 5.52 65.87
N LYS D 13 -35.90 5.48 65.52
CA LYS D 13 -35.32 6.47 64.63
C LYS D 13 -35.83 6.43 63.20
N GLN D 14 -36.06 5.23 62.69
CA GLN D 14 -36.57 5.09 61.33
C GLN D 14 -38.00 5.62 61.30
N ARG D 15 -38.75 5.35 62.37
CA ARG D 15 -40.14 5.80 62.47
C ARG D 15 -40.18 7.31 62.48
N GLU D 16 -39.31 7.90 63.29
CA GLU D 16 -39.25 9.34 63.39
C GLU D 16 -39.03 9.94 62.02
N ALA D 17 -38.12 9.37 61.25
CA ALA D 17 -37.82 9.89 59.92
C ALA D 17 -38.99 9.68 58.96
N VAL D 18 -39.55 8.48 58.97
CA VAL D 18 -40.65 8.18 58.07
C VAL D 18 -41.96 8.90 58.37
N ALA D 19 -42.32 8.98 59.64
CA ALA D 19 -43.58 9.62 60.06
C ALA D 19 -43.42 11.08 60.47
N ALA D 20 -42.45 11.78 59.89
CA ALA D 20 -42.22 13.17 60.25
C ALA D 20 -43.02 14.12 59.36
N PRO D 21 -43.29 15.35 59.86
CA PRO D 21 -44.05 16.30 59.05
C PRO D 21 -43.19 16.67 57.84
N ARG D 22 -43.81 17.20 56.79
CA ARG D 22 -43.05 17.57 55.60
C ARG D 22 -42.07 18.68 55.97
N SER D 23 -40.79 18.37 55.86
CA SER D 23 -39.75 19.34 56.21
C SER D 23 -38.42 18.85 55.67
N ASN D 24 -37.46 19.74 55.52
CA ASN D 24 -36.16 19.36 55.02
C ASN D 24 -35.44 18.53 56.07
N LEU D 25 -35.19 17.28 55.72
CA LEU D 25 -34.54 16.35 56.65
C LEU D 25 -33.38 15.59 56.04
N LEU D 26 -32.38 15.33 56.87
CA LEU D 26 -31.19 14.57 56.49
C LEU D 26 -31.10 13.35 57.38
N VAL D 27 -31.03 12.17 56.77
CA VAL D 27 -30.89 10.93 57.53
C VAL D 27 -29.44 10.50 57.31
N LEU D 28 -28.62 10.72 58.34
CA LEU D 28 -27.19 10.40 58.28
C LEU D 28 -26.90 9.16 59.12
N ALA D 29 -26.47 8.08 58.47
CA ALA D 29 -26.17 6.84 59.19
C ALA D 29 -25.26 5.89 58.44
N GLY D 30 -24.59 5.02 59.20
CA GLY D 30 -23.69 4.05 58.62
C GLY D 30 -24.39 3.11 57.67
N ALA D 31 -23.59 2.32 56.94
CA ALA D 31 -24.14 1.38 55.97
C ALA D 31 -25.04 0.32 56.60
N GLY D 32 -26.08 -0.08 55.86
CA GLY D 32 -27.00 -1.11 56.32
C GLY D 32 -27.92 -0.82 57.48
N SER D 33 -28.12 0.46 57.79
CA SER D 33 -29.00 0.85 58.90
C SER D 33 -30.42 1.15 58.44
N GLY D 34 -30.71 0.87 57.17
CA GLY D 34 -32.05 1.11 56.66
C GLY D 34 -32.34 2.50 56.12
N LYS D 35 -31.32 3.22 55.67
CA LYS D 35 -31.56 4.55 55.11
C LYS D 35 -32.45 4.44 53.88
N THR D 36 -32.14 3.47 53.01
CA THR D 36 -32.93 3.30 51.80
C THR D 36 -34.33 2.80 52.14
N ARG D 37 -34.45 2.04 53.22
CA ARG D 37 -35.76 1.54 53.64
C ARG D 37 -36.61 2.74 54.07
N VAL D 38 -36.00 3.62 54.86
CA VAL D 38 -36.64 4.83 55.34
C VAL D 38 -37.10 5.70 54.17
N LEU D 39 -36.21 5.90 53.20
CA LEU D 39 -36.53 6.71 52.04
C LEU D 39 -37.76 6.17 51.29
N VAL D 40 -37.79 4.85 51.09
CA VAL D 40 -38.89 4.20 50.38
C VAL D 40 -40.21 4.27 51.16
N HIS D 41 -40.16 3.96 52.45
CA HIS D 41 -41.37 4.00 53.25
C HIS D 41 -41.86 5.44 53.37
N ARG D 42 -40.93 6.39 53.37
CA ARG D 42 -41.27 7.81 53.45
C ARG D 42 -42.12 8.17 52.25
N ILE D 43 -41.78 7.63 51.10
CA ILE D 43 -42.55 7.90 49.89
C ILE D 43 -43.96 7.40 50.07
N ALA D 44 -44.11 6.19 50.59
CA ALA D 44 -45.43 5.60 50.82
C ALA D 44 -46.21 6.44 51.83
N TRP D 45 -45.51 6.93 52.84
CA TRP D 45 -46.16 7.74 53.87
C TRP D 45 -46.69 9.05 53.26
N LEU D 46 -45.88 9.69 52.43
CA LEU D 46 -46.28 10.94 51.79
C LEU D 46 -47.54 10.76 50.95
N MET D 47 -47.67 9.59 50.34
CA MET D 47 -48.83 9.33 49.50
C MET D 47 -50.09 8.93 50.27
N SER D 48 -49.94 8.17 51.34
CA SER D 48 -51.10 7.73 52.10
C SER D 48 -51.53 8.71 53.18
N VAL D 49 -50.60 9.04 54.08
CA VAL D 49 -50.90 9.95 55.18
C VAL D 49 -50.98 11.42 54.75
N GLU D 50 -49.97 11.90 54.04
CA GLU D 50 -49.96 13.30 53.58
C GLU D 50 -50.73 13.48 52.28
N ASN D 51 -51.26 12.39 51.77
CA ASN D 51 -52.02 12.43 50.53
C ASN D 51 -51.35 13.25 49.43
N CYS D 52 -50.05 13.07 49.27
CA CYS D 52 -49.32 13.76 48.23
C CYS D 52 -49.50 12.93 46.97
N SER D 53 -49.56 13.58 45.82
CA SER D 53 -49.72 12.85 44.57
C SER D 53 -48.41 12.22 44.12
N PRO D 54 -48.48 11.04 43.49
CA PRO D 54 -47.28 10.36 43.02
C PRO D 54 -46.50 11.28 42.07
N TYR D 55 -47.24 12.18 41.41
CA TYR D 55 -46.65 13.14 40.47
C TYR D 55 -45.81 14.20 41.14
N SER D 56 -45.92 14.31 42.46
CA SER D 56 -45.18 15.32 43.21
C SER D 56 -43.90 14.76 43.81
N ILE D 57 -43.66 13.48 43.60
CA ILE D 57 -42.50 12.81 44.15
C ILE D 57 -41.34 12.53 43.19
N MET D 58 -40.15 12.96 43.58
CA MET D 58 -38.96 12.71 42.78
C MET D 58 -37.92 12.02 43.66
N ALA D 59 -37.54 10.81 43.28
CA ALA D 59 -36.53 10.05 44.00
C ALA D 59 -35.37 9.91 43.04
N VAL D 60 -34.23 10.45 43.44
CA VAL D 60 -33.07 10.43 42.58
C VAL D 60 -31.80 10.06 43.34
N THR D 61 -30.82 9.57 42.59
CA THR D 61 -29.52 9.20 43.15
C THR D 61 -28.53 9.17 41.99
N PHE D 62 -27.25 8.96 42.28
CA PHE D 62 -26.23 8.97 41.23
C PHE D 62 -26.10 7.77 40.31
N THR D 63 -25.88 6.57 40.87
CA THR D 63 -25.67 5.39 40.03
C THR D 63 -26.93 4.64 39.59
N ASN D 64 -26.80 3.93 38.46
CA ASN D 64 -27.91 3.15 37.93
C ASN D 64 -28.27 2.02 38.91
N LYS D 65 -27.26 1.43 39.55
CA LYS D 65 -27.50 0.34 40.50
C LYS D 65 -28.31 0.81 41.70
N ALA D 66 -27.92 1.96 42.26
CA ALA D 66 -28.60 2.52 43.42
C ALA D 66 -30.03 2.92 43.07
N ALA D 67 -30.21 3.51 41.89
CA ALA D 67 -31.53 3.95 41.43
C ALA D 67 -32.43 2.72 41.22
N ALA D 68 -31.86 1.68 40.64
CA ALA D 68 -32.61 0.45 40.38
C ALA D 68 -33.03 -0.19 41.70
N GLU D 69 -32.21 -0.02 42.73
CA GLU D 69 -32.51 -0.57 44.04
C GLU D 69 -33.72 0.16 44.64
N MET D 70 -33.76 1.49 44.48
CA MET D 70 -34.88 2.31 44.98
C MET D 70 -36.14 1.89 44.25
N ARG D 71 -36.02 1.83 42.92
CA ARG D 71 -37.12 1.47 42.04
C ARG D 71 -37.70 0.13 42.43
N HIS D 72 -36.84 -0.83 42.71
CA HIS D 72 -37.29 -2.17 43.10
C HIS D 72 -38.07 -2.17 44.42
N ARG D 73 -37.52 -1.52 45.44
CA ARG D 73 -38.18 -1.50 46.73
C ARG D 73 -39.49 -0.70 46.68
N ILE D 74 -39.51 0.38 45.93
CA ILE D 74 -40.73 1.17 45.81
C ILE D 74 -41.81 0.24 45.26
N GLY D 75 -41.48 -0.44 44.16
CA GLY D 75 -42.42 -1.35 43.54
C GLY D 75 -42.88 -2.48 44.44
N GLN D 76 -41.99 -2.99 45.30
CA GLN D 76 -42.36 -4.07 46.21
C GLN D 76 -43.21 -3.57 47.37
N LEU D 77 -43.14 -2.28 47.66
CA LEU D 77 -43.91 -1.74 48.77
C LEU D 77 -45.25 -1.15 48.32
N MET D 78 -45.24 -0.50 47.16
CA MET D 78 -46.44 0.13 46.63
C MET D 78 -46.97 -0.43 45.31
N GLY D 79 -46.27 -1.42 44.76
CA GLY D 79 -46.72 -2.02 43.52
C GLY D 79 -46.85 -1.04 42.36
N THR D 80 -48.09 -0.79 41.95
CA THR D 80 -48.40 0.10 40.84
C THR D 80 -48.75 1.53 41.27
N SER D 81 -48.96 1.73 42.57
CA SER D 81 -49.30 3.04 43.10
C SER D 81 -48.09 3.98 43.03
N GLN D 82 -47.45 4.01 41.86
CA GLN D 82 -46.27 4.84 41.64
C GLN D 82 -46.30 5.60 40.31
N GLY D 83 -47.40 5.47 39.57
CA GLY D 83 -47.50 6.17 38.30
C GLY D 83 -47.35 7.67 38.44
N GLY D 84 -46.53 8.28 37.58
CA GLY D 84 -46.32 9.72 37.65
C GLY D 84 -45.12 10.09 38.49
N MET D 85 -44.61 9.12 39.22
CA MET D 85 -43.46 9.32 40.08
C MET D 85 -42.16 9.27 39.27
N TRP D 86 -41.24 10.18 39.56
CA TRP D 86 -39.95 10.22 38.87
C TRP D 86 -38.87 9.57 39.73
N VAL D 87 -38.37 8.43 39.27
CA VAL D 87 -37.32 7.68 39.97
C VAL D 87 -36.18 7.37 39.00
N GLY D 88 -34.99 7.89 39.29
CA GLY D 88 -33.87 7.63 38.40
C GLY D 88 -32.59 8.28 38.88
N THR D 89 -31.66 8.47 37.95
CA THR D 89 -30.37 9.07 38.25
C THR D 89 -30.37 10.56 37.90
N PHE D 90 -29.36 11.29 38.36
CA PHE D 90 -29.27 12.70 38.04
C PHE D 90 -29.19 12.86 36.53
N HIS D 91 -28.29 12.12 35.89
CA HIS D 91 -28.14 12.22 34.44
C HIS D 91 -29.42 11.76 33.74
N GLY D 92 -30.05 10.73 34.27
CA GLY D 92 -31.27 10.23 33.67
C GLY D 92 -32.39 11.26 33.70
N LEU D 93 -32.66 11.82 34.87
CA LEU D 93 -33.73 12.80 34.99
C LEU D 93 -33.35 14.09 34.27
N ALA D 94 -32.07 14.45 34.30
CA ALA D 94 -31.64 15.66 33.61
C ALA D 94 -31.87 15.43 32.12
N HIS D 95 -31.61 14.19 31.66
CA HIS D 95 -31.79 13.85 30.27
C HIS D 95 -33.26 13.91 29.84
N ARG D 96 -34.14 13.47 30.71
CA ARG D 96 -35.58 13.48 30.42
C ARG D 96 -36.10 14.90 30.31
N LEU D 97 -35.52 15.80 31.11
CA LEU D 97 -35.91 17.19 31.08
C LEU D 97 -35.47 17.86 29.78
N LEU D 98 -34.22 17.64 29.39
CA LEU D 98 -33.67 18.23 28.17
C LEU D 98 -34.39 17.75 26.91
N ARG D 99 -34.95 16.54 26.95
CA ARG D 99 -35.68 16.03 25.80
C ARG D 99 -37.03 16.75 25.71
N ALA D 100 -37.71 16.86 26.85
CA ALA D 100 -39.01 17.50 26.93
C ALA D 100 -38.97 19.01 26.77
N HIS D 101 -37.78 19.59 26.75
CA HIS D 101 -37.64 21.03 26.57
C HIS D 101 -36.40 21.37 25.75
N HIS D 102 -36.09 20.54 24.76
CA HIS D 102 -34.90 20.75 23.95
C HIS D 102 -34.85 22.14 23.32
N MET D 103 -36.00 22.61 22.82
CA MET D 103 -36.05 23.94 22.23
C MET D 103 -35.57 24.98 23.24
N ASP D 104 -36.18 24.97 24.43
CA ASP D 104 -35.81 25.91 25.48
C ASP D 104 -34.40 25.65 25.99
N ALA D 105 -33.93 24.42 25.80
CA ALA D 105 -32.57 24.05 26.23
C ALA D 105 -31.60 24.40 25.12
N ASN D 106 -32.16 24.70 23.94
CA ASN D 106 -31.37 25.06 22.77
C ASN D 106 -30.70 23.83 22.17
N LEU D 107 -31.44 22.73 22.12
CA LEU D 107 -30.93 21.48 21.59
C LEU D 107 -31.87 20.92 20.52
N PRO D 108 -31.32 20.13 19.59
CA PRO D 108 -32.18 19.56 18.55
C PRO D 108 -33.04 18.46 19.17
N GLN D 109 -34.12 18.10 18.50
CA GLN D 109 -35.03 17.07 18.98
C GLN D 109 -34.29 15.78 19.35
N ASP D 110 -33.43 15.32 18.44
CA ASP D 110 -32.69 14.08 18.67
C ASP D 110 -31.21 14.27 18.92
N PHE D 111 -30.84 15.03 19.96
CA PHE D 111 -29.44 15.23 20.25
C PHE D 111 -28.86 13.88 20.65
N GLN D 112 -27.57 13.69 20.39
CA GLN D 112 -26.90 12.44 20.72
C GLN D 112 -25.99 12.61 21.93
N ILE D 113 -26.05 11.64 22.83
CA ILE D 113 -25.22 11.68 24.02
C ILE D 113 -23.81 11.20 23.69
N LEU D 114 -22.83 11.97 24.14
CA LEU D 114 -21.43 11.66 23.89
C LEU D 114 -20.86 10.95 25.11
N ASP D 115 -20.49 9.68 24.95
CA ASP D 115 -19.92 8.95 26.08
C ASP D 115 -18.43 9.20 26.16
N SER D 116 -17.77 8.57 27.14
CA SER D 116 -16.34 8.76 27.35
C SER D 116 -15.44 8.52 26.13
N GLU D 117 -15.54 7.35 25.52
CA GLU D 117 -14.71 7.05 24.35
C GLU D 117 -14.87 8.15 23.31
N ASP D 118 -16.11 8.38 22.87
CA ASP D 118 -16.41 9.40 21.87
C ASP D 118 -15.87 10.77 22.26
N GLN D 119 -16.09 11.16 23.51
CA GLN D 119 -15.62 12.46 23.97
C GLN D 119 -14.11 12.59 23.77
N LEU D 120 -13.38 11.57 24.22
CA LEU D 120 -11.93 11.57 24.11
C LEU D 120 -11.46 11.60 22.65
N ARG D 121 -12.09 10.81 21.79
CA ARG D 121 -11.72 10.78 20.39
C ARG D 121 -11.84 12.16 19.77
N LEU D 122 -13.00 12.78 19.97
CA LEU D 122 -13.25 14.11 19.44
C LEU D 122 -12.20 15.07 19.95
N LEU D 123 -11.87 14.98 21.24
CA LEU D 123 -10.86 15.87 21.81
C LEU D 123 -9.50 15.64 21.17
N LYS D 124 -9.27 14.44 20.65
CA LYS D 124 -8.00 14.15 19.99
C LYS D 124 -8.00 14.84 18.64
N ARG D 125 -9.10 14.69 17.91
CA ARG D 125 -9.24 15.31 16.60
C ARG D 125 -9.20 16.83 16.73
N LEU D 126 -9.83 17.34 17.77
CA LEU D 126 -9.89 18.78 18.02
C LEU D 126 -8.52 19.39 18.34
N ILE D 127 -7.80 18.77 19.27
CA ILE D 127 -6.49 19.25 19.67
C ILE D 127 -5.50 19.29 18.51
N LYS D 128 -5.53 18.26 17.67
CA LYS D 128 -4.62 18.22 16.52
C LYS D 128 -4.98 19.33 15.54
N ALA D 129 -6.27 19.51 15.28
CA ALA D 129 -6.72 20.55 14.36
C ALA D 129 -6.27 21.92 14.82
N MET D 130 -6.07 22.08 16.12
CA MET D 130 -5.62 23.35 16.68
C MET D 130 -4.09 23.37 16.65
N ASN D 131 -3.53 22.54 15.78
CA ASN D 131 -2.08 22.43 15.62
C ASN D 131 -1.33 22.32 16.94
N LEU D 132 -2.00 21.78 17.95
CA LEU D 132 -1.38 21.62 19.27
C LEU D 132 -0.67 20.27 19.33
N ASP D 133 0.47 20.24 20.01
CA ASP D 133 1.24 19.01 20.14
C ASP D 133 0.54 18.06 21.12
N GLU D 134 0.10 16.92 20.60
CA GLU D 134 -0.61 15.92 21.40
C GLU D 134 0.10 15.57 22.70
N LYS D 135 1.43 15.43 22.64
CA LYS D 135 2.21 15.10 23.83
C LYS D 135 2.35 16.33 24.72
N GLN D 136 2.13 17.50 24.15
CA GLN D 136 2.23 18.75 24.89
C GLN D 136 0.88 19.07 25.52
N TRP D 137 -0.19 18.60 24.89
CA TRP D 137 -1.54 18.82 25.37
C TRP D 137 -2.37 17.54 25.24
N PRO D 138 -2.19 16.61 26.19
CA PRO D 138 -2.89 15.32 26.21
C PRO D 138 -4.40 15.45 26.18
N PRO D 139 -5.06 14.81 25.20
CA PRO D 139 -6.52 14.86 25.09
C PRO D 139 -7.18 14.38 26.38
N ARG D 140 -6.50 13.49 27.08
CA ARG D 140 -6.98 12.95 28.33
C ARG D 140 -7.04 14.08 29.36
N GLN D 141 -6.08 14.99 29.25
CA GLN D 141 -6.01 16.15 30.14
C GLN D 141 -7.18 17.07 29.84
N ALA D 142 -7.43 17.31 28.56
CA ALA D 142 -8.51 18.17 28.14
C ALA D 142 -9.83 17.63 28.68
N MET D 143 -10.03 16.32 28.52
CA MET D 143 -11.25 15.67 28.99
C MET D 143 -11.41 15.87 30.49
N TRP D 144 -10.35 15.62 31.24
CA TRP D 144 -10.38 15.78 32.69
C TRP D 144 -10.70 17.23 33.01
N TYR D 145 -10.05 18.14 32.28
CA TYR D 145 -10.24 19.57 32.47
C TYR D 145 -11.68 20.01 32.20
N ILE D 146 -12.15 19.73 30.99
CA ILE D 146 -13.50 20.11 30.59
C ILE D 146 -14.59 19.56 31.53
N ASN D 147 -14.57 18.26 31.78
CA ASN D 147 -15.57 17.66 32.65
C ASN D 147 -15.50 18.23 34.06
N SER D 148 -14.28 18.41 34.56
CA SER D 148 -14.08 18.95 35.89
C SER D 148 -14.65 20.36 35.94
N GLN D 149 -14.58 21.06 34.81
CA GLN D 149 -15.08 22.41 34.74
C GLN D 149 -16.60 22.38 34.82
N LYS D 150 -17.21 21.41 34.12
CA LYS D 150 -18.65 21.27 34.13
C LYS D 150 -19.18 20.69 35.45
N ASP D 151 -18.34 19.96 36.18
CA ASP D 151 -18.77 19.38 37.46
C ASP D 151 -19.13 20.54 38.38
N GLU D 152 -18.49 21.68 38.16
CA GLU D 152 -18.71 22.88 38.95
C GLU D 152 -19.75 23.81 38.32
N GLY D 153 -20.17 23.48 37.10
CA GLY D 153 -21.15 24.31 36.41
C GLY D 153 -20.50 25.50 35.73
N LEU D 154 -19.19 25.41 35.49
CA LEU D 154 -18.46 26.48 34.85
C LEU D 154 -18.39 26.34 33.34
N ARG D 155 -18.68 27.42 32.64
CA ARG D 155 -18.62 27.43 31.18
C ARG D 155 -17.25 27.93 30.75
N PRO D 156 -16.91 27.78 29.44
CA PRO D 156 -15.61 28.22 28.91
C PRO D 156 -15.16 29.63 29.26
N HIS D 157 -15.98 30.34 30.04
CA HIS D 157 -15.61 31.69 30.45
C HIS D 157 -14.44 31.54 31.42
N HIS D 158 -14.74 31.23 32.68
CA HIS D 158 -13.73 31.04 33.72
C HIS D 158 -12.72 32.17 33.88
N ILE D 159 -12.16 32.29 35.08
CA ILE D 159 -11.18 33.33 35.38
C ILE D 159 -9.90 32.71 35.95
N ASN D 164 -3.63 32.32 33.99
CA ASN D 164 -2.40 31.55 33.86
C ASN D 164 -2.10 31.26 32.39
N PRO D 165 -0.85 30.89 32.08
CA PRO D 165 -0.47 30.59 30.70
C PRO D 165 -1.16 29.34 30.16
N VAL D 166 -0.98 28.21 30.84
CA VAL D 166 -1.58 26.95 30.44
C VAL D 166 -3.10 26.99 30.62
N GLU D 167 -3.54 27.76 31.60
CA GLU D 167 -4.96 27.90 31.91
C GLU D 167 -5.72 28.43 30.69
N GLN D 168 -5.16 29.43 30.03
CA GLN D 168 -5.80 30.03 28.87
C GLN D 168 -5.91 29.09 27.67
N THR D 169 -4.96 28.17 27.53
CA THR D 169 -4.99 27.24 26.41
C THR D 169 -6.13 26.24 26.60
N TRP D 170 -6.16 25.59 27.76
CA TRP D 170 -7.21 24.62 28.07
C TRP D 170 -8.55 25.32 27.95
N GLN D 171 -8.59 26.57 28.40
CA GLN D 171 -9.82 27.36 28.34
C GLN D 171 -10.28 27.41 26.88
N LYS D 172 -9.32 27.54 25.96
CA LYS D 172 -9.62 27.61 24.53
C LYS D 172 -10.06 26.25 24.00
N VAL D 173 -9.35 25.19 24.40
CA VAL D 173 -9.69 23.84 23.96
C VAL D 173 -11.13 23.56 24.39
N TYR D 174 -11.48 24.03 25.57
CA TYR D 174 -12.81 23.85 26.13
C TYR D 174 -13.83 24.58 25.26
N GLN D 175 -13.47 25.79 24.82
CA GLN D 175 -14.36 26.60 23.99
C GLN D 175 -14.65 25.97 22.64
N ALA D 176 -13.60 25.51 21.97
CA ALA D 176 -13.75 24.88 20.66
C ALA D 176 -14.61 23.63 20.80
N TYR D 177 -14.35 22.88 21.87
CA TYR D 177 -15.07 21.65 22.17
C TYR D 177 -16.58 21.88 22.25
N GLN D 178 -16.99 22.88 23.02
CA GLN D 178 -18.41 23.18 23.15
C GLN D 178 -19.02 23.50 21.80
N GLU D 179 -18.36 24.41 21.08
CA GLU D 179 -18.82 24.83 19.75
C GLU D 179 -18.93 23.63 18.83
N ALA D 180 -17.93 22.76 18.87
CA ALA D 180 -17.95 21.57 18.04
C ALA D 180 -19.15 20.70 18.40
N CYS D 181 -19.34 20.46 19.69
CA CYS D 181 -20.46 19.63 20.17
C CYS D 181 -21.82 20.23 19.84
N ASP D 182 -22.10 21.43 20.34
CA ASP D 182 -23.38 22.07 20.09
C ASP D 182 -23.68 22.10 18.59
N ARG D 183 -22.63 22.25 17.78
CA ARG D 183 -22.80 22.28 16.34
C ARG D 183 -23.27 20.92 15.82
N ALA D 184 -22.59 19.85 16.25
CA ALA D 184 -22.95 18.51 15.83
C ALA D 184 -24.21 18.00 16.55
N GLY D 185 -24.64 18.72 17.56
CA GLY D 185 -25.81 18.30 18.31
C GLY D 185 -25.44 17.19 19.28
N LEU D 186 -24.25 17.29 19.86
CA LEU D 186 -23.77 16.29 20.79
C LEU D 186 -23.75 16.81 22.22
N VAL D 187 -24.13 15.95 23.15
CA VAL D 187 -24.18 16.31 24.56
C VAL D 187 -23.42 15.27 25.39
N ASP D 188 -22.36 15.68 26.08
CA ASP D 188 -21.63 14.73 26.91
C ASP D 188 -22.35 14.58 28.25
N PHE D 189 -22.00 13.54 29.00
CA PHE D 189 -22.64 13.29 30.29
C PHE D 189 -22.72 14.50 31.20
N ALA D 190 -21.61 15.23 31.31
CA ALA D 190 -21.58 16.40 32.16
C ALA D 190 -22.46 17.51 31.58
N GLU D 191 -22.52 17.58 30.26
CA GLU D 191 -23.34 18.59 29.59
C GLU D 191 -24.80 18.42 30.00
N LEU D 192 -25.22 17.18 30.22
CA LEU D 192 -26.60 16.91 30.61
C LEU D 192 -26.99 17.59 31.91
N LEU D 193 -26.13 17.47 32.92
CA LEU D 193 -26.42 18.07 34.21
C LEU D 193 -26.42 19.59 34.11
N LEU D 194 -25.34 20.15 33.57
CA LEU D 194 -25.20 21.59 33.43
C LEU D 194 -26.31 22.23 32.59
N ARG D 195 -26.63 21.60 31.46
CA ARG D 195 -27.67 22.12 30.57
C ARG D 195 -29.02 22.09 31.26
N ALA D 196 -29.29 21.00 31.99
CA ALA D 196 -30.56 20.87 32.71
C ALA D 196 -30.70 21.97 33.76
N HIS D 197 -29.60 22.28 34.43
CA HIS D 197 -29.60 23.31 35.46
C HIS D 197 -29.78 24.70 34.84
N GLU D 198 -29.07 24.96 33.74
CA GLU D 198 -29.18 26.24 33.07
C GLU D 198 -30.60 26.44 32.58
N LEU D 199 -31.25 25.34 32.24
CA LEU D 199 -32.62 25.38 31.75
C LEU D 199 -33.54 26.01 32.78
N TRP D 200 -33.21 25.84 34.07
CA TRP D 200 -34.04 26.41 35.12
C TRP D 200 -33.58 27.82 35.46
N LEU D 201 -32.30 28.11 35.22
CA LEU D 201 -31.77 29.43 35.50
C LEU D 201 -32.18 30.43 34.42
N ASN D 202 -32.57 29.92 33.25
CA ASN D 202 -32.95 30.78 32.14
C ASN D 202 -34.42 30.72 31.78
N LYS D 203 -35.11 29.69 32.26
CA LYS D 203 -36.53 29.55 31.97
C LYS D 203 -37.38 29.48 33.24
N PRO D 204 -37.55 30.63 33.91
CA PRO D 204 -38.32 30.77 35.15
C PRO D 204 -39.67 30.08 35.13
N HIS D 205 -40.38 30.21 34.01
CA HIS D 205 -41.69 29.59 33.90
C HIS D 205 -41.57 28.06 33.91
N ILE D 206 -40.45 27.56 33.40
CA ILE D 206 -40.21 26.11 33.38
C ILE D 206 -39.91 25.65 34.81
N LEU D 207 -39.02 26.38 35.48
CA LEU D 207 -38.65 26.06 36.85
C LEU D 207 -39.90 26.09 37.74
N GLN D 208 -40.71 27.14 37.58
CA GLN D 208 -41.93 27.28 38.37
C GLN D 208 -42.82 26.06 38.22
N HIS D 209 -42.99 25.59 36.99
CA HIS D 209 -43.83 24.42 36.75
C HIS D 209 -43.37 23.19 37.53
N TYR D 210 -42.06 22.98 37.59
CA TYR D 210 -41.53 21.83 38.30
C TYR D 210 -41.54 22.02 39.81
N ARG D 211 -41.41 23.26 40.26
CA ARG D 211 -41.46 23.54 41.69
C ARG D 211 -42.89 23.31 42.15
N GLU D 212 -43.83 23.48 41.23
CA GLU D 212 -45.23 23.28 41.55
C GLU D 212 -45.56 21.80 41.54
N ARG D 213 -44.88 21.04 40.68
CA ARG D 213 -45.13 19.61 40.60
C ARG D 213 -44.34 18.81 41.63
N PHE D 214 -43.02 18.95 41.60
CA PHE D 214 -42.16 18.20 42.51
C PHE D 214 -41.89 18.91 43.82
N THR D 215 -42.82 18.74 44.75
CA THR D 215 -42.70 19.36 46.06
C THR D 215 -42.07 18.39 47.05
N ASN D 216 -41.91 17.15 46.61
CA ASN D 216 -41.31 16.11 47.44
C ASN D 216 -40.10 15.50 46.73
N ILE D 217 -38.91 15.85 47.22
CA ILE D 217 -37.68 15.34 46.64
C ILE D 217 -36.96 14.45 47.66
N LEU D 218 -36.48 13.30 47.19
CA LEU D 218 -35.75 12.39 48.05
C LEU D 218 -34.49 11.96 47.32
N VAL D 219 -33.35 12.06 48.00
CA VAL D 219 -32.08 11.70 47.38
C VAL D 219 -31.38 10.60 48.17
N ASP D 220 -31.01 9.51 47.49
CA ASP D 220 -30.30 8.44 48.18
C ASP D 220 -28.81 8.65 47.93
N GLU D 221 -27.98 8.04 48.77
CA GLU D 221 -26.52 8.16 48.65
C GLU D 221 -26.16 9.61 48.37
N PHE D 222 -26.65 10.52 49.20
CA PHE D 222 -26.39 11.94 49.00
C PHE D 222 -24.93 12.32 48.85
N GLN D 223 -24.03 11.62 49.54
CA GLN D 223 -22.63 11.98 49.45
C GLN D 223 -22.01 11.79 48.05
N ASP D 224 -22.80 11.33 47.09
CA ASP D 224 -22.29 11.15 45.71
C ASP D 224 -22.49 12.43 44.89
N THR D 225 -23.29 13.36 45.42
CA THR D 225 -23.59 14.59 44.70
C THR D 225 -22.40 15.53 44.55
N ASN D 226 -22.15 15.98 43.32
CA ASN D 226 -21.07 16.92 43.13
C ASN D 226 -21.71 18.31 43.20
N ASN D 227 -20.95 19.36 42.95
CA ASN D 227 -21.51 20.70 43.06
C ASN D 227 -22.65 21.03 42.10
N ILE D 228 -22.60 20.55 40.86
CA ILE D 228 -23.67 20.84 39.93
C ILE D 228 -24.96 20.13 40.31
N GLN D 229 -24.84 18.89 40.79
CA GLN D 229 -26.02 18.12 41.20
C GLN D 229 -26.66 18.72 42.46
N TYR D 230 -25.83 19.23 43.37
CA TYR D 230 -26.33 19.85 44.57
C TYR D 230 -27.16 21.08 44.21
N ALA D 231 -26.57 21.97 43.40
CA ALA D 231 -27.25 23.20 42.97
C ALA D 231 -28.59 22.85 42.36
N TRP D 232 -28.56 21.90 41.43
CA TRP D 232 -29.74 21.43 40.74
C TRP D 232 -30.87 21.09 41.73
N ILE D 233 -30.54 20.31 42.76
CA ILE D 233 -31.52 19.92 43.78
C ILE D 233 -31.97 21.15 44.57
N ARG D 234 -31.00 21.93 45.03
CA ARG D 234 -31.28 23.11 45.82
C ARG D 234 -32.24 24.03 45.07
N LEU D 235 -32.00 24.20 43.78
CA LEU D 235 -32.81 25.06 42.93
C LEU D 235 -34.22 24.52 42.74
N LEU D 236 -34.37 23.21 42.55
CA LEU D 236 -35.69 22.62 42.35
C LEU D 236 -36.54 22.82 43.60
N ALA D 237 -35.94 22.61 44.76
CA ALA D 237 -36.64 22.76 46.03
C ALA D 237 -36.93 24.20 46.37
N GLY D 238 -36.03 25.10 45.97
CA GLY D 238 -36.21 26.50 46.27
C GLY D 238 -36.57 26.67 47.73
N ASP D 239 -37.59 27.47 48.02
CA ASP D 239 -38.01 27.69 49.39
C ASP D 239 -39.38 27.08 49.68
N THR D 240 -39.90 26.30 48.74
CA THR D 240 -41.20 25.66 48.92
C THR D 240 -41.14 24.14 48.98
N GLY D 241 -40.22 23.54 48.22
CA GLY D 241 -40.09 22.09 48.20
C GLY D 241 -39.48 21.48 49.44
N LYS D 242 -39.99 20.32 49.86
CA LYS D 242 -39.48 19.63 51.04
C LYS D 242 -38.63 18.45 50.61
N VAL D 243 -37.43 18.36 51.18
CA VAL D 243 -36.50 17.33 50.79
C VAL D 243 -35.97 16.40 51.88
N MET D 244 -35.79 15.14 51.51
CA MET D 244 -35.19 14.17 52.42
C MET D 244 -33.94 13.66 51.70
N ILE D 245 -32.80 13.79 52.35
CA ILE D 245 -31.58 13.28 51.76
C ILE D 245 -31.04 12.26 52.75
N VAL D 246 -30.57 11.12 52.26
CA VAL D 246 -30.00 10.12 53.15
C VAL D 246 -28.61 9.78 52.65
N GLY D 247 -27.72 9.45 53.57
CA GLY D 247 -26.36 9.12 53.19
C GLY D 247 -25.43 8.86 54.36
N ASP D 248 -24.15 8.70 54.04
CA ASP D 248 -23.14 8.42 55.05
C ASP D 248 -21.81 8.95 54.51
N ASP D 249 -21.22 9.90 55.22
CA ASP D 249 -19.96 10.45 54.74
C ASP D 249 -18.84 9.45 54.76
N ASP D 250 -19.01 8.34 55.48
CA ASP D 250 -17.96 7.31 55.49
C ASP D 250 -17.98 6.53 54.18
N GLN D 251 -18.95 6.84 53.32
CA GLN D 251 -19.07 6.16 52.04
C GLN D 251 -18.91 7.14 50.88
N SER D 252 -18.17 8.22 51.14
CA SER D 252 -17.89 9.23 50.12
C SER D 252 -16.76 8.65 49.27
N ILE D 253 -17.04 8.32 48.02
CA ILE D 253 -16.04 7.72 47.16
C ILE D 253 -15.96 8.31 45.76
N TYR D 254 -16.53 9.49 45.59
CA TYR D 254 -16.53 10.14 44.29
C TYR D 254 -15.83 11.51 44.29
N GLY D 255 -14.89 11.67 45.23
CA GLY D 255 -14.15 12.91 45.32
C GLY D 255 -13.52 13.24 43.98
N TRP D 256 -13.08 12.21 43.26
CA TRP D 256 -12.46 12.39 41.94
C TRP D 256 -13.40 12.99 40.89
N ARG D 257 -14.69 13.07 41.20
CA ARG D 257 -15.62 13.66 40.24
C ARG D 257 -16.41 14.81 40.84
N GLY D 258 -15.82 15.48 41.81
CA GLY D 258 -16.46 16.62 42.43
C GLY D 258 -17.28 16.44 43.68
N ALA D 259 -17.66 15.21 44.03
CA ALA D 259 -18.48 14.98 45.23
C ALA D 259 -17.69 15.20 46.51
N GLN D 260 -18.09 16.21 47.29
CA GLN D 260 -17.40 16.54 48.54
C GLN D 260 -18.27 16.38 49.77
N VAL D 261 -17.66 15.95 50.88
CA VAL D 261 -18.36 15.75 52.14
C VAL D 261 -19.06 17.02 52.63
N GLU D 262 -18.43 18.16 52.42
CA GLU D 262 -19.00 19.43 52.84
C GLU D 262 -20.46 19.58 52.40
N ASN D 263 -20.82 18.90 51.32
CA ASN D 263 -22.18 18.99 50.79
C ASN D 263 -23.26 18.61 51.78
N ILE D 264 -22.99 17.63 52.64
CA ILE D 264 -23.99 17.24 53.62
C ILE D 264 -24.25 18.42 54.54
N GLN D 265 -23.18 19.04 55.02
CA GLN D 265 -23.30 20.19 55.90
C GLN D 265 -23.94 21.35 55.15
N ARG D 266 -23.56 21.51 53.88
CA ARG D 266 -24.13 22.59 53.07
C ARG D 266 -25.64 22.48 53.07
N PHE D 267 -26.16 21.26 52.94
CA PHE D 267 -27.60 21.03 52.95
C PHE D 267 -28.22 21.56 54.22
N LEU D 268 -27.58 21.29 55.34
CA LEU D 268 -28.09 21.74 56.62
C LEU D 268 -28.04 23.27 56.74
N ASN D 269 -27.11 23.90 56.02
CA ASN D 269 -26.99 25.34 56.07
C ASN D 269 -27.97 26.05 55.14
N ASP D 270 -28.10 25.53 53.93
CA ASP D 270 -28.96 26.16 52.93
C ASP D 270 -30.46 25.87 52.98
N PHE D 271 -30.84 24.61 53.05
CA PHE D 271 -32.26 24.26 53.06
C PHE D 271 -32.99 24.68 54.32
N PRO D 272 -34.09 25.43 54.15
CA PRO D 272 -34.93 25.93 55.24
C PRO D 272 -35.43 24.87 56.21
N GLY D 273 -35.13 25.07 57.49
CA GLY D 273 -35.57 24.15 58.52
C GLY D 273 -34.84 22.81 58.57
N ALA D 274 -33.78 22.69 57.79
CA ALA D 274 -33.00 21.46 57.73
C ALA D 274 -32.67 20.91 59.11
N GLU D 275 -32.94 19.61 59.29
CA GLU D 275 -32.68 18.94 60.55
C GLU D 275 -32.03 17.58 60.29
N THR D 276 -31.24 17.11 61.25
CA THR D 276 -30.56 15.83 61.11
C THR D 276 -31.12 14.75 62.03
N ILE D 277 -31.24 13.54 61.49
CA ILE D 277 -31.70 12.41 62.28
C ILE D 277 -30.71 11.29 62.01
N ARG D 278 -30.20 10.70 63.09
CA ARG D 278 -29.22 9.63 62.97
C ARG D 278 -29.80 8.28 63.32
N LEU D 279 -29.45 7.28 62.50
CA LEU D 279 -29.87 5.90 62.74
C LEU D 279 -28.60 5.25 63.30
N GLU D 280 -28.75 4.15 64.04
CA GLU D 280 -27.56 3.50 64.61
C GLU D 280 -27.51 1.99 64.47
N GLN D 281 -28.69 1.37 64.35
CA GLN D 281 -28.77 -0.08 64.24
C GLN D 281 -28.59 -0.62 62.82
N ASN D 282 -27.75 -1.65 62.69
CA ASN D 282 -27.48 -2.31 61.41
C ASN D 282 -28.31 -3.59 61.31
N TYR D 283 -29.00 -3.78 60.19
CA TYR D 283 -29.82 -4.98 60.01
C TYR D 283 -29.29 -5.86 58.88
N ARG D 284 -28.21 -5.44 58.24
CA ARG D 284 -27.68 -6.19 57.11
C ARG D 284 -26.70 -7.30 57.40
N SER D 285 -25.68 -6.98 58.19
CA SER D 285 -24.62 -7.91 58.43
C SER D 285 -24.47 -8.58 59.80
N THR D 286 -23.66 -9.63 59.81
CA THR D 286 -23.37 -10.37 61.03
C THR D 286 -22.45 -9.46 61.84
N SER D 287 -22.26 -9.79 63.11
CA SER D 287 -21.40 -9.00 63.97
C SER D 287 -19.95 -9.03 63.49
N ASN D 288 -19.49 -10.20 63.06
CA ASN D 288 -18.12 -10.35 62.57
C ASN D 288 -17.81 -9.35 61.45
N ILE D 289 -18.68 -9.32 60.44
CA ILE D 289 -18.52 -8.43 59.31
C ILE D 289 -18.63 -6.98 59.73
N LEU D 290 -19.54 -6.71 60.67
CA LEU D 290 -19.74 -5.37 61.14
C LEU D 290 -18.56 -4.83 61.95
N SER D 291 -17.94 -5.69 62.76
CA SER D 291 -16.81 -5.23 63.58
C SER D 291 -15.56 -5.08 62.71
N ALA D 292 -15.43 -5.87 61.66
CA ALA D 292 -14.28 -5.73 60.80
C ALA D 292 -14.45 -4.38 60.10
N ALA D 293 -15.66 -4.10 59.64
CA ALA D 293 -15.94 -2.84 58.96
C ALA D 293 -15.59 -1.64 59.84
N ASN D 294 -15.96 -1.72 61.11
CA ASN D 294 -15.69 -0.62 62.04
C ASN D 294 -14.20 -0.40 62.29
N ALA D 295 -13.46 -1.48 62.51
CA ALA D 295 -12.03 -1.38 62.75
C ALA D 295 -11.40 -0.76 61.51
N LEU D 296 -11.90 -1.16 60.36
CA LEU D 296 -11.39 -0.67 59.09
C LEU D 296 -11.58 0.84 58.95
N ILE D 297 -12.81 1.31 59.12
CA ILE D 297 -13.10 2.72 58.96
C ILE D 297 -12.44 3.61 60.03
N GLU D 298 -12.18 3.03 61.20
CA GLU D 298 -11.55 3.78 62.28
C GLU D 298 -10.13 4.23 61.97
N ASN D 299 -9.51 3.65 60.95
CA ASN D 299 -8.15 4.01 60.57
C ASN D 299 -8.09 5.32 59.80
N ASN D 300 -9.26 5.88 59.48
CA ASN D 300 -9.33 7.17 58.77
C ASN D 300 -9.49 8.24 59.85
N ASN D 301 -8.81 9.36 59.66
CA ASN D 301 -8.88 10.45 60.64
C ASN D 301 -9.99 11.45 60.32
N GLY D 302 -10.34 12.25 61.32
CA GLY D 302 -11.38 13.26 61.15
C GLY D 302 -12.78 12.73 61.37
N ARG D 303 -12.90 11.43 61.63
CA ARG D 303 -14.21 10.84 61.85
C ARG D 303 -14.76 11.14 63.23
N LEU D 304 -16.02 11.55 63.27
CA LEU D 304 -16.69 11.90 64.51
C LEU D 304 -17.12 10.68 65.33
N GLY D 305 -17.08 9.51 64.70
CA GLY D 305 -17.45 8.29 65.42
C GLY D 305 -18.53 7.42 64.79
N LYS D 306 -19.79 7.86 64.90
CA LYS D 306 -20.92 7.11 64.37
C LYS D 306 -20.96 5.69 64.93
N LYS D 307 -20.29 4.78 64.23
CA LYS D 307 -20.19 3.37 64.63
C LYS D 307 -21.53 2.72 64.98
N LEU D 308 -22.08 1.97 64.04
CA LEU D 308 -23.35 1.28 64.28
C LEU D 308 -23.12 -0.11 64.87
N TRP D 309 -24.19 -0.68 65.41
CA TRP D 309 -24.13 -1.99 66.03
C TRP D 309 -25.18 -2.93 65.48
N THR D 310 -25.23 -4.13 66.05
CA THR D 310 -26.21 -5.11 65.65
C THR D 310 -26.52 -6.06 66.79
N ASP D 311 -27.68 -6.72 66.69
CA ASP D 311 -28.10 -7.69 67.69
C ASP D 311 -27.69 -9.06 67.20
N GLY D 312 -27.40 -9.16 65.91
CA GLY D 312 -27.02 -10.43 65.31
C GLY D 312 -25.82 -11.15 65.90
N ALA D 313 -25.78 -12.46 65.67
CA ALA D 313 -24.67 -13.28 66.16
C ALA D 313 -23.43 -12.97 65.34
N ASP D 314 -22.30 -13.53 65.73
CA ASP D 314 -21.06 -13.31 65.03
C ASP D 314 -21.07 -13.85 63.60
N GLY D 315 -21.71 -14.99 63.41
CA GLY D 315 -21.75 -15.60 62.09
C GLY D 315 -20.38 -16.09 61.68
N GLU D 316 -20.30 -16.62 60.46
CA GLU D 316 -19.05 -17.12 59.90
C GLU D 316 -17.95 -16.06 59.91
N PRO D 317 -16.68 -16.50 59.98
CA PRO D 317 -15.61 -15.51 59.98
C PRO D 317 -15.38 -15.07 58.54
N ILE D 318 -14.52 -14.08 58.36
CA ILE D 318 -14.17 -13.57 57.04
C ILE D 318 -13.04 -14.45 56.49
N SER D 319 -13.30 -15.13 55.37
CA SER D 319 -12.27 -16.00 54.77
C SER D 319 -11.26 -15.17 54.01
N LEU D 320 -10.00 -15.57 54.11
CA LEU D 320 -8.92 -14.88 53.44
C LEU D 320 -8.14 -15.92 52.65
N TYR D 321 -8.04 -15.71 51.35
CA TYR D 321 -7.33 -16.65 50.49
C TYR D 321 -6.22 -16.00 49.70
N CYS D 322 -5.04 -16.61 49.76
CA CYS D 322 -3.89 -16.13 49.01
C CYS D 322 -3.79 -17.07 47.80
N ALA D 323 -4.07 -16.54 46.61
CA ALA D 323 -4.02 -17.34 45.37
C ALA D 323 -2.61 -17.31 44.81
N PHE D 324 -2.24 -18.28 43.98
CA PHE D 324 -0.89 -18.26 43.42
C PHE D 324 -0.76 -17.34 42.21
N ASN D 325 -1.88 -17.05 41.55
CA ASN D 325 -1.94 -16.08 40.44
C ASN D 325 -3.41 -15.67 40.23
N GLU D 326 -3.69 -14.80 39.24
CA GLU D 326 -5.05 -14.32 39.00
C GLU D 326 -6.04 -15.43 38.68
N LEU D 327 -5.59 -16.38 37.88
CA LEU D 327 -6.43 -17.50 37.45
C LEU D 327 -6.82 -18.36 38.65
N ASP D 328 -5.87 -18.60 39.55
CA ASP D 328 -6.18 -19.39 40.73
C ASP D 328 -7.18 -18.63 41.60
N GLU D 329 -7.03 -17.32 41.65
CA GLU D 329 -7.92 -16.48 42.45
C GLU D 329 -9.34 -16.66 41.90
N ALA D 330 -9.48 -16.56 40.59
CA ALA D 330 -10.79 -16.71 39.95
C ALA D 330 -11.37 -18.11 40.20
N ARG D 331 -10.58 -19.16 39.96
CA ARG D 331 -11.05 -20.53 40.17
C ARG D 331 -11.42 -20.80 41.62
N PHE D 332 -10.68 -20.22 42.55
CA PHE D 332 -10.99 -20.41 43.96
C PHE D 332 -12.40 -19.87 44.26
N VAL D 333 -12.71 -18.67 43.77
CA VAL D 333 -14.02 -18.06 44.00
C VAL D 333 -15.12 -18.91 43.36
N VAL D 334 -14.90 -19.41 42.16
CA VAL D 334 -15.92 -20.23 41.50
C VAL D 334 -16.15 -21.47 42.37
N ASN D 335 -15.07 -22.01 42.94
CA ASN D 335 -15.20 -23.18 43.81
C ASN D 335 -16.12 -22.87 45.00
N ARG D 336 -15.88 -21.74 45.67
CA ARG D 336 -16.69 -21.36 46.83
C ARG D 336 -18.17 -21.14 46.46
N ILE D 337 -18.40 -20.53 45.30
CA ILE D 337 -19.77 -20.25 44.84
C ILE D 337 -20.47 -21.56 44.48
N LYS D 338 -19.71 -22.51 43.91
CA LYS D 338 -20.28 -23.80 43.55
C LYS D 338 -20.83 -24.51 44.79
N THR D 339 -20.08 -24.42 45.89
CA THR D 339 -20.49 -25.04 47.14
C THR D 339 -21.77 -24.39 47.66
N TRP D 340 -21.83 -23.06 47.56
CA TRP D 340 -23.00 -22.32 48.02
C TRP D 340 -24.21 -22.79 47.22
N GLN D 341 -24.05 -22.88 45.91
CA GLN D 341 -25.11 -23.32 45.02
C GLN D 341 -25.50 -24.78 45.32
N ASP D 342 -24.51 -25.65 45.44
CA ASP D 342 -24.74 -27.07 45.74
C ASP D 342 -25.51 -27.26 47.04
N ASN D 343 -25.51 -26.25 47.90
CA ASN D 343 -26.24 -26.33 49.16
C ASN D 343 -27.56 -25.55 49.11
N GLY D 344 -28.01 -25.21 47.90
CA GLY D 344 -29.28 -24.51 47.74
C GLY D 344 -29.23 -23.01 47.65
N GLY D 345 -28.03 -22.42 47.66
CA GLY D 345 -27.92 -20.98 47.57
C GLY D 345 -28.09 -20.50 46.15
N ALA D 346 -28.65 -19.31 45.98
CA ALA D 346 -28.84 -18.75 44.65
C ALA D 346 -27.55 -18.08 44.19
N LEU D 347 -27.28 -18.14 42.89
CA LEU D 347 -26.09 -17.52 42.33
C LEU D 347 -26.18 -16.00 42.48
N ALA D 348 -27.38 -15.45 42.30
CA ALA D 348 -27.60 -14.00 42.42
C ALA D 348 -27.36 -13.49 43.84
N GLU D 349 -27.20 -14.40 44.79
CA GLU D 349 -26.94 -13.99 46.16
C GLU D 349 -25.42 -13.92 46.34
N CYS D 350 -24.70 -14.08 45.24
CA CYS D 350 -23.25 -14.04 45.24
C CYS D 350 -22.76 -12.89 44.38
N ALA D 351 -21.90 -12.06 44.95
CA ALA D 351 -21.33 -10.94 44.23
C ALA D 351 -19.81 -11.04 44.29
N ILE D 352 -19.16 -10.77 43.16
CA ILE D 352 -17.70 -10.76 43.09
C ILE D 352 -17.34 -9.30 42.80
N LEU D 353 -16.68 -8.65 43.76
CA LEU D 353 -16.31 -7.25 43.64
C LEU D 353 -14.83 -7.03 43.39
N TYR D 354 -14.51 -5.96 42.68
CA TYR D 354 -13.13 -5.61 42.36
C TYR D 354 -12.95 -4.10 42.23
N ARG D 355 -11.71 -3.63 42.38
CA ARG D 355 -11.41 -2.20 42.30
C ARG D 355 -11.54 -1.63 40.89
N SER D 356 -11.02 -2.35 39.91
CA SER D 356 -11.07 -1.87 38.53
C SER D 356 -11.72 -2.87 37.59
N ASN D 357 -12.39 -2.34 36.57
CA ASN D 357 -13.10 -3.16 35.60
C ASN D 357 -12.27 -4.18 34.85
N ALA D 358 -10.99 -3.88 34.64
CA ALA D 358 -10.13 -4.81 33.92
C ALA D 358 -10.01 -6.17 34.63
N GLN D 359 -10.32 -6.21 35.93
CA GLN D 359 -10.22 -7.46 36.69
C GLN D 359 -11.33 -8.47 36.40
N SER D 360 -12.40 -8.03 35.75
CA SER D 360 -13.52 -8.91 35.44
C SER D 360 -13.16 -9.95 34.38
N ARG D 361 -12.28 -9.59 33.46
CA ARG D 361 -11.88 -10.48 32.37
C ARG D 361 -11.48 -11.89 32.80
N VAL D 362 -10.51 -12.01 33.70
CA VAL D 362 -10.07 -13.32 34.15
C VAL D 362 -11.17 -14.02 34.95
N LEU D 363 -12.04 -13.24 35.60
CA LEU D 363 -13.12 -13.82 36.37
C LEU D 363 -14.15 -14.40 35.40
N GLU D 364 -14.46 -13.63 34.38
CA GLU D 364 -15.42 -14.06 33.37
C GLU D 364 -14.95 -15.33 32.69
N GLU D 365 -13.65 -15.39 32.45
CA GLU D 365 -13.03 -16.53 31.79
C GLU D 365 -13.21 -17.80 32.62
N ALA D 366 -13.01 -17.69 33.93
CA ALA D 366 -13.16 -18.83 34.83
C ALA D 366 -14.61 -19.26 34.97
N LEU D 367 -15.54 -18.29 34.99
CA LEU D 367 -16.96 -18.59 35.11
C LEU D 367 -17.44 -19.29 33.85
N LEU D 368 -17.03 -18.79 32.69
CA LEU D 368 -17.41 -19.42 31.42
C LEU D 368 -16.91 -20.86 31.40
N GLN D 369 -15.63 -21.04 31.73
CA GLN D 369 -15.04 -22.36 31.72
C GLN D 369 -15.78 -23.32 32.66
N ALA D 370 -16.37 -22.80 33.72
CA ALA D 370 -17.09 -23.63 34.67
C ALA D 370 -18.58 -23.64 34.35
N SER D 371 -18.97 -23.07 33.22
CA SER D 371 -20.38 -23.01 32.83
C SER D 371 -21.23 -22.44 33.95
N MET D 372 -20.74 -21.41 34.63
CA MET D 372 -21.49 -20.80 35.71
C MET D 372 -22.09 -19.48 35.23
N PRO D 373 -23.43 -19.37 35.24
CA PRO D 373 -24.12 -18.15 34.80
C PRO D 373 -23.65 -16.94 35.61
N TYR D 374 -23.41 -15.83 34.92
CA TYR D 374 -22.94 -14.61 35.59
C TYR D 374 -23.41 -13.38 34.80
N ARG D 375 -23.42 -12.25 35.49
CA ARG D 375 -23.81 -10.99 34.87
C ARG D 375 -22.86 -9.89 35.34
N ILE D 376 -22.18 -9.26 34.39
CA ILE D 376 -21.23 -8.19 34.70
C ILE D 376 -21.82 -6.80 34.48
N TYR D 377 -21.52 -5.88 35.38
CA TYR D 377 -21.98 -4.51 35.20
C TYR D 377 -20.75 -3.61 35.11
N GLY D 378 -20.81 -2.62 34.23
CA GLY D 378 -19.71 -1.67 34.11
C GLY D 378 -18.53 -2.06 33.24
N GLY D 379 -17.69 -1.07 32.94
CA GLY D 379 -16.52 -1.31 32.12
C GLY D 379 -16.91 -1.45 30.66
N MET D 380 -16.15 -2.27 29.94
CA MET D 380 -16.36 -2.50 28.51
C MET D 380 -17.54 -3.46 28.28
N ARG D 381 -18.75 -2.90 28.26
CA ARG D 381 -19.95 -3.69 28.06
C ARG D 381 -20.33 -3.87 26.59
N PHE D 382 -21.42 -4.60 26.36
CA PHE D 382 -21.92 -4.91 25.02
C PHE D 382 -21.94 -3.72 24.05
N PHE D 383 -22.58 -2.63 24.44
CA PHE D 383 -22.67 -1.45 23.58
C PHE D 383 -21.33 -0.74 23.40
N GLU D 384 -20.30 -1.24 24.08
CA GLU D 384 -18.97 -0.65 24.00
C GLU D 384 -18.15 -1.39 22.95
N ARG D 385 -18.62 -2.58 22.58
CA ARG D 385 -17.93 -3.42 21.58
C ARG D 385 -17.72 -2.68 20.26
N GLN D 386 -16.53 -2.83 19.69
CA GLN D 386 -16.20 -2.19 18.43
C GLN D 386 -17.28 -2.34 17.37
N GLU D 387 -17.62 -3.59 17.05
CA GLU D 387 -18.63 -3.88 16.05
C GLU D 387 -19.97 -3.25 16.38
N ILE D 388 -20.32 -3.24 17.67
CA ILE D 388 -21.59 -2.66 18.10
C ILE D 388 -21.53 -1.15 17.94
N LYS D 389 -20.39 -0.57 18.28
CA LYS D 389 -20.18 0.87 18.15
C LYS D 389 -20.35 1.30 16.70
N ASP D 390 -19.67 0.60 15.79
CA ASP D 390 -19.74 0.91 14.37
C ASP D 390 -21.19 0.86 13.86
N ALA D 391 -21.91 -0.20 14.21
CA ALA D 391 -23.29 -0.37 13.79
C ALA D 391 -24.18 0.75 14.31
N LEU D 392 -23.92 1.21 15.52
CA LEU D 392 -24.71 2.29 16.10
C LEU D 392 -24.32 3.65 15.51
N SER D 393 -23.15 3.72 14.89
CA SER D 393 -22.71 4.97 14.28
C SER D 393 -23.46 5.20 12.97
N TYR D 394 -23.69 4.13 12.22
CA TYR D 394 -24.43 4.26 10.97
C TYR D 394 -25.84 4.71 11.31
N LEU D 395 -26.39 4.14 12.39
CA LEU D 395 -27.74 4.50 12.82
C LEU D 395 -27.79 5.95 13.27
N ARG D 396 -26.69 6.42 13.88
CA ARG D 396 -26.62 7.80 14.34
C ARG D 396 -26.60 8.80 13.19
N LEU D 397 -25.82 8.51 12.16
CA LEU D 397 -25.74 9.40 11.00
C LEU D 397 -27.08 9.46 10.28
N ILE D 398 -27.88 8.39 10.42
CA ILE D 398 -29.20 8.33 9.79
C ILE D 398 -30.19 9.23 10.54
N VAL D 399 -29.87 9.53 11.80
CA VAL D 399 -30.71 10.39 12.63
C VAL D 399 -30.16 11.82 12.67
N ASN D 400 -28.95 12.00 12.18
CA ASN D 400 -28.29 13.30 12.17
C ASN D 400 -26.90 13.22 11.56
N ARG D 401 -26.79 13.68 10.31
CA ARG D 401 -25.52 13.68 9.59
C ARG D 401 -24.45 14.52 10.25
N ASN D 402 -24.87 15.45 11.11
CA ASN D 402 -23.94 16.33 11.78
C ASN D 402 -23.21 15.65 12.94
N ASP D 403 -23.62 14.43 13.28
CA ASP D 403 -22.98 13.67 14.35
C ASP D 403 -21.54 13.40 13.93
N ASP D 404 -20.63 14.32 14.26
CA ASP D 404 -19.23 14.16 13.89
C ASP D 404 -18.59 12.92 14.48
N ALA D 405 -18.98 12.56 15.71
CA ALA D 405 -18.42 11.38 16.35
C ALA D 405 -18.75 10.14 15.52
N ALA D 406 -20.02 9.97 15.19
CA ALA D 406 -20.47 8.85 14.40
C ALA D 406 -19.81 8.89 13.02
N PHE D 407 -19.78 10.08 12.43
CA PHE D 407 -19.19 10.25 11.11
C PHE D 407 -17.78 9.70 11.01
N GLU D 408 -16.85 10.29 11.77
CA GLU D 408 -15.47 9.86 11.72
C GLU D 408 -15.20 8.44 12.21
N ARG D 409 -16.22 7.77 12.73
CA ARG D 409 -16.01 6.42 13.20
C ARG D 409 -16.26 5.41 12.08
N VAL D 410 -17.27 5.67 11.25
CA VAL D 410 -17.59 4.76 10.16
C VAL D 410 -17.40 5.32 8.75
N VAL D 411 -16.92 6.55 8.64
CA VAL D 411 -16.72 7.16 7.33
C VAL D 411 -15.93 6.21 6.43
N ASN D 412 -14.89 5.59 6.98
CA ASN D 412 -14.08 4.67 6.21
C ASN D 412 -14.04 3.27 6.85
N THR D 413 -15.16 2.87 7.44
CA THR D 413 -15.27 1.55 8.06
C THR D 413 -16.63 0.97 7.70
N PRO D 414 -16.66 -0.04 6.81
CA PRO D 414 -15.52 -0.65 6.11
C PRO D 414 -14.77 0.35 5.22
N THR D 415 -13.50 0.06 4.97
CA THR D 415 -12.68 0.93 4.12
C THR D 415 -13.38 1.12 2.78
N ARG D 416 -13.53 2.37 2.37
CA ARG D 416 -14.19 2.70 1.12
C ARG D 416 -13.46 3.77 0.32
N GLY D 417 -12.14 3.79 0.43
CA GLY D 417 -11.34 4.76 -0.31
C GLY D 417 -11.16 6.11 0.36
N ILE D 418 -11.83 6.34 1.48
CA ILE D 418 -11.70 7.63 2.17
C ILE D 418 -10.59 7.54 3.21
N GLY D 419 -9.35 7.60 2.73
CA GLY D 419 -8.20 7.52 3.60
C GLY D 419 -7.99 8.72 4.51
N ASP D 420 -6.89 8.70 5.25
CA ASP D 420 -6.57 9.77 6.18
C ASP D 420 -6.31 11.11 5.49
N ARG D 421 -5.62 11.09 4.35
CA ARG D 421 -5.33 12.31 3.63
C ARG D 421 -6.61 13.03 3.24
N THR D 422 -7.58 12.28 2.74
CA THR D 422 -8.86 12.85 2.36
C THR D 422 -9.54 13.45 3.58
N LEU D 423 -9.57 12.70 4.68
CA LEU D 423 -10.20 13.15 5.90
C LEU D 423 -9.51 14.36 6.53
N ASP D 424 -8.19 14.44 6.42
CA ASP D 424 -7.45 15.57 6.99
C ASP D 424 -7.87 16.88 6.33
N VAL D 425 -8.24 16.81 5.05
CA VAL D 425 -8.67 18.00 4.33
C VAL D 425 -10.05 18.41 4.83
N VAL D 426 -10.95 17.44 4.91
CA VAL D 426 -12.31 17.72 5.38
C VAL D 426 -12.29 18.28 6.80
N ARG D 427 -11.32 17.84 7.60
CA ARG D 427 -11.19 18.29 8.97
C ARG D 427 -10.80 19.75 9.07
N GLN D 428 -9.70 20.14 8.42
CA GLN D 428 -9.30 21.53 8.49
C GLN D 428 -10.36 22.39 7.82
N THR D 429 -11.20 21.77 7.01
CA THR D 429 -12.28 22.48 6.32
C THR D 429 -13.31 22.86 7.38
N SER D 430 -13.76 21.87 8.14
CA SER D 430 -14.74 22.10 9.19
C SER D 430 -14.19 23.06 10.24
N ARG D 431 -12.94 22.86 10.60
CA ARG D 431 -12.25 23.68 11.60
C ARG D 431 -12.26 25.18 11.28
N ASP D 432 -12.06 25.51 10.01
CA ASP D 432 -12.02 26.91 9.60
C ASP D 432 -13.37 27.42 9.08
N ARG D 433 -14.10 26.55 8.39
CA ARG D 433 -15.41 26.94 7.86
C ARG D 433 -16.45 27.02 8.98
N GLN D 434 -16.04 26.63 10.18
CA GLN D 434 -16.92 26.65 11.35
C GLN D 434 -18.16 25.79 11.12
N LEU D 435 -17.95 24.55 10.68
CA LEU D 435 -19.06 23.64 10.43
C LEU D 435 -18.71 22.18 10.72
N THR D 436 -19.70 21.30 10.63
CA THR D 436 -19.49 19.88 10.89
C THR D 436 -18.74 19.22 9.74
N LEU D 437 -18.42 17.94 9.92
CA LEU D 437 -17.71 17.18 8.90
C LEU D 437 -18.58 16.94 7.68
N TRP D 438 -19.84 16.61 7.89
CA TRP D 438 -20.75 16.36 6.79
C TRP D 438 -21.02 17.64 6.01
N GLN D 439 -20.94 18.78 6.71
CA GLN D 439 -21.17 20.06 6.08
C GLN D 439 -19.95 20.42 5.24
N ALA D 440 -18.77 20.04 5.72
CA ALA D 440 -17.52 20.32 5.01
C ALA D 440 -17.44 19.47 3.74
N CYS D 441 -17.91 18.23 3.84
CA CYS D 441 -17.89 17.32 2.70
C CYS D 441 -18.89 17.80 1.65
N ARG D 442 -20.07 18.22 2.12
CA ARG D 442 -21.11 18.72 1.24
C ARG D 442 -20.55 19.84 0.37
N GLU D 443 -19.89 20.80 1.01
CA GLU D 443 -19.30 21.93 0.31
C GLU D 443 -18.16 21.53 -0.62
N LEU D 444 -17.05 21.07 -0.04
CA LEU D 444 -15.89 20.67 -0.82
C LEU D 444 -16.25 19.88 -2.08
N LEU D 445 -17.21 18.97 -1.97
CA LEU D 445 -17.63 18.17 -3.12
C LEU D 445 -18.37 19.02 -4.15
N GLN D 446 -19.33 19.81 -3.66
CA GLN D 446 -20.12 20.69 -4.50
C GLN D 446 -19.20 21.66 -5.23
N GLU D 447 -18.34 22.35 -4.47
CA GLU D 447 -17.41 23.31 -5.04
C GLU D 447 -16.13 22.60 -5.47
N LYS D 448 -16.29 21.44 -6.11
CA LYS D 448 -15.20 20.60 -6.60
C LYS D 448 -13.83 21.07 -6.14
N ALA D 449 -13.34 20.48 -5.05
CA ALA D 449 -12.04 20.83 -4.50
C ALA D 449 -11.26 19.57 -4.13
N LEU D 450 -11.88 18.42 -4.32
CA LEU D 450 -11.24 17.14 -4.00
C LEU D 450 -10.93 16.33 -5.26
N ALA D 451 -9.78 15.69 -5.26
CA ALA D 451 -9.34 14.86 -6.39
C ALA D 451 -10.44 13.94 -6.87
N GLY D 452 -10.35 13.54 -8.14
CA GLY D 452 -11.35 12.66 -8.70
C GLY D 452 -11.50 11.35 -7.95
N ARG D 453 -10.36 10.73 -7.62
CA ARG D 453 -10.37 9.47 -6.88
C ARG D 453 -11.05 9.65 -5.53
N ALA D 454 -10.57 10.62 -4.77
CA ALA D 454 -11.12 10.90 -3.44
C ALA D 454 -12.58 11.33 -3.52
N ALA D 455 -12.83 12.48 -4.13
CA ALA D 455 -14.17 13.04 -4.25
C ALA D 455 -15.23 12.02 -4.68
N SER D 456 -14.82 11.03 -5.47
CA SER D 456 -15.76 10.02 -5.94
C SER D 456 -16.05 8.98 -4.86
N ALA D 457 -15.16 8.87 -3.89
CA ALA D 457 -15.33 7.92 -2.79
C ALA D 457 -16.11 8.58 -1.65
N LEU D 458 -15.69 9.78 -1.26
CA LEU D 458 -16.33 10.53 -0.20
C LEU D 458 -17.83 10.69 -0.44
N GLN D 459 -18.19 11.23 -1.60
CA GLN D 459 -19.59 11.42 -1.94
C GLN D 459 -20.29 10.06 -1.96
N ARG D 460 -19.59 9.07 -2.50
CA ARG D 460 -20.10 7.71 -2.60
C ARG D 460 -20.57 7.24 -1.23
N PHE D 461 -19.90 7.73 -0.19
CA PHE D 461 -20.23 7.40 1.19
C PHE D 461 -21.47 8.17 1.62
N MET D 462 -21.47 9.47 1.34
CA MET D 462 -22.60 10.33 1.70
C MET D 462 -23.86 9.85 1.02
N GLU D 463 -23.71 9.25 -0.15
CA GLU D 463 -24.84 8.74 -0.91
C GLU D 463 -25.40 7.50 -0.20
N LEU D 464 -24.50 6.64 0.28
CA LEU D 464 -24.88 5.43 1.00
C LEU D 464 -25.75 5.71 2.21
N ILE D 465 -25.33 6.68 3.03
CA ILE D 465 -26.07 7.04 4.23
C ILE D 465 -27.48 7.50 3.89
N ASP D 466 -27.60 8.39 2.92
CA ASP D 466 -28.91 8.89 2.52
C ASP D 466 -29.82 7.74 2.10
N ALA D 467 -29.26 6.80 1.33
CA ALA D 467 -30.03 5.65 0.90
C ALA D 467 -30.55 4.93 2.13
N LEU D 468 -29.63 4.47 2.98
CA LEU D 468 -29.97 3.77 4.21
C LEU D 468 -31.00 4.55 5.02
N ALA D 469 -30.80 5.86 5.11
CA ALA D 469 -31.69 6.73 5.87
C ALA D 469 -33.16 6.61 5.48
N GLN D 470 -33.46 6.81 4.20
CA GLN D 470 -34.84 6.73 3.73
C GLN D 470 -35.33 5.31 3.51
N GLU D 471 -34.43 4.45 3.03
CA GLU D 471 -34.80 3.05 2.77
C GLU D 471 -35.35 2.34 4.00
N THR D 472 -34.91 2.75 5.18
CA THR D 472 -35.36 2.10 6.41
C THR D 472 -36.19 2.98 7.35
N ALA D 473 -36.58 4.16 6.89
CA ALA D 473 -37.37 5.08 7.70
C ALA D 473 -38.77 4.58 8.02
N ASP D 474 -39.27 3.63 7.22
CA ASP D 474 -40.61 3.10 7.41
C ASP D 474 -40.65 1.67 7.96
N MET D 475 -39.61 1.25 8.66
CA MET D 475 -39.58 -0.09 9.22
C MET D 475 -39.20 -0.15 10.70
N PRO D 476 -39.49 -1.28 11.36
CA PRO D 476 -39.20 -1.51 12.79
C PRO D 476 -37.73 -1.32 13.17
N LEU D 477 -37.49 -1.07 14.45
CA LEU D 477 -36.15 -0.86 14.97
C LEU D 477 -35.19 -1.97 14.54
N HIS D 478 -35.47 -3.20 14.97
CA HIS D 478 -34.62 -4.34 14.64
C HIS D 478 -34.48 -4.53 13.13
N VAL D 479 -35.58 -4.34 12.40
CA VAL D 479 -35.55 -4.50 10.95
C VAL D 479 -34.62 -3.44 10.36
N GLN D 480 -34.67 -2.24 10.93
CA GLN D 480 -33.84 -1.14 10.48
C GLN D 480 -32.38 -1.45 10.82
N THR D 481 -32.15 -2.03 11.99
CA THR D 481 -30.81 -2.37 12.44
C THR D 481 -30.19 -3.46 11.57
N ASP D 482 -30.89 -4.59 11.48
CA ASP D 482 -30.41 -5.71 10.68
C ASP D 482 -30.04 -5.21 9.29
N ARG D 483 -30.93 -4.40 8.72
CA ARG D 483 -30.73 -3.83 7.39
C ARG D 483 -29.43 -3.04 7.33
N VAL D 484 -29.30 -2.04 8.19
CA VAL D 484 -28.11 -1.19 8.21
C VAL D 484 -26.82 -1.98 8.45
N ILE D 485 -26.90 -3.07 9.21
CA ILE D 485 -25.70 -3.88 9.46
C ILE D 485 -25.26 -4.56 8.17
N LYS D 486 -26.22 -4.97 7.37
CA LYS D 486 -25.93 -5.65 6.12
C LYS D 486 -25.48 -4.69 5.01
N ASP D 487 -26.32 -3.71 4.69
CA ASP D 487 -26.02 -2.77 3.61
C ASP D 487 -24.83 -1.84 3.86
N SER D 488 -24.48 -1.64 5.12
CA SER D 488 -23.35 -0.77 5.44
C SER D 488 -22.04 -1.48 5.06
N GLY D 489 -22.10 -2.81 5.01
CA GLY D 489 -20.93 -3.58 4.68
C GLY D 489 -20.31 -4.17 5.93
N LEU D 490 -20.62 -3.59 7.08
CA LEU D 490 -20.09 -4.06 8.35
C LEU D 490 -20.21 -5.57 8.49
N ARG D 491 -21.36 -6.11 8.11
CA ARG D 491 -21.59 -7.54 8.19
C ARG D 491 -20.54 -8.29 7.40
N THR D 492 -20.42 -7.97 6.12
CA THR D 492 -19.45 -8.60 5.25
C THR D 492 -18.03 -8.46 5.78
N MET D 493 -17.72 -7.28 6.30
CA MET D 493 -16.39 -7.01 6.84
C MET D 493 -16.02 -7.90 8.02
N TYR D 494 -16.89 -7.96 9.03
CA TYR D 494 -16.63 -8.78 10.21
C TYR D 494 -16.70 -10.28 9.96
N GLU D 495 -17.31 -10.68 8.85
CA GLU D 495 -17.42 -12.10 8.53
C GLU D 495 -16.10 -12.64 8.02
N GLN D 496 -15.36 -11.79 7.31
CA GLN D 496 -14.08 -12.20 6.77
C GLN D 496 -12.97 -11.92 7.78
N GLU D 497 -13.24 -11.00 8.70
CA GLU D 497 -12.25 -10.65 9.72
C GLU D 497 -11.58 -11.91 10.23
N LYS D 498 -10.25 -11.90 10.23
CA LYS D 498 -9.44 -13.02 10.68
C LYS D 498 -10.19 -13.93 11.65
N GLY D 499 -10.14 -15.23 11.39
CA GLY D 499 -10.81 -16.18 12.25
C GLY D 499 -10.17 -16.27 13.61
N GLU D 500 -9.70 -15.14 14.12
CA GLU D 500 -9.07 -15.07 15.43
C GLU D 500 -10.09 -14.59 16.46
N LYS D 501 -11.22 -14.09 15.97
CA LYS D 501 -12.29 -13.57 16.82
C LYS D 501 -13.43 -13.04 15.97
N GLY D 502 -13.27 -13.14 14.66
CA GLY D 502 -14.29 -12.64 13.74
C GLY D 502 -15.70 -13.15 14.01
N GLN D 503 -15.82 -14.43 14.34
CA GLN D 503 -17.13 -15.03 14.59
C GLN D 503 -17.90 -14.33 15.71
N THR D 504 -17.32 -14.30 16.92
CA THR D 504 -17.97 -13.67 18.05
C THR D 504 -18.49 -12.28 17.72
N ARG D 505 -17.72 -11.52 16.95
CA ARG D 505 -18.13 -10.17 16.57
C ARG D 505 -19.37 -10.22 15.70
N ILE D 506 -19.43 -11.19 14.80
CA ILE D 506 -20.59 -11.34 13.92
C ILE D 506 -21.78 -11.78 14.78
N GLU D 507 -21.49 -12.48 15.88
CA GLU D 507 -22.53 -12.95 16.79
C GLU D 507 -23.08 -11.82 17.64
N ASN D 508 -22.22 -10.86 17.98
CA ASN D 508 -22.62 -9.71 18.77
C ASN D 508 -23.57 -8.86 17.94
N LEU D 509 -23.24 -8.69 16.67
CA LEU D 509 -24.10 -7.90 15.78
C LEU D 509 -25.47 -8.55 15.75
N GLU D 510 -25.51 -9.89 15.76
CA GLU D 510 -26.76 -10.62 15.75
C GLU D 510 -27.53 -10.23 17.01
N GLU D 511 -26.83 -10.29 18.15
CA GLU D 511 -27.42 -9.93 19.43
C GLU D 511 -27.95 -8.50 19.41
N LEU D 512 -27.27 -7.62 18.69
CA LEU D 512 -27.70 -6.23 18.61
C LEU D 512 -29.10 -6.20 18.01
N VAL D 513 -29.32 -7.03 17.01
CA VAL D 513 -30.63 -7.10 16.36
C VAL D 513 -31.65 -7.64 17.35
N THR D 514 -31.31 -8.74 18.02
CA THR D 514 -32.21 -9.32 19.00
C THR D 514 -32.53 -8.31 20.09
N ALA D 515 -31.52 -7.55 20.50
CA ALA D 515 -31.68 -6.53 21.52
C ALA D 515 -32.64 -5.45 21.03
N THR D 516 -32.44 -4.98 19.81
CA THR D 516 -33.31 -3.97 19.24
C THR D 516 -34.68 -4.60 18.99
N ARG D 517 -34.68 -5.91 18.75
CA ARG D 517 -35.90 -6.65 18.49
C ARG D 517 -36.83 -6.59 19.70
N GLN D 518 -36.23 -6.59 20.89
CA GLN D 518 -37.01 -6.50 22.12
C GLN D 518 -37.11 -5.03 22.49
N PHE D 519 -36.33 -4.61 23.48
CA PHE D 519 -36.30 -3.22 23.92
C PHE D 519 -37.67 -2.68 24.34
N SER D 520 -37.66 -1.78 25.32
CA SER D 520 -38.88 -1.17 25.84
C SER D 520 -38.84 0.34 25.70
N GLU D 526 -43.57 8.37 26.40
CA GLU D 526 -42.97 8.34 25.07
C GLU D 526 -42.74 9.74 24.52
N ASP D 527 -41.60 10.34 24.89
CA ASP D 527 -41.26 11.69 24.43
C ASP D 527 -40.12 11.64 23.43
N LEU D 528 -39.88 10.47 22.85
CA LEU D 528 -38.82 10.29 21.87
C LEU D 528 -39.09 9.05 21.00
N MET D 529 -38.50 9.03 19.81
CA MET D 529 -38.67 7.91 18.89
C MET D 529 -37.90 6.68 19.36
N PRO D 530 -38.40 5.47 19.04
CA PRO D 530 -37.79 4.19 19.41
C PRO D 530 -36.27 4.12 19.25
N LEU D 531 -35.77 4.62 18.12
CA LEU D 531 -34.35 4.60 17.83
C LEU D 531 -33.55 5.56 18.71
N GLN D 532 -34.12 6.72 19.00
CA GLN D 532 -33.45 7.71 19.83
C GLN D 532 -33.51 7.30 21.30
N ALA D 533 -34.50 6.49 21.65
CA ALA D 533 -34.67 6.02 23.01
C ALA D 533 -33.66 4.91 23.26
N PHE D 534 -33.43 4.09 22.25
CA PHE D 534 -32.48 2.98 22.33
C PHE D 534 -31.06 3.53 22.40
N LEU D 535 -30.76 4.49 21.54
CA LEU D 535 -29.44 5.09 21.51
C LEU D 535 -29.09 5.75 22.83
N SER D 536 -30.02 6.53 23.37
CA SER D 536 -29.81 7.22 24.64
C SER D 536 -29.68 6.24 25.80
N HIS D 537 -30.37 5.11 25.71
CA HIS D 537 -30.30 4.11 26.77
C HIS D 537 -28.93 3.44 26.78
N ALA D 538 -28.41 3.17 25.58
CA ALA D 538 -27.11 2.55 25.44
C ALA D 538 -26.01 3.45 26.00
N ALA D 539 -26.28 4.75 26.05
CA ALA D 539 -25.31 5.70 26.58
C ALA D 539 -25.47 5.88 28.09
N LEU D 540 -26.69 6.22 28.54
CA LEU D 540 -26.91 6.43 29.96
C LEU D 540 -26.77 5.17 30.81
N GLU D 541 -27.19 4.04 30.27
CA GLU D 541 -27.10 2.77 31.00
C GLU D 541 -26.16 1.75 30.36
N ALA D 542 -25.10 2.25 29.73
CA ALA D 542 -24.10 1.39 29.08
C ALA D 542 -23.60 0.30 30.03
N GLY D 543 -23.39 0.66 31.29
CA GLY D 543 -22.91 -0.29 32.28
C GLY D 543 -23.73 -1.55 32.41
N GLU D 544 -25.03 -1.46 32.14
CA GLU D 544 -25.94 -2.59 32.23
C GLU D 544 -25.75 -3.62 31.11
N GLY D 545 -25.22 -3.18 29.97
CA GLY D 545 -25.03 -4.08 28.85
C GLY D 545 -26.40 -4.54 28.35
N GLN D 546 -26.45 -5.73 27.76
CA GLN D 546 -27.71 -6.27 27.23
C GLN D 546 -28.72 -6.48 28.36
N ALA D 547 -29.99 -6.22 28.08
CA ALA D 547 -31.05 -6.40 29.07
C ALA D 547 -30.93 -7.81 29.67
N ASP D 548 -31.10 -7.89 30.99
CA ASP D 548 -31.00 -9.15 31.70
C ASP D 548 -32.28 -9.98 31.70
N THR D 549 -32.10 -11.30 31.75
CA THR D 549 -33.22 -12.23 31.79
C THR D 549 -33.54 -12.43 33.27
N TRP D 550 -34.42 -13.37 33.58
CA TRP D 550 -34.78 -13.61 34.98
C TRP D 550 -33.75 -14.57 35.60
N GLN D 551 -33.00 -15.24 34.75
CA GLN D 551 -32.00 -16.24 35.16
C GLN D 551 -31.10 -15.93 36.34
N ASP D 552 -30.93 -16.92 37.20
CA ASP D 552 -30.10 -16.84 38.39
C ASP D 552 -28.63 -16.76 37.93
N ALA D 553 -27.91 -15.76 38.41
CA ALA D 553 -26.54 -15.59 37.99
C ALA D 553 -25.68 -14.83 38.99
N VAL D 554 -24.37 -15.12 38.97
CA VAL D 554 -23.42 -14.46 39.84
C VAL D 554 -23.30 -13.01 39.39
N GLN D 555 -23.27 -12.09 40.35
CA GLN D 555 -23.16 -10.67 40.05
C GLN D 555 -21.71 -10.15 40.15
N LEU D 556 -21.21 -9.59 39.05
CA LEU D 556 -19.86 -9.01 39.04
C LEU D 556 -19.94 -7.52 38.78
N MET D 557 -19.19 -6.75 39.56
CA MET D 557 -19.18 -5.30 39.41
C MET D 557 -18.08 -4.73 40.29
N THR D 558 -17.72 -3.48 40.03
CA THR D 558 -16.70 -2.80 40.82
C THR D 558 -17.26 -2.50 42.21
N LEU D 559 -16.37 -2.13 43.13
CA LEU D 559 -16.77 -1.77 44.48
C LEU D 559 -17.66 -0.52 44.45
N HIS D 560 -17.36 0.40 43.52
CA HIS D 560 -18.15 1.62 43.42
C HIS D 560 -19.59 1.28 43.06
N SER D 561 -19.78 0.55 41.97
CA SER D 561 -21.14 0.21 41.54
C SER D 561 -21.91 -0.58 42.57
N ALA D 562 -21.21 -1.29 43.45
CA ALA D 562 -21.90 -2.07 44.47
C ALA D 562 -22.49 -1.23 45.60
N LYS D 563 -22.08 0.03 45.73
CA LYS D 563 -22.59 0.85 46.83
C LYS D 563 -24.12 1.00 46.81
N GLY D 564 -24.75 0.53 47.88
CA GLY D 564 -26.20 0.60 47.97
C GLY D 564 -26.82 -0.79 47.96
N LEU D 565 -26.07 -1.76 47.44
CA LEU D 565 -26.53 -3.14 47.34
C LEU D 565 -26.06 -4.01 48.50
N GLU D 566 -26.56 -5.24 48.53
CA GLU D 566 -26.19 -6.19 49.58
C GLU D 566 -26.32 -7.61 49.06
N PHE D 567 -25.46 -8.50 49.54
CA PHE D 567 -25.50 -9.89 49.09
C PHE D 567 -25.15 -10.85 50.21
N PRO D 568 -25.87 -11.98 50.29
CA PRO D 568 -25.55 -12.97 51.33
C PRO D 568 -24.05 -13.29 51.30
N GLN D 569 -23.55 -13.52 50.08
CA GLN D 569 -22.15 -13.86 49.85
C GLN D 569 -21.43 -12.79 49.03
N VAL D 570 -20.32 -12.28 49.56
CA VAL D 570 -19.56 -11.29 48.83
C VAL D 570 -18.10 -11.73 48.75
N PHE D 571 -17.52 -11.63 47.56
CA PHE D 571 -16.12 -11.99 47.35
C PHE D 571 -15.41 -10.77 46.78
N ILE D 572 -14.32 -10.34 47.42
CA ILE D 572 -13.57 -9.21 46.92
C ILE D 572 -12.20 -9.69 46.49
N VAL D 573 -11.92 -9.56 45.21
CA VAL D 573 -10.65 -10.01 44.66
C VAL D 573 -9.64 -8.87 44.48
N GLY D 574 -8.39 -9.23 44.22
CA GLY D 574 -7.36 -8.21 44.03
C GLY D 574 -7.07 -7.34 45.25
N MET D 575 -7.14 -7.92 46.44
CA MET D 575 -6.85 -7.16 47.66
C MET D 575 -5.33 -7.12 47.80
N GLU D 576 -4.69 -6.38 46.88
CA GLU D 576 -3.23 -6.24 46.83
C GLU D 576 -2.78 -4.80 46.73
N GLU D 577 -1.66 -4.49 47.39
CA GLU D 577 -1.09 -3.15 47.29
C GLU D 577 -0.75 -2.99 45.81
N GLY D 578 -1.12 -1.87 45.21
CA GLY D 578 -0.83 -1.68 43.80
C GLY D 578 -2.11 -1.88 42.99
N MET D 579 -3.10 -2.51 43.61
CA MET D 579 -4.40 -2.74 42.97
C MET D 579 -5.44 -2.01 43.80
N PHE D 580 -5.38 -2.22 45.11
CA PHE D 580 -6.33 -1.63 46.04
C PHE D 580 -5.72 -1.64 47.45
N PRO D 581 -5.13 -0.52 47.88
CA PRO D 581 -5.01 0.74 47.15
C PRO D 581 -3.98 0.68 46.02
N SER D 582 -4.29 1.34 44.90
CA SER D 582 -3.36 1.36 43.78
C SER D 582 -2.23 2.36 44.05
N GLN D 583 -1.27 2.38 43.13
CA GLN D 583 -0.14 3.29 43.24
C GLN D 583 -0.65 4.72 43.18
N MET D 584 -1.60 4.96 42.27
CA MET D 584 -2.18 6.28 42.10
C MET D 584 -2.86 6.84 43.36
N SER D 585 -3.31 5.96 44.25
CA SER D 585 -3.97 6.42 45.46
C SER D 585 -2.99 6.82 46.56
N LEU D 586 -1.72 6.56 46.34
CA LEU D 586 -0.70 6.92 47.30
C LEU D 586 0.02 8.17 46.82
N ASP D 587 -0.38 8.66 45.64
CA ASP D 587 0.24 9.82 45.02
C ASP D 587 -0.43 11.16 45.25
N GLU D 588 -1.59 11.17 45.92
CA GLU D 588 -2.26 12.45 46.14
C GLU D 588 -2.91 12.58 47.51
N GLY D 589 -3.19 13.84 47.88
CA GLY D 589 -3.80 14.19 49.15
C GLY D 589 -4.55 13.14 49.93
N GLY D 590 -5.88 13.19 49.86
CA GLY D 590 -6.70 12.24 50.60
C GLY D 590 -7.23 11.07 49.77
N ARG D 591 -6.44 10.64 48.78
CA ARG D 591 -6.85 9.52 47.96
C ARG D 591 -6.87 8.23 48.77
N LEU D 592 -5.85 8.04 49.59
CA LEU D 592 -5.77 6.83 50.41
C LEU D 592 -6.97 6.65 51.34
N GLU D 593 -7.40 7.72 51.99
CA GLU D 593 -8.54 7.61 52.90
C GLU D 593 -9.82 7.34 52.12
N GLU D 594 -9.92 7.86 50.91
CA GLU D 594 -11.11 7.60 50.11
C GLU D 594 -11.11 6.13 49.71
N GLU D 595 -9.93 5.58 49.42
CA GLU D 595 -9.82 4.17 49.05
C GLU D 595 -10.24 3.31 50.24
N ARG D 596 -9.89 3.74 51.45
CA ARG D 596 -10.25 2.99 52.64
C ARG D 596 -11.77 3.06 52.82
N ARG D 597 -12.37 4.19 52.45
CA ARG D 597 -13.83 4.32 52.54
C ARG D 597 -14.45 3.35 51.53
N LEU D 598 -13.80 3.18 50.40
CA LEU D 598 -14.29 2.25 49.38
C LEU D 598 -14.22 0.79 49.92
N ALA D 599 -13.21 0.49 50.72
CA ALA D 599 -13.03 -0.85 51.29
C ALA D 599 -14.13 -1.07 52.34
N TYR D 600 -14.50 0.02 53.02
CA TYR D 600 -15.55 -0.01 54.03
C TYR D 600 -16.86 -0.33 53.30
N VAL D 601 -17.04 0.30 52.15
CA VAL D 601 -18.22 0.05 51.32
C VAL D 601 -18.22 -1.43 50.91
N GLY D 602 -17.07 -1.94 50.47
CA GLY D 602 -16.98 -3.33 50.05
C GLY D 602 -17.37 -4.31 51.14
N VAL D 603 -16.74 -4.16 52.30
CA VAL D 603 -17.01 -5.03 53.44
C VAL D 603 -18.49 -4.98 53.85
N THR D 604 -19.06 -3.78 53.92
CA THR D 604 -20.45 -3.63 54.34
C THR D 604 -21.52 -4.08 53.33
N ARG D 605 -21.11 -4.68 52.22
CA ARG D 605 -22.07 -5.19 51.24
C ARG D 605 -22.50 -6.59 51.65
N ALA D 606 -21.64 -7.25 52.44
CA ALA D 606 -21.85 -8.62 52.87
C ALA D 606 -22.86 -8.85 54.00
N MET D 607 -23.81 -9.74 53.75
CA MET D 607 -24.84 -10.06 54.73
C MET D 607 -24.48 -11.24 55.63
N GLN D 608 -24.10 -12.37 55.03
CA GLN D 608 -23.74 -13.56 55.79
C GLN D 608 -22.27 -13.89 55.80
N LYS D 609 -21.65 -13.83 54.63
CA LYS D 609 -20.25 -14.21 54.49
C LYS D 609 -19.45 -13.29 53.57
N LEU D 610 -18.26 -12.92 54.02
CA LEU D 610 -17.37 -12.08 53.24
C LEU D 610 -16.10 -12.86 52.98
N THR D 611 -15.55 -12.76 51.77
CA THR D 611 -14.32 -13.45 51.40
C THR D 611 -13.38 -12.50 50.67
N LEU D 612 -12.12 -12.43 51.11
CA LEU D 612 -11.13 -11.56 50.52
C LEU D 612 -10.00 -12.37 49.92
N THR D 613 -9.62 -12.06 48.69
CA THR D 613 -8.56 -12.81 48.04
C THR D 613 -7.50 -11.89 47.46
N TYR D 614 -6.31 -12.43 47.29
CA TYR D 614 -5.18 -11.71 46.72
C TYR D 614 -4.24 -12.72 46.08
N ALA D 615 -3.58 -12.32 45.00
CA ALA D 615 -2.67 -13.20 44.30
C ALA D 615 -1.20 -12.85 44.53
N GLU D 616 -0.37 -13.89 44.60
CA GLU D 616 1.06 -13.71 44.81
C GLU D 616 1.67 -13.05 43.59
N THR D 617 1.03 -13.27 42.44
CA THR D 617 1.51 -12.67 41.19
C THR D 617 0.36 -12.51 40.20
N ARG D 618 0.49 -11.55 39.30
CA ARG D 618 -0.52 -11.32 38.29
C ARG D 618 0.13 -10.53 37.17
N ARG D 619 -0.50 -10.56 36.00
CA ARG D 619 0.02 -9.84 34.84
C ARG D 619 -0.70 -8.53 34.62
N LEU D 620 0.04 -7.43 34.68
CA LEU D 620 -0.53 -6.11 34.44
C LEU D 620 0.04 -5.54 33.15
N TYR D 621 -0.85 -5.15 32.25
CA TYR D 621 -0.45 -4.60 30.95
C TYR D 621 0.57 -5.55 30.34
N GLY D 622 0.38 -6.83 30.56
CA GLY D 622 1.28 -7.84 30.02
C GLY D 622 2.41 -8.26 30.92
N LYS D 623 3.00 -7.31 31.64
CA LYS D 623 4.13 -7.62 32.52
C LYS D 623 3.72 -8.29 33.82
N GLU D 624 4.55 -9.23 34.27
CA GLU D 624 4.31 -9.95 35.52
C GLU D 624 4.71 -9.12 36.72
N VAL D 625 3.80 -9.00 37.67
CA VAL D 625 4.06 -8.24 38.89
C VAL D 625 3.91 -9.15 40.11
N TYR D 626 4.47 -8.70 41.23
CA TYR D 626 4.39 -9.43 42.49
C TYR D 626 4.05 -8.42 43.56
N HIS D 627 2.77 -8.36 43.92
CA HIS D 627 2.28 -7.40 44.90
C HIS D 627 2.21 -7.99 46.30
N ARG D 628 2.26 -7.11 47.29
CA ARG D 628 2.15 -7.53 48.67
C ARG D 628 0.66 -7.43 48.94
N PRO D 629 0.17 -8.18 49.93
CA PRO D 629 -1.26 -8.15 50.27
C PRO D 629 -1.66 -6.74 50.65
N SER D 630 -2.91 -6.38 50.34
CA SER D 630 -3.42 -5.04 50.66
C SER D 630 -3.34 -4.73 52.15
N ARG D 631 -2.96 -3.51 52.48
CA ARG D 631 -2.86 -3.08 53.88
C ARG D 631 -4.22 -3.16 54.57
N PHE D 632 -5.30 -3.05 53.79
CA PHE D 632 -6.64 -3.10 54.37
C PHE D 632 -6.91 -4.45 55.04
N ILE D 633 -6.27 -5.51 54.57
CA ILE D 633 -6.45 -6.83 55.18
C ILE D 633 -5.90 -6.82 56.61
N GLY D 634 -4.70 -6.28 56.77
CA GLY D 634 -4.08 -6.22 58.09
C GLY D 634 -4.83 -5.34 59.06
N GLU D 635 -5.65 -4.42 58.53
CA GLU D 635 -6.42 -3.52 59.36
C GLU D 635 -7.65 -4.16 60.00
N LEU D 636 -8.06 -5.32 59.49
CA LEU D 636 -9.22 -6.01 60.05
C LEU D 636 -8.80 -6.75 61.31
N PRO D 637 -9.70 -6.85 62.30
CA PRO D 637 -9.36 -7.56 63.54
C PRO D 637 -9.10 -9.03 63.26
N GLU D 638 -7.99 -9.54 63.77
CA GLU D 638 -7.63 -10.93 63.53
C GLU D 638 -8.65 -11.98 63.99
N GLU D 639 -9.53 -11.62 64.93
CA GLU D 639 -10.53 -12.58 65.41
C GLU D 639 -11.74 -12.65 64.49
N CYS D 640 -11.81 -11.76 63.53
CA CYS D 640 -12.93 -11.74 62.59
C CYS D 640 -12.56 -12.50 61.32
N VAL D 641 -11.27 -12.77 61.15
CA VAL D 641 -10.77 -13.44 59.95
C VAL D 641 -10.22 -14.84 60.15
N GLU D 642 -10.44 -15.71 59.17
CA GLU D 642 -9.90 -17.05 59.20
C GLU D 642 -9.23 -17.32 57.86
N GLU D 643 -7.91 -17.38 57.86
CA GLU D 643 -7.17 -17.61 56.63
C GLU D 643 -7.47 -19.00 56.07
N VAL D 644 -7.52 -19.12 54.74
CA VAL D 644 -7.79 -20.39 54.11
C VAL D 644 -6.47 -21.15 54.05
N ARG D 645 -6.43 -22.31 54.69
CA ARG D 645 -5.22 -23.14 54.74
C ARG D 645 -4.70 -23.66 53.41
N LEU D 646 -3.40 -23.47 53.18
CA LEU D 646 -2.76 -23.95 51.95
C LEU D 646 -1.99 -25.23 52.24
N ARG D 647 -1.94 -25.61 53.52
CA ARG D 647 -1.25 -26.82 53.97
C ARG D 647 -2.04 -27.35 55.14
N ALA D 648 -2.03 -28.67 55.33
CA ALA D 648 -2.81 -29.28 56.39
C ALA D 648 -2.14 -29.35 57.75
N THR D 649 -0.83 -29.56 57.77
CA THR D 649 -0.12 -29.66 59.03
C THR D 649 0.44 -28.31 59.46
N VAL D 650 0.98 -28.28 60.67
CA VAL D 650 1.60 -27.09 61.21
C VAL D 650 3.09 -27.41 61.20
N SER D 651 3.85 -26.65 60.42
CA SER D 651 5.29 -26.88 60.32
C SER D 651 5.96 -26.93 61.69
N ARG D 652 6.77 -27.97 61.91
CA ARG D 652 7.47 -28.13 63.16
C ARG D 652 8.55 -27.07 63.34
N PRO D 653 8.63 -26.46 64.54
CA PRO D 653 9.63 -25.42 64.81
C PRO D 653 11.05 -25.91 64.49
N VAL D 654 11.82 -25.06 63.82
CA VAL D 654 13.19 -25.40 63.46
C VAL D 654 14.16 -24.77 64.46
N SER D 655 14.75 -25.61 65.30
CA SER D 655 15.70 -25.14 66.30
C SER D 655 16.95 -24.61 65.60
N HIS D 656 17.55 -23.56 66.16
CA HIS D 656 18.74 -22.97 65.56
C HIS D 656 19.93 -23.93 65.55
N GLN D 657 20.54 -24.09 64.38
CA GLN D 657 21.72 -24.94 64.24
C GLN D 657 22.93 -24.02 64.22
N ARG D 658 23.78 -24.14 65.23
CA ARG D 658 24.98 -23.31 65.39
C ARG D 658 26.07 -23.60 64.37
N MET D 659 26.04 -22.86 63.26
CA MET D 659 27.03 -23.02 62.19
C MET D 659 27.75 -21.72 61.84
N GLY D 660 28.97 -21.85 61.34
CA GLY D 660 29.74 -20.68 60.96
C GLY D 660 29.88 -20.61 59.45
N THR D 661 29.37 -21.63 58.78
CA THR D 661 29.43 -21.68 57.33
C THR D 661 28.64 -20.53 56.74
N PRO D 662 28.98 -20.13 55.52
CA PRO D 662 28.28 -19.04 54.86
C PRO D 662 26.93 -19.53 54.32
MG MG E . 27.19 -4.45 -51.82
F1 MGF F . 26.51 -2.67 -51.38
MG MGF F . 26.70 -1.19 -52.09
F2 MGF F . 25.37 0.10 -52.72
F3 MGF F . 28.19 -0.13 -52.25
PB ADP G . 27.62 -2.94 -54.65
O1B ADP G . 27.68 -4.05 -53.69
O2B ADP G . 28.85 -2.47 -55.24
O3B ADP G . 26.73 -1.74 -53.94
PA ADP G . 25.90 -4.74 -56.17
O1A ADP G . 26.58 -6.00 -55.90
O2A ADP G . 24.80 -4.90 -55.13
O3A ADP G . 26.73 -3.38 -55.88
O5' ADP G . 25.36 -4.37 -57.63
C5' ADP G . 24.03 -3.72 -57.82
C4' ADP G . 23.15 -4.41 -58.88
O4' ADP G . 23.83 -4.70 -60.16
C3' ADP G . 22.72 -5.74 -58.46
O3' ADP G . 21.33 -5.85 -58.80
C2' ADP G . 23.61 -6.73 -59.21
O2' ADP G . 23.04 -8.01 -59.28
C1' ADP G . 23.83 -6.08 -60.49
N9 ADP G . 25.17 -6.30 -61.15
C8 ADP G . 26.46 -6.23 -60.62
N7 ADP G . 27.36 -6.50 -61.57
C5 ADP G . 26.75 -6.74 -62.71
C6 ADP G . 27.20 -7.10 -64.14
N6 ADP G . 28.47 -7.22 -64.36
N1 ADP G . 26.10 -7.26 -65.05
C2 ADP G . 24.71 -7.12 -64.74
N3 ADP G . 24.27 -6.79 -63.44
C4 ADP G . 25.25 -6.60 -62.42
C1 GOL H . 16.55 -6.76 -50.51
O1 GOL H . 16.46 -6.26 -51.85
C2 GOL H . 15.28 -6.39 -49.76
O2 GOL H . 14.18 -7.10 -50.33
C3 GOL H . 15.41 -6.76 -48.27
O3 GOL H . 14.32 -6.22 -47.53
MG MG I . -29.10 2.54 50.88
F1 MGF J . -27.29 1.91 51.06
MG MGF J . -26.07 1.88 52.07
F2 MGF J . -25.00 0.43 52.69
F3 MGF J . -25.41 3.07 53.36
PB ADP K . -28.75 1.49 54.01
O1B ADP K . -29.44 1.99 52.81
O2B ADP K . -28.74 2.31 55.19
O3B ADP K . -27.24 1.01 53.53
PA ADP K . -30.72 -0.65 53.83
O1A ADP K . -31.90 0.13 53.47
O2A ADP K . -30.36 -1.15 52.44
O3A ADP K . -29.48 0.16 54.48
O5' ADP K . -30.83 -1.81 54.93
C5' ADP K . -30.04 -3.08 54.83
C4' ADP K . -30.89 -4.31 55.06
O4' ADP K . -31.71 -4.26 56.28
C3' ADP K . -31.92 -4.45 54.02
O3' ADP K . -31.98 -5.84 53.67
C2' ADP K . -33.21 -3.90 54.63
O2' ADP K . -34.37 -4.34 53.94
C1' ADP K . -33.12 -4.35 56.02
N9 ADP K . -33.73 -3.46 57.07
C8 ADP K . -33.69 -2.08 57.23
N7 ADP K . -34.40 -1.70 58.31
C5 ADP K . -34.93 -2.78 58.87
C6 ADP K . -35.82 -3.05 60.10
N6 ADP K . -36.20 -2.05 60.80
N1 ADP K . -36.12 -4.43 60.30
C2 ADP K . -35.68 -5.54 59.48
N3 ADP K . -34.86 -5.30 58.35
C4 ADP K . -34.48 -3.97 58.03
#